data_9FRR
# 
_entry.id   9FRR 
# 
_audit_conform.dict_name       mmcif_pdbx.dic 
_audit_conform.dict_version    5.403 
_audit_conform.dict_location   http://mmcif.pdb.org/dictionaries/ascii/mmcif_pdbx.dic 
# 
loop_
_database_2.database_id 
_database_2.database_code 
_database_2.pdbx_database_accession 
_database_2.pdbx_DOI 
PDB   9FRR         pdb_00009frr 10.2210/pdb9frr/pdb 
WWPDB D_1292139547 ?            ?                   
# 
loop_
_pdbx_audit_revision_history.ordinal 
_pdbx_audit_revision_history.data_content_type 
_pdbx_audit_revision_history.major_revision 
_pdbx_audit_revision_history.minor_revision 
_pdbx_audit_revision_history.revision_date 
_pdbx_audit_revision_history.part_number 
1 'Structure model' 1 0 2025-01-29 ? 
2 'Structure model' 1 1 2025-02-12 ? 
3 'Structure model' 1 2 2025-03-26 ? 
# 
_pdbx_audit_revision_details.ordinal             1 
_pdbx_audit_revision_details.revision_ordinal    1 
_pdbx_audit_revision_details.data_content_type   'Structure model' 
_pdbx_audit_revision_details.provider            repository 
_pdbx_audit_revision_details.type                'Initial release' 
_pdbx_audit_revision_details.description         ? 
_pdbx_audit_revision_details.details             ? 
# 
loop_
_pdbx_audit_revision_group.ordinal 
_pdbx_audit_revision_group.revision_ordinal 
_pdbx_audit_revision_group.data_content_type 
_pdbx_audit_revision_group.group 
1 2 'Structure model' 'Database references' 
2 3 'Structure model' 'Database references' 
# 
loop_
_pdbx_audit_revision_category.ordinal 
_pdbx_audit_revision_category.revision_ordinal 
_pdbx_audit_revision_category.data_content_type 
_pdbx_audit_revision_category.category 
1 2 'Structure model' citation        
2 2 'Structure model' citation_author 
3 3 'Structure model' citation        
4 3 'Structure model' citation_author 
# 
loop_
_pdbx_audit_revision_item.ordinal 
_pdbx_audit_revision_item.revision_ordinal 
_pdbx_audit_revision_item.data_content_type 
_pdbx_audit_revision_item.item 
1 2 'Structure model' '_citation.pdbx_database_id_PubMed' 
2 2 'Structure model' '_citation.title'                   
3 2 'Structure model' '_citation_author.identifier_ORCID' 
4 3 'Structure model' '_citation.journal_volume'          
5 3 'Structure model' '_citation.page_first'              
6 3 'Structure model' '_citation.page_last'               
7 3 'Structure model' '_citation_author.identifier_ORCID' 
# 
_pdbx_database_status.status_code                     REL 
_pdbx_database_status.status_code_sf                  REL 
_pdbx_database_status.status_code_mr                  ? 
_pdbx_database_status.entry_id                        9FRR 
_pdbx_database_status.recvd_initial_deposition_date   2024-06-19 
_pdbx_database_status.SG_entry                        N 
_pdbx_database_status.deposit_site                    PDBE 
_pdbx_database_status.process_site                    PDBE 
_pdbx_database_status.status_code_cs                  ? 
_pdbx_database_status.status_code_nmr_data            ? 
_pdbx_database_status.methods_development_category    ? 
_pdbx_database_status.pdb_format_compatible           Y 
# 
_pdbx_contact_author.id                 2 
_pdbx_contact_author.email              rotem.sorek@weizmann.ac.il 
_pdbx_contact_author.name_first         Rotem 
_pdbx_contact_author.name_last          Sorek 
_pdbx_contact_author.name_mi            ? 
_pdbx_contact_author.role               'principal investigator/group leader' 
_pdbx_contact_author.identifier_ORCID   0000-0002-3872-4982 
# 
loop_
_audit_author.name 
_audit_author.pdbx_ordinal 
_audit_author.identifier_ORCID 
'Dym, O.'    1 0000-0002-4394-4971 
'Amitai, G.' 2 0000-0002-2954-2503 
'Wein, T.'   3 0000-0002-4561-9654 
'Sorek, R.'  4 0000-0002-3872-4982 
# 
_citation.abstract                  ? 
_citation.abstract_id_CAS           ? 
_citation.book_id_ISBN              ? 
_citation.book_publisher            ? 
_citation.book_publisher_city       ? 
_citation.book_title                ? 
_citation.coordinate_linkage        ? 
_citation.country                   UK 
_citation.database_id_Medline       ? 
_citation.details                   ? 
_citation.id                        primary 
_citation.journal_abbrev            Nature 
_citation.journal_id_ASTM           NATUAS 
_citation.journal_id_CSD            0006 
_citation.journal_id_ISSN           1476-4687 
_citation.journal_full              ? 
_citation.journal_issue             ? 
_citation.journal_volume            639 
_citation.language                  ? 
_citation.page_first                727 
_citation.page_last                 734 
_citation.title                     'CARD domains mediate anti-phage defence in bacterial gasdermin systems.' 
_citation.year                      2025 
_citation.database_id_CSD           ? 
_citation.pdbx_database_id_DOI      10.1038/s41586-024-08498-3 
_citation.pdbx_database_id_PubMed   39880956 
_citation.pdbx_database_id_patent   ? 
_citation.unpublished_flag          ? 
# 
loop_
_citation_author.citation_id 
_citation_author.name 
_citation_author.ordinal 
_citation_author.identifier_ORCID 
primary 'Wein, T.'        1  ?                   
primary 'Millman, A.'     2  0000-0002-6844-7613 
primary 'Lange, K.'       3  0009-0000-7632-8051 
primary 'Yirmiya, E.'     4  ?                   
primary 'Hadary, R.'      5  ?                   
primary 'Garb, J.'        6  ?                   
primary 'Melamed, S.'     7  ?                   
primary 'Amitai, G.'      8  0000-0002-2954-2503 
primary 'Dym, O.'         9  ?                   
primary 'Steinruecke, F.' 10 ?                   
primary 'Hill, A.B.'      11 ?                   
primary 'Kranzusch, P.J.' 12 0000-0002-4943-733X 
primary 'Sorek, R.'       13 0000-0002-3872-4982 
# 
loop_
_entity.id 
_entity.type 
_entity.src_method 
_entity.pdbx_description 
_entity.formula_weight 
_entity.pdbx_number_of_molecules 
_entity.pdbx_ec 
_entity.pdbx_mutation 
_entity.pdbx_fragment 
_entity.details 
1 polymer man 'Probable serine protease FE772_23065' 10606.770 2   3.4.21.- ? ? ? 
2 water   nat water                                  18.015    168 ?        ? ? ? 
# 
_entity_name_com.entity_id   1 
_entity_name_com.name        'Trypsin-like protease 2' 
# 
_entity_poly.entity_id                      1 
_entity_poly.type                           'polypeptide(L)' 
_entity_poly.nstd_linkage                   no 
_entity_poly.nstd_monomer                   no 
_entity_poly.pdbx_seq_one_letter_code       
;GVQADYSRAEALAAWTRLSDEFIGNCYVSVRPRHAPAWEVVVASAAGSLRLEAFKRAHDHDFLDRLAVAIGNWEQKAQRP
DHEIAQMLDQVGDYG
;
_entity_poly.pdbx_seq_one_letter_code_can   
;GVQADYSRAEALAAWTRLSDEFIGNCYVSVRPRHAPAWEVVVASAAGSLRLEAFKRAHDHDFLDRLAVAIGNWEQKAQRP
DHEIAQMLDQVGDYG
;
_entity_poly.pdbx_strand_id                 A,B 
_entity_poly.pdbx_target_identifier         ? 
# 
_pdbx_entity_nonpoly.entity_id   2 
_pdbx_entity_nonpoly.name        water 
_pdbx_entity_nonpoly.comp_id     HOH 
# 
loop_
_entity_poly_seq.entity_id 
_entity_poly_seq.num 
_entity_poly_seq.mon_id 
_entity_poly_seq.hetero 
1 1  GLY n 
1 2  VAL n 
1 3  GLN n 
1 4  ALA n 
1 5  ASP n 
1 6  TYR n 
1 7  SER n 
1 8  ARG n 
1 9  ALA n 
1 10 GLU n 
1 11 ALA n 
1 12 LEU n 
1 13 ALA n 
1 14 ALA n 
1 15 TRP n 
1 16 THR n 
1 17 ARG n 
1 18 LEU n 
1 19 SER n 
1 20 ASP n 
1 21 GLU n 
1 22 PHE n 
1 23 ILE n 
1 24 GLY n 
1 25 ASN n 
1 26 CYS n 
1 27 TYR n 
1 28 VAL n 
1 29 SER n 
1 30 VAL n 
1 31 ARG n 
1 32 PRO n 
1 33 ARG n 
1 34 HIS n 
1 35 ALA n 
1 36 PRO n 
1 37 ALA n 
1 38 TRP n 
1 39 GLU n 
1 40 VAL n 
1 41 VAL n 
1 42 VAL n 
1 43 ALA n 
1 44 SER n 
1 45 ALA n 
1 46 ALA n 
1 47 GLY n 
1 48 SER n 
1 49 LEU n 
1 50 ARG n 
1 51 LEU n 
1 52 GLU n 
1 53 ALA n 
1 54 PHE n 
1 55 LYS n 
1 56 ARG n 
1 57 ALA n 
1 58 HIS n 
1 59 ASP n 
1 60 HIS n 
1 61 ASP n 
1 62 PHE n 
1 63 LEU n 
1 64 ASP n 
1 65 ARG n 
1 66 LEU n 
1 67 ALA n 
1 68 VAL n 
1 69 ALA n 
1 70 ILE n 
1 71 GLY n 
1 72 ASN n 
1 73 TRP n 
1 74 GLU n 
1 75 GLN n 
1 76 LYS n 
1 77 ALA n 
1 78 GLN n 
1 79 ARG n 
1 80 PRO n 
1 81 ASP n 
1 82 HIS n 
1 83 GLU n 
1 84 ILE n 
1 85 ALA n 
1 86 GLN n 
1 87 MET n 
1 88 LEU n 
1 89 ASP n 
1 90 GLN n 
1 91 VAL n 
1 92 GLY n 
1 93 ASP n 
1 94 TYR n 
1 95 GLY n 
# 
_entity_src_gen.entity_id                          1 
_entity_src_gen.pdbx_src_id                        1 
_entity_src_gen.pdbx_alt_source_flag               sample 
_entity_src_gen.pdbx_seq_type                      'Biological sequence' 
_entity_src_gen.pdbx_beg_seq_num                   1 
_entity_src_gen.pdbx_end_seq_num                   95 
_entity_src_gen.gene_src_common_name               ? 
_entity_src_gen.gene_src_genus                     ? 
_entity_src_gen.pdbx_gene_src_gene                 'FE772_23065, Ga0399710_4915, GLE_4745' 
_entity_src_gen.gene_src_species                   ? 
_entity_src_gen.gene_src_strain                    ? 
_entity_src_gen.gene_src_tissue                    ? 
_entity_src_gen.gene_src_tissue_fraction           ? 
_entity_src_gen.gene_src_details                   ? 
_entity_src_gen.pdbx_gene_src_fragment             ? 
_entity_src_gen.pdbx_gene_src_scientific_name      'Lysobacter enzymogenes' 
_entity_src_gen.pdbx_gene_src_ncbi_taxonomy_id     69 
_entity_src_gen.pdbx_gene_src_variant              ? 
_entity_src_gen.pdbx_gene_src_cell_line            ? 
_entity_src_gen.pdbx_gene_src_atcc                 ? 
_entity_src_gen.pdbx_gene_src_organ                ? 
_entity_src_gen.pdbx_gene_src_organelle            ? 
_entity_src_gen.pdbx_gene_src_cell                 ? 
_entity_src_gen.pdbx_gene_src_cellular_location    ? 
_entity_src_gen.host_org_common_name               ? 
_entity_src_gen.pdbx_host_org_scientific_name      'Escherichia coli' 
_entity_src_gen.pdbx_host_org_ncbi_taxonomy_id     562 
_entity_src_gen.host_org_genus                     ? 
_entity_src_gen.pdbx_host_org_gene                 ? 
_entity_src_gen.pdbx_host_org_organ                ? 
_entity_src_gen.host_org_species                   ? 
_entity_src_gen.pdbx_host_org_tissue               ? 
_entity_src_gen.pdbx_host_org_tissue_fraction      ? 
_entity_src_gen.pdbx_host_org_strain               ? 
_entity_src_gen.pdbx_host_org_variant              ? 
_entity_src_gen.pdbx_host_org_cell_line            ? 
_entity_src_gen.pdbx_host_org_atcc                 ? 
_entity_src_gen.pdbx_host_org_culture_collection   ? 
_entity_src_gen.pdbx_host_org_cell                 ? 
_entity_src_gen.pdbx_host_org_organelle            ? 
_entity_src_gen.pdbx_host_org_cellular_location    ? 
_entity_src_gen.pdbx_host_org_vector_type          ? 
_entity_src_gen.pdbx_host_org_vector               ? 
_entity_src_gen.host_org_details                   ? 
_entity_src_gen.expression_system_id               ? 
_entity_src_gen.plasmid_name                       ? 
_entity_src_gen.plasmid_details                    ? 
_entity_src_gen.pdbx_description                   ? 
# 
loop_
_chem_comp.id 
_chem_comp.type 
_chem_comp.mon_nstd_flag 
_chem_comp.name 
_chem_comp.pdbx_synonyms 
_chem_comp.formula 
_chem_comp.formula_weight 
ALA 'L-peptide linking' y ALANINE         ? 'C3 H7 N O2'     89.093  
ARG 'L-peptide linking' y ARGININE        ? 'C6 H15 N4 O2 1' 175.209 
ASN 'L-peptide linking' y ASPARAGINE      ? 'C4 H8 N2 O3'    132.118 
ASP 'L-peptide linking' y 'ASPARTIC ACID' ? 'C4 H7 N O4'     133.103 
CYS 'L-peptide linking' y CYSTEINE        ? 'C3 H7 N O2 S'   121.158 
GLN 'L-peptide linking' y GLUTAMINE       ? 'C5 H10 N2 O3'   146.144 
GLU 'L-peptide linking' y 'GLUTAMIC ACID' ? 'C5 H9 N O4'     147.129 
GLY 'peptide linking'   y GLYCINE         ? 'C2 H5 N O2'     75.067  
HIS 'L-peptide linking' y HISTIDINE       ? 'C6 H10 N3 O2 1' 156.162 
HOH non-polymer         . WATER           ? 'H2 O'           18.015  
ILE 'L-peptide linking' y ISOLEUCINE      ? 'C6 H13 N O2'    131.173 
LEU 'L-peptide linking' y LEUCINE         ? 'C6 H13 N O2'    131.173 
LYS 'L-peptide linking' y LYSINE          ? 'C6 H15 N2 O2 1' 147.195 
MET 'L-peptide linking' y METHIONINE      ? 'C5 H11 N O2 S'  149.211 
PHE 'L-peptide linking' y PHENYLALANINE   ? 'C9 H11 N O2'    165.189 
PRO 'L-peptide linking' y PROLINE         ? 'C5 H9 N O2'     115.130 
SER 'L-peptide linking' y SERINE          ? 'C3 H7 N O3'     105.093 
THR 'L-peptide linking' y THREONINE       ? 'C4 H9 N O3'     119.119 
TRP 'L-peptide linking' y TRYPTOPHAN      ? 'C11 H12 N2 O2'  204.225 
TYR 'L-peptide linking' y TYROSINE        ? 'C9 H11 N O3'    181.189 
VAL 'L-peptide linking' y VALINE          ? 'C5 H11 N O2'    117.146 
# 
loop_
_pdbx_poly_seq_scheme.asym_id 
_pdbx_poly_seq_scheme.entity_id 
_pdbx_poly_seq_scheme.seq_id 
_pdbx_poly_seq_scheme.mon_id 
_pdbx_poly_seq_scheme.ndb_seq_num 
_pdbx_poly_seq_scheme.pdb_seq_num 
_pdbx_poly_seq_scheme.auth_seq_num 
_pdbx_poly_seq_scheme.pdb_mon_id 
_pdbx_poly_seq_scheme.auth_mon_id 
_pdbx_poly_seq_scheme.pdb_strand_id 
_pdbx_poly_seq_scheme.pdb_ins_code 
_pdbx_poly_seq_scheme.hetero 
A 1 1  GLY 1  1  ?  ?   ?   A . n 
A 1 2  VAL 2  2  ?  ?   ?   A . n 
A 1 3  GLN 3  3  ?  ?   ?   A . n 
A 1 4  ALA 4  4  4  ALA ALA A . n 
A 1 5  ASP 5  5  5  ASP ASP A . n 
A 1 6  TYR 6  6  6  TYR TYR A . n 
A 1 7  SER 7  7  7  SER SER A . n 
A 1 8  ARG 8  8  8  ARG ARG A . n 
A 1 9  ALA 9  9  9  ALA ALA A . n 
A 1 10 GLU 10 10 10 GLU GLU A . n 
A 1 11 ALA 11 11 11 ALA ALA A . n 
A 1 12 LEU 12 12 12 LEU LEU A . n 
A 1 13 ALA 13 13 13 ALA ALA A . n 
A 1 14 ALA 14 14 14 ALA ALA A . n 
A 1 15 TRP 15 15 15 TRP TRP A . n 
A 1 16 THR 16 16 16 THR THR A . n 
A 1 17 ARG 17 17 17 ARG ARG A . n 
A 1 18 LEU 18 18 18 LEU LEU A . n 
A 1 19 SER 19 19 19 SER SER A . n 
A 1 20 ASP 20 20 20 ASP ASP A . n 
A 1 21 GLU 21 21 21 GLU GLU A . n 
A 1 22 PHE 22 22 22 PHE PHE A . n 
A 1 23 ILE 23 23 23 ILE ILE A . n 
A 1 24 GLY 24 24 24 GLY GLY A . n 
A 1 25 ASN 25 25 25 ASN ASN A . n 
A 1 26 CYS 26 26 26 CYS CYS A . n 
A 1 27 TYR 27 27 27 TYR TYR A . n 
A 1 28 VAL 28 28 28 VAL VAL A . n 
A 1 29 SER 29 29 29 SER SER A . n 
A 1 30 VAL 30 30 30 VAL VAL A . n 
A 1 31 ARG 31 31 31 ARG ARG A . n 
A 1 32 PRO 32 32 32 PRO PRO A . n 
A 1 33 ARG 33 33 33 ARG ARG A . n 
A 1 34 HIS 34 34 34 HIS HIS A . n 
A 1 35 ALA 35 35 35 ALA ALA A . n 
A 1 36 PRO 36 36 36 PRO PRO A . n 
A 1 37 ALA 37 37 37 ALA ALA A . n 
A 1 38 TRP 38 38 38 TRP TRP A . n 
A 1 39 GLU 39 39 39 GLU GLU A . n 
A 1 40 VAL 40 40 40 VAL VAL A . n 
A 1 41 VAL 41 41 41 VAL VAL A . n 
A 1 42 VAL 42 42 42 VAL VAL A . n 
A 1 43 ALA 43 43 43 ALA ALA A . n 
A 1 44 SER 44 44 44 SER SER A . n 
A 1 45 ALA 45 45 45 ALA ALA A . n 
A 1 46 ALA 46 46 46 ALA ALA A . n 
A 1 47 GLY 47 47 47 GLY GLY A . n 
A 1 48 SER 48 48 48 SER SER A . n 
A 1 49 LEU 49 49 49 LEU LEU A . n 
A 1 50 ARG 50 50 50 ARG ARG A . n 
A 1 51 LEU 51 51 51 LEU LEU A . n 
A 1 52 GLU 52 52 52 GLU GLU A . n 
A 1 53 ALA 53 53 53 ALA ALA A . n 
A 1 54 PHE 54 54 54 PHE PHE A . n 
A 1 55 LYS 55 55 55 LYS LYS A . n 
A 1 56 ARG 56 56 56 ARG ARG A . n 
A 1 57 ALA 57 57 57 ALA ALA A . n 
A 1 58 HIS 58 58 58 HIS HIS A . n 
A 1 59 ASP 59 59 59 ASP ASP A . n 
A 1 60 HIS 60 60 60 HIS HIS A . n 
A 1 61 ASP 61 61 61 ASP ASP A . n 
A 1 62 PHE 62 62 62 PHE PHE A . n 
A 1 63 LEU 63 63 63 LEU LEU A . n 
A 1 64 ASP 64 64 64 ASP ASP A . n 
A 1 65 ARG 65 65 65 ARG ARG A . n 
A 1 66 LEU 66 66 66 LEU LEU A . n 
A 1 67 ALA 67 67 67 ALA ALA A . n 
A 1 68 VAL 68 68 68 VAL VAL A . n 
A 1 69 ALA 69 69 69 ALA ALA A . n 
A 1 70 ILE 70 70 70 ILE ILE A . n 
A 1 71 GLY 71 71 71 GLY GLY A . n 
A 1 72 ASN 72 72 72 ASN ASN A . n 
A 1 73 TRP 73 73 73 TRP TRP A . n 
A 1 74 GLU 74 74 74 GLU GLU A . n 
A 1 75 GLN 75 75 75 GLN GLN A . n 
A 1 76 LYS 76 76 76 LYS LYS A . n 
A 1 77 ALA 77 77 77 ALA ALA A . n 
A 1 78 GLN 78 78 78 GLN GLN A . n 
A 1 79 ARG 79 79 79 ARG ARG A . n 
A 1 80 PRO 80 80 80 PRO PRO A . n 
A 1 81 ASP 81 81 81 ASP ASP A . n 
A 1 82 HIS 82 82 82 HIS HIS A . n 
A 1 83 GLU 83 83 83 GLU GLU A . n 
A 1 84 ILE 84 84 84 ILE ILE A . n 
A 1 85 ALA 85 85 85 ALA ALA A . n 
A 1 86 GLN 86 86 86 GLN GLN A . n 
A 1 87 MET 87 87 87 MET MET A . n 
A 1 88 LEU 88 88 88 LEU LEU A . n 
A 1 89 ASP 89 89 89 ASP ASP A . n 
A 1 90 GLN 90 90 90 GLN GLN A . n 
A 1 91 VAL 91 91 91 VAL VAL A . n 
A 1 92 GLY 92 92 92 GLY GLY A . n 
A 1 93 ASP 93 93 93 ASP ASP A . n 
A 1 94 TYR 94 94 94 TYR TYR A . n 
A 1 95 GLY 95 95 ?  ?   ?   A . n 
B 1 1  GLY 1  1  1  GLY GLY B . n 
B 1 2  VAL 2  2  2  VAL VAL B . n 
B 1 3  GLN 3  3  3  GLN GLN B . n 
B 1 4  ALA 4  4  4  ALA ALA B . n 
B 1 5  ASP 5  5  5  ASP ASP B . n 
B 1 6  TYR 6  6  6  TYR TYR B . n 
B 1 7  SER 7  7  7  SER SER B . n 
B 1 8  ARG 8  8  8  ARG ARG B . n 
B 1 9  ALA 9  9  9  ALA ALA B . n 
B 1 10 GLU 10 10 10 GLU GLU B . n 
B 1 11 ALA 11 11 11 ALA ALA B . n 
B 1 12 LEU 12 12 12 LEU LEU B . n 
B 1 13 ALA 13 13 13 ALA ALA B . n 
B 1 14 ALA 14 14 14 ALA ALA B . n 
B 1 15 TRP 15 15 15 TRP TRP B . n 
B 1 16 THR 16 16 16 THR THR B . n 
B 1 17 ARG 17 17 17 ARG ARG B . n 
B 1 18 LEU 18 18 18 LEU LEU B . n 
B 1 19 SER 19 19 19 SER SER B . n 
B 1 20 ASP 20 20 20 ASP ASP B . n 
B 1 21 GLU 21 21 21 GLU GLU B . n 
B 1 22 PHE 22 22 22 PHE PHE B . n 
B 1 23 ILE 23 23 23 ILE ILE B . n 
B 1 24 GLY 24 24 24 GLY GLY B . n 
B 1 25 ASN 25 25 25 ASN ASN B . n 
B 1 26 CYS 26 26 26 CYS CYS B . n 
B 1 27 TYR 27 27 27 TYR TYR B . n 
B 1 28 VAL 28 28 28 VAL VAL B . n 
B 1 29 SER 29 29 29 SER SER B . n 
B 1 30 VAL 30 30 30 VAL VAL B . n 
B 1 31 ARG 31 31 31 ARG ARG B . n 
B 1 32 PRO 32 32 32 PRO PRO B . n 
B 1 33 ARG 33 33 33 ARG ARG B . n 
B 1 34 HIS 34 34 34 HIS HIS B . n 
B 1 35 ALA 35 35 35 ALA ALA B . n 
B 1 36 PRO 36 36 36 PRO PRO B . n 
B 1 37 ALA 37 37 37 ALA ALA B . n 
B 1 38 TRP 38 38 38 TRP TRP B . n 
B 1 39 GLU 39 39 39 GLU GLU B . n 
B 1 40 VAL 40 40 40 VAL VAL B . n 
B 1 41 VAL 41 41 41 VAL VAL B . n 
B 1 42 VAL 42 42 42 VAL VAL B . n 
B 1 43 ALA 43 43 43 ALA ALA B . n 
B 1 44 SER 44 44 44 SER SER B . n 
B 1 45 ALA 45 45 45 ALA ALA B . n 
B 1 46 ALA 46 46 46 ALA ALA B . n 
B 1 47 GLY 47 47 47 GLY GLY B . n 
B 1 48 SER 48 48 48 SER SER B . n 
B 1 49 LEU 49 49 49 LEU LEU B . n 
B 1 50 ARG 50 50 50 ARG ARG B . n 
B 1 51 LEU 51 51 51 LEU LEU B . n 
B 1 52 GLU 52 52 52 GLU GLU B . n 
B 1 53 ALA 53 53 53 ALA ALA B . n 
B 1 54 PHE 54 54 54 PHE PHE B . n 
B 1 55 LYS 55 55 55 LYS LYS B . n 
B 1 56 ARG 56 56 56 ARG ARG B . n 
B 1 57 ALA 57 57 57 ALA ALA B . n 
B 1 58 HIS 58 58 58 HIS HIS B . n 
B 1 59 ASP 59 59 59 ASP ASP B . n 
B 1 60 HIS 60 60 60 HIS HIS B . n 
B 1 61 ASP 61 61 61 ASP ASP B . n 
B 1 62 PHE 62 62 62 PHE PHE B . n 
B 1 63 LEU 63 63 63 LEU LEU B . n 
B 1 64 ASP 64 64 64 ASP ASP B . n 
B 1 65 ARG 65 65 65 ARG ARG B . n 
B 1 66 LEU 66 66 66 LEU LEU B . n 
B 1 67 ALA 67 67 67 ALA ALA B . n 
B 1 68 VAL 68 68 68 VAL VAL B . n 
B 1 69 ALA 69 69 69 ALA ALA B . n 
B 1 70 ILE 70 70 70 ILE ILE B . n 
B 1 71 GLY 71 71 71 GLY GLY B . n 
B 1 72 ASN 72 72 72 ASN ASN B . n 
B 1 73 TRP 73 73 73 TRP TRP B . n 
B 1 74 GLU 74 74 74 GLU GLU B . n 
B 1 75 GLN 75 75 75 GLN GLN B . n 
B 1 76 LYS 76 76 76 LYS LYS B . n 
B 1 77 ALA 77 77 77 ALA ALA B . n 
B 1 78 GLN 78 78 78 GLN GLN B . n 
B 1 79 ARG 79 79 79 ARG ARG B . n 
B 1 80 PRO 80 80 80 PRO PRO B . n 
B 1 81 ASP 81 81 81 ASP ASP B . n 
B 1 82 HIS 82 82 82 HIS HIS B . n 
B 1 83 GLU 83 83 83 GLU GLU B . n 
B 1 84 ILE 84 84 84 ILE ILE B . n 
B 1 85 ALA 85 85 85 ALA ALA B . n 
B 1 86 GLN 86 86 86 GLN GLN B . n 
B 1 87 MET 87 87 87 MET MET B . n 
B 1 88 LEU 88 88 88 LEU LEU B . n 
B 1 89 ASP 89 89 89 ASP ASP B . n 
B 1 90 GLN 90 90 90 GLN GLN B . n 
B 1 91 VAL 91 91 91 VAL VAL B . n 
B 1 92 GLY 92 92 92 GLY GLY B . n 
B 1 93 ASP 93 93 93 ASP ASP B . n 
B 1 94 TYR 94 94 94 TYR TYR B . n 
B 1 95 GLY 95 95 ?  ?   ?   B . n 
# 
loop_
_pdbx_nonpoly_scheme.asym_id 
_pdbx_nonpoly_scheme.entity_id 
_pdbx_nonpoly_scheme.mon_id 
_pdbx_nonpoly_scheme.ndb_seq_num 
_pdbx_nonpoly_scheme.pdb_seq_num 
_pdbx_nonpoly_scheme.auth_seq_num 
_pdbx_nonpoly_scheme.pdb_mon_id 
_pdbx_nonpoly_scheme.auth_mon_id 
_pdbx_nonpoly_scheme.pdb_strand_id 
_pdbx_nonpoly_scheme.pdb_ins_code 
C 2 HOH 1  101 98  HOH HOH A . 
C 2 HOH 2  102 36  HOH HOH A . 
C 2 HOH 3  103 75  HOH HOH A . 
C 2 HOH 4  104 103 HOH HOH A . 
C 2 HOH 5  105 116 HOH HOH A . 
C 2 HOH 6  106 16  HOH HOH A . 
C 2 HOH 7  107 91  HOH HOH A . 
C 2 HOH 8  108 144 HOH HOH A . 
C 2 HOH 9  109 154 HOH HOH A . 
C 2 HOH 10 110 21  HOH HOH A . 
C 2 HOH 11 111 13  HOH HOH A . 
C 2 HOH 12 112 42  HOH HOH A . 
C 2 HOH 13 113 152 HOH HOH A . 
C 2 HOH 14 114 174 HOH HOH A . 
C 2 HOH 15 115 166 HOH HOH A . 
C 2 HOH 16 116 148 HOH HOH A . 
C 2 HOH 17 117 128 HOH HOH A . 
C 2 HOH 18 118 99  HOH HOH A . 
C 2 HOH 19 119 121 HOH HOH A . 
C 2 HOH 20 120 46  HOH HOH A . 
C 2 HOH 21 121 117 HOH HOH A . 
C 2 HOH 22 122 127 HOH HOH A . 
C 2 HOH 23 123 5   HOH HOH A . 
C 2 HOH 24 124 159 HOH HOH A . 
C 2 HOH 25 125 7   HOH HOH A . 
C 2 HOH 26 126 120 HOH HOH A . 
C 2 HOH 27 127 147 HOH HOH A . 
C 2 HOH 28 128 112 HOH HOH A . 
C 2 HOH 29 129 133 HOH HOH A . 
C 2 HOH 30 130 81  HOH HOH A . 
C 2 HOH 31 131 124 HOH HOH A . 
C 2 HOH 32 132 11  HOH HOH A . 
C 2 HOH 33 133 85  HOH HOH A . 
C 2 HOH 34 134 14  HOH HOH A . 
C 2 HOH 35 135 8   HOH HOH A . 
C 2 HOH 36 136 38  HOH HOH A . 
C 2 HOH 37 137 20  HOH HOH A . 
C 2 HOH 38 138 134 HOH HOH A . 
C 2 HOH 39 139 76  HOH HOH A . 
C 2 HOH 40 140 32  HOH HOH A . 
C 2 HOH 41 141 89  HOH HOH A . 
C 2 HOH 42 142 9   HOH HOH A . 
C 2 HOH 43 143 47  HOH HOH A . 
C 2 HOH 44 144 125 HOH HOH A . 
C 2 HOH 45 145 57  HOH HOH A . 
C 2 HOH 46 146 10  HOH HOH A . 
C 2 HOH 47 147 25  HOH HOH A . 
C 2 HOH 48 148 61  HOH HOH A . 
C 2 HOH 49 149 94  HOH HOH A . 
C 2 HOH 50 150 126 HOH HOH A . 
C 2 HOH 51 151 113 HOH HOH A . 
C 2 HOH 52 152 102 HOH HOH A . 
C 2 HOH 53 153 92  HOH HOH A . 
C 2 HOH 54 154 163 HOH HOH A . 
C 2 HOH 55 155 26  HOH HOH A . 
C 2 HOH 56 156 28  HOH HOH A . 
C 2 HOH 57 157 34  HOH HOH A . 
C 2 HOH 58 158 43  HOH HOH A . 
C 2 HOH 59 159 23  HOH HOH A . 
C 2 HOH 60 160 97  HOH HOH A . 
C 2 HOH 61 161 53  HOH HOH A . 
C 2 HOH 62 162 169 HOH HOH A . 
C 2 HOH 63 163 87  HOH HOH A . 
C 2 HOH 64 164 29  HOH HOH A . 
C 2 HOH 65 165 164 HOH HOH A . 
C 2 HOH 66 166 172 HOH HOH A . 
C 2 HOH 67 167 143 HOH HOH A . 
C 2 HOH 68 168 129 HOH HOH A . 
C 2 HOH 69 169 131 HOH HOH A . 
C 2 HOH 70 170 141 HOH HOH A . 
C 2 HOH 71 171 62  HOH HOH A . 
C 2 HOH 72 172 48  HOH HOH A . 
C 2 HOH 73 173 165 HOH HOH A . 
C 2 HOH 74 174 71  HOH HOH A . 
C 2 HOH 75 175 137 HOH HOH A . 
C 2 HOH 76 176 59  HOH HOH A . 
C 2 HOH 77 177 149 HOH HOH A . 
C 2 HOH 78 178 115 HOH HOH A . 
C 2 HOH 79 179 108 HOH HOH A . 
C 2 HOH 80 180 79  HOH HOH A . 
C 2 HOH 81 181 12  HOH HOH A . 
C 2 HOH 82 182 70  HOH HOH A . 
C 2 HOH 83 183 66  HOH HOH A . 
C 2 HOH 84 184 105 HOH HOH A . 
C 2 HOH 85 185 109 HOH HOH A . 
C 2 HOH 86 186 139 HOH HOH A . 
C 2 HOH 87 187 27  HOH HOH A . 
C 2 HOH 88 188 80  HOH HOH A . 
C 2 HOH 89 189 157 HOH HOH A . 
C 2 HOH 90 190 135 HOH HOH A . 
D 2 HOH 1  101 64  HOH HOH B . 
D 2 HOH 2  102 104 HOH HOH B . 
D 2 HOH 3  103 142 HOH HOH B . 
D 2 HOH 4  104 150 HOH HOH B . 
D 2 HOH 5  105 146 HOH HOH B . 
D 2 HOH 6  106 54  HOH HOH B . 
D 2 HOH 7  107 83  HOH HOH B . 
D 2 HOH 8  108 73  HOH HOH B . 
D 2 HOH 9  109 155 HOH HOH B . 
D 2 HOH 10 110 18  HOH HOH B . 
D 2 HOH 11 111 161 HOH HOH B . 
D 2 HOH 12 112 86  HOH HOH B . 
D 2 HOH 13 113 40  HOH HOH B . 
D 2 HOH 14 114 1   HOH HOH B . 
D 2 HOH 15 115 111 HOH HOH B . 
D 2 HOH 16 116 162 HOH HOH B . 
D 2 HOH 17 117 138 HOH HOH B . 
D 2 HOH 18 118 50  HOH HOH B . 
D 2 HOH 19 119 156 HOH HOH B . 
D 2 HOH 20 120 74  HOH HOH B . 
D 2 HOH 21 121 130 HOH HOH B . 
D 2 HOH 22 122 22  HOH HOH B . 
D 2 HOH 23 123 19  HOH HOH B . 
D 2 HOH 24 124 170 HOH HOH B . 
D 2 HOH 25 125 30  HOH HOH B . 
D 2 HOH 26 126 4   HOH HOH B . 
D 2 HOH 27 127 24  HOH HOH B . 
D 2 HOH 28 128 65  HOH HOH B . 
D 2 HOH 29 129 107 HOH HOH B . 
D 2 HOH 30 130 2   HOH HOH B . 
D 2 HOH 31 131 17  HOH HOH B . 
D 2 HOH 32 132 123 HOH HOH B . 
D 2 HOH 33 133 101 HOH HOH B . 
D 2 HOH 34 134 100 HOH HOH B . 
D 2 HOH 35 135 45  HOH HOH B . 
D 2 HOH 36 136 41  HOH HOH B . 
D 2 HOH 37 137 52  HOH HOH B . 
D 2 HOH 38 138 15  HOH HOH B . 
D 2 HOH 39 139 39  HOH HOH B . 
D 2 HOH 40 140 31  HOH HOH B . 
D 2 HOH 41 141 55  HOH HOH B . 
D 2 HOH 42 142 35  HOH HOH B . 
D 2 HOH 43 143 82  HOH HOH B . 
D 2 HOH 44 144 118 HOH HOH B . 
D 2 HOH 45 145 78  HOH HOH B . 
D 2 HOH 46 146 49  HOH HOH B . 
D 2 HOH 47 147 33  HOH HOH B . 
D 2 HOH 48 148 122 HOH HOH B . 
D 2 HOH 49 149 3   HOH HOH B . 
D 2 HOH 50 150 132 HOH HOH B . 
D 2 HOH 51 151 96  HOH HOH B . 
D 2 HOH 52 152 37  HOH HOH B . 
D 2 HOH 53 153 72  HOH HOH B . 
D 2 HOH 54 154 51  HOH HOH B . 
D 2 HOH 55 155 90  HOH HOH B . 
D 2 HOH 56 156 145 HOH HOH B . 
D 2 HOH 57 157 171 HOH HOH B . 
D 2 HOH 58 158 168 HOH HOH B . 
D 2 HOH 59 159 140 HOH HOH B . 
D 2 HOH 60 160 88  HOH HOH B . 
D 2 HOH 61 161 44  HOH HOH B . 
D 2 HOH 62 162 136 HOH HOH B . 
D 2 HOH 63 163 69  HOH HOH B . 
D 2 HOH 64 164 68  HOH HOH B . 
D 2 HOH 65 165 151 HOH HOH B . 
D 2 HOH 66 166 67  HOH HOH B . 
D 2 HOH 67 167 114 HOH HOH B . 
D 2 HOH 68 168 63  HOH HOH B . 
D 2 HOH 69 169 110 HOH HOH B . 
D 2 HOH 70 170 93  HOH HOH B . 
D 2 HOH 71 171 56  HOH HOH B . 
D 2 HOH 72 172 167 HOH HOH B . 
D 2 HOH 73 173 95  HOH HOH B . 
D 2 HOH 74 174 6   HOH HOH B . 
D 2 HOH 75 175 77  HOH HOH B . 
D 2 HOH 76 176 119 HOH HOH B . 
D 2 HOH 77 177 60  HOH HOH B . 
D 2 HOH 78 178 84  HOH HOH B . 
# 
loop_
_pdbx_unobs_or_zero_occ_atoms.id 
_pdbx_unobs_or_zero_occ_atoms.PDB_model_num 
_pdbx_unobs_or_zero_occ_atoms.polymer_flag 
_pdbx_unobs_or_zero_occ_atoms.occupancy_flag 
_pdbx_unobs_or_zero_occ_atoms.auth_asym_id 
_pdbx_unobs_or_zero_occ_atoms.auth_comp_id 
_pdbx_unobs_or_zero_occ_atoms.auth_seq_id 
_pdbx_unobs_or_zero_occ_atoms.PDB_ins_code 
_pdbx_unobs_or_zero_occ_atoms.auth_atom_id 
_pdbx_unobs_or_zero_occ_atoms.label_alt_id 
_pdbx_unobs_or_zero_occ_atoms.label_asym_id 
_pdbx_unobs_or_zero_occ_atoms.label_comp_id 
_pdbx_unobs_or_zero_occ_atoms.label_seq_id 
_pdbx_unobs_or_zero_occ_atoms.label_atom_id 
1  1 Y 1 A ARG 8  ? CZ  ? A ARG 8  CZ  
2  1 Y 1 A ARG 8  ? NH1 ? A ARG 8  NH1 
3  1 Y 1 A ARG 8  ? NH2 ? A ARG 8  NH2 
4  1 Y 1 A GLU 39 ? CD  ? A GLU 39 CD  
5  1 Y 1 A GLU 39 ? OE1 ? A GLU 39 OE1 
6  1 Y 1 A GLU 39 ? OE2 ? A GLU 39 OE2 
7  1 Y 1 A GLN 90 ? CD  ? A GLN 90 CD  
8  1 Y 1 A GLN 90 ? OE1 ? A GLN 90 OE1 
9  1 Y 1 A GLN 90 ? NE2 ? A GLN 90 NE2 
10 1 Y 1 A ASP 93 ? CG  ? A ASP 93 CG  
11 1 Y 1 A ASP 93 ? OD1 ? A ASP 93 OD1 
12 1 Y 1 A ASP 93 ? OD2 ? A ASP 93 OD2 
13 1 Y 1 B VAL 2  ? CG1 ? B VAL 2  CG1 
14 1 Y 1 B VAL 2  ? CG2 ? B VAL 2  CG2 
15 1 Y 1 B GLN 3  ? CG  ? B GLN 3  CG  
16 1 Y 1 B GLN 3  ? CD  ? B GLN 3  CD  
17 1 Y 1 B GLN 3  ? OE1 ? B GLN 3  OE1 
18 1 Y 1 B GLN 3  ? NE2 ? B GLN 3  NE2 
19 1 Y 1 B ARG 8  ? CZ  ? B ARG 8  CZ  
20 1 Y 1 B ARG 8  ? NH1 ? B ARG 8  NH1 
21 1 Y 1 B ARG 8  ? NH2 ? B ARG 8  NH2 
22 1 Y 1 B GLN 90 ? CD  ? B GLN 90 CD  
23 1 Y 1 B GLN 90 ? OE1 ? B GLN 90 OE1 
24 1 Y 1 B GLN 90 ? NE2 ? B GLN 90 NE2 
25 1 Y 1 B ASP 93 ? CG  ? B ASP 93 CG  
26 1 Y 1 B ASP 93 ? OD1 ? B ASP 93 OD1 
27 1 Y 1 B ASP 93 ? OD2 ? B ASP 93 OD2 
# 
loop_
_software.citation_id 
_software.classification 
_software.compiler_name 
_software.compiler_version 
_software.contact_author 
_software.contact_author_email 
_software.date 
_software.description 
_software.dependencies 
_software.hardware 
_software.language 
_software.location 
_software.mods 
_software.name 
_software.os 
_software.os_version 
_software.type 
_software.version 
_software.pdbx_ordinal 
? refinement       ? ? ? ? ? ? ? ? ? ? ? PHENIX      ? ? ? '(1.15.2_3472: ???)' 1 
? 'data reduction' ? ? ? ? ? ? ? ? ? ? ? CrysalisPro ? ? ? .                    2 
? 'data scaling'   ? ? ? ? ? ? ? ? ? ? ? CrysalisPro ? ? ? .                    3 
? phasing          ? ? ? ? ? ? ? ? ? ? ? PHASER      ? ? ? .                    4 
# 
_cell.angle_alpha                  90.00 
_cell.angle_alpha_esd              ? 
_cell.angle_beta                   90.00 
_cell.angle_beta_esd               ? 
_cell.angle_gamma                  120.00 
_cell.angle_gamma_esd              ? 
_cell.entry_id                     9FRR 
_cell.details                      ? 
_cell.formula_units_Z              ? 
_cell.length_a                     58.414 
_cell.length_a_esd                 ? 
_cell.length_b                     58.414 
_cell.length_b_esd                 ? 
_cell.length_c                     122.111 
_cell.length_c_esd                 ? 
_cell.volume                       ? 
_cell.volume_esd                   ? 
_cell.Z_PDB                        12 
_cell.reciprocal_angle_alpha       ? 
_cell.reciprocal_angle_beta        ? 
_cell.reciprocal_angle_gamma       ? 
_cell.reciprocal_angle_alpha_esd   ? 
_cell.reciprocal_angle_beta_esd    ? 
_cell.reciprocal_angle_gamma_esd   ? 
_cell.reciprocal_length_a          ? 
_cell.reciprocal_length_b          ? 
_cell.reciprocal_length_c          ? 
_cell.reciprocal_length_a_esd      ? 
_cell.reciprocal_length_b_esd      ? 
_cell.reciprocal_length_c_esd      ? 
_cell.pdbx_unique_axis             ? 
_cell.pdbx_esd_method              ? 
# 
_symmetry.entry_id                         9FRR 
_symmetry.cell_setting                     ? 
_symmetry.Int_Tables_number                170 
_symmetry.space_group_name_Hall            ? 
_symmetry.space_group_name_H-M             'P 65' 
_symmetry.pdbx_full_space_group_name_H-M   ? 
# 
_exptl.absorpt_coefficient_mu     ? 
_exptl.absorpt_correction_T_max   ? 
_exptl.absorpt_correction_T_min   ? 
_exptl.absorpt_correction_type    ? 
_exptl.absorpt_process_details    ? 
_exptl.entry_id                   9FRR 
_exptl.crystals_number            1 
_exptl.details                    ? 
_exptl.method                     'X-RAY DIFFRACTION' 
_exptl.method_details             ? 
# 
_exptl_crystal.colour                       ? 
_exptl_crystal.density_diffrn               ? 
_exptl_crystal.density_Matthews             2.93 
_exptl_crystal.density_method               ? 
_exptl_crystal.density_percent_sol          58.00 
_exptl_crystal.description                  ? 
_exptl_crystal.F_000                        ? 
_exptl_crystal.id                           1 
_exptl_crystal.preparation                  ? 
_exptl_crystal.size_max                     ? 
_exptl_crystal.size_mid                     ? 
_exptl_crystal.size_min                     ? 
_exptl_crystal.size_rad                     ? 
_exptl_crystal.colour_lustre                ? 
_exptl_crystal.colour_modifier              ? 
_exptl_crystal.colour_primary               ? 
_exptl_crystal.density_meas                 ? 
_exptl_crystal.density_meas_esd             ? 
_exptl_crystal.density_meas_gt              ? 
_exptl_crystal.density_meas_lt              ? 
_exptl_crystal.density_meas_temp            ? 
_exptl_crystal.density_meas_temp_esd        ? 
_exptl_crystal.density_meas_temp_gt         ? 
_exptl_crystal.density_meas_temp_lt         ? 
_exptl_crystal.pdbx_crystal_image_url       ? 
_exptl_crystal.pdbx_crystal_image_format    ? 
_exptl_crystal.pdbx_mosaicity               ? 
_exptl_crystal.pdbx_mosaicity_esd           ? 
_exptl_crystal.pdbx_mosaic_method           ? 
_exptl_crystal.pdbx_mosaic_block_size       ? 
_exptl_crystal.pdbx_mosaic_block_size_esd   ? 
# 
_exptl_crystal_grow.apparatus       ? 
_exptl_crystal_grow.atmosphere      ? 
_exptl_crystal_grow.crystal_id      1 
_exptl_crystal_grow.details         ? 
_exptl_crystal_grow.method          'VAPOR DIFFUSION, HANGING DROP' 
_exptl_crystal_grow.method_ref      ? 
_exptl_crystal_grow.pH              7 
_exptl_crystal_grow.pressure        ? 
_exptl_crystal_grow.pressure_esd    ? 
_exptl_crystal_grow.seeding         ? 
_exptl_crystal_grow.seeding_ref     ? 
_exptl_crystal_grow.temp_details    ? 
_exptl_crystal_grow.temp_esd        ? 
_exptl_crystal_grow.time            ? 
_exptl_crystal_grow.pdbx_details    
;0.9M Sodium citrate trihydrate
0.05M BIS-TRIS propane pH=7
;
_exptl_crystal_grow.pdbx_pH_range   ? 
_exptl_crystal_grow.temp            292 
# 
_diffrn.ambient_environment              ? 
_diffrn.ambient_temp                     100 
_diffrn.ambient_temp_details             ? 
_diffrn.ambient_temp_esd                 ? 
_diffrn.crystal_id                       1 
_diffrn.crystal_support                  ? 
_diffrn.crystal_treatment                ? 
_diffrn.details                          ? 
_diffrn.id                               1 
_diffrn.ambient_pressure                 ? 
_diffrn.ambient_pressure_esd             ? 
_diffrn.ambient_pressure_gt              ? 
_diffrn.ambient_pressure_lt              ? 
_diffrn.ambient_temp_gt                  ? 
_diffrn.ambient_temp_lt                  ? 
_diffrn.pdbx_serial_crystal_experiment   N 
# 
_diffrn_detector.details                      ? 
_diffrn_detector.detector                     PIXEL 
_diffrn_detector.diffrn_id                    1 
_diffrn_detector.type                         'RIGAKU HyPix-Arc 150' 
_diffrn_detector.area_resol_mean              ? 
_diffrn_detector.dtime                        ? 
_diffrn_detector.pdbx_frames_total            ? 
_diffrn_detector.pdbx_collection_time_total   ? 
_diffrn_detector.pdbx_collection_date         2024-05-15 
_diffrn_detector.pdbx_frequency               ? 
_diffrn_detector.id                           ? 
_diffrn_detector.number_of_axes               ? 
# 
_diffrn_radiation.collimation                      ? 
_diffrn_radiation.diffrn_id                        1 
_diffrn_radiation.filter_edge                      ? 
_diffrn_radiation.inhomogeneity                    ? 
_diffrn_radiation.monochromator                    ? 
_diffrn_radiation.polarisn_norm                    ? 
_diffrn_radiation.polarisn_ratio                   ? 
_diffrn_radiation.probe                            ? 
_diffrn_radiation.type                             ? 
_diffrn_radiation.xray_symbol                      ? 
_diffrn_radiation.wavelength_id                    1 
_diffrn_radiation.pdbx_monochromatic_or_laue_m_l   M 
_diffrn_radiation.pdbx_wavelength_list             ? 
_diffrn_radiation.pdbx_wavelength                  ? 
_diffrn_radiation.pdbx_diffrn_protocol             'SINGLE WAVELENGTH' 
_diffrn_radiation.pdbx_analyzer                    ? 
_diffrn_radiation.pdbx_scattering_type             x-ray 
# 
_diffrn_radiation_wavelength.id           1 
_diffrn_radiation_wavelength.wavelength   1.34 
_diffrn_radiation_wavelength.wt           1.0 
# 
_diffrn_source.current                     ? 
_diffrn_source.details                     ? 
_diffrn_source.diffrn_id                   1 
_diffrn_source.power                       ? 
_diffrn_source.size                        ? 
_diffrn_source.source                      'ROTATING ANODE' 
_diffrn_source.target                      ? 
_diffrn_source.type                        RIGAKU 
_diffrn_source.voltage                     ? 
_diffrn_source.take-off_angle              ? 
_diffrn_source.pdbx_wavelength_list        1.34 
_diffrn_source.pdbx_wavelength             ? 
_diffrn_source.pdbx_synchrotron_beamline   ? 
_diffrn_source.pdbx_synchrotron_site       ? 
# 
_reflns.B_iso_Wilson_estimate                          14.87 
_reflns.entry_id                                       9FRR 
_reflns.data_reduction_details                         ? 
_reflns.data_reduction_method                          ? 
_reflns.d_resolution_high                              1.6 
_reflns.d_resolution_low                               17.569 
_reflns.details                                        ? 
_reflns.limit_h_max                                    ? 
_reflns.limit_h_min                                    ? 
_reflns.limit_k_max                                    ? 
_reflns.limit_k_min                                    ? 
_reflns.limit_l_max                                    ? 
_reflns.limit_l_min                                    ? 
_reflns.number_all                                     ? 
_reflns.number_obs                                     31052 
_reflns.observed_criterion                             ? 
_reflns.observed_criterion_F_max                       ? 
_reflns.observed_criterion_F_min                       ? 
_reflns.observed_criterion_I_max                       ? 
_reflns.observed_criterion_I_min                       ? 
_reflns.observed_criterion_sigma_F                     ? 
_reflns.observed_criterion_sigma_I                     ? 
_reflns.percent_possible_obs                           99.88 
_reflns.R_free_details                                 ? 
_reflns.Rmerge_F_all                                   ? 
_reflns.Rmerge_F_obs                                   ? 
_reflns.Friedel_coverage                               ? 
_reflns.number_gt                                      ? 
_reflns.threshold_expression                           ? 
_reflns.pdbx_redundancy                                17.1 
_reflns.pdbx_netI_over_av_sigmaI                       ? 
_reflns.pdbx_netI_over_sigmaI                          35.31 
_reflns.pdbx_res_netI_over_av_sigmaI_2                 ? 
_reflns.pdbx_res_netI_over_sigmaI_2                    ? 
_reflns.pdbx_chi_squared                               ? 
_reflns.pdbx_scaling_rejects                           ? 
_reflns.pdbx_d_res_high_opt                            ? 
_reflns.pdbx_d_res_low_opt                             ? 
_reflns.pdbx_d_res_opt_method                          ? 
_reflns.phase_calculation_details                      ? 
_reflns.pdbx_Rrim_I_all                                ? 
_reflns.pdbx_Rpim_I_all                                0.01496 
_reflns.pdbx_d_opt                                     ? 
_reflns.pdbx_number_measured_all                       ? 
_reflns.pdbx_diffrn_id                                 1 
_reflns.pdbx_ordinal                                   1 
_reflns.pdbx_CC_half                                   1 
_reflns.pdbx_CC_star                                   1 
_reflns.pdbx_R_split                                   ? 
_reflns.pdbx_Rmerge_I_obs                              0.0606 
_reflns.pdbx_Rmerge_I_all                              ? 
_reflns.pdbx_Rsym_value                                ? 
_reflns.pdbx_CC_split_method                           ? 
_reflns.pdbx_aniso_diffraction_limit_axis_1_ortho[1]   ? 
_reflns.pdbx_aniso_diffraction_limit_axis_1_ortho[2]   ? 
_reflns.pdbx_aniso_diffraction_limit_axis_1_ortho[3]   ? 
_reflns.pdbx_aniso_diffraction_limit_axis_2_ortho[1]   ? 
_reflns.pdbx_aniso_diffraction_limit_axis_2_ortho[2]   ? 
_reflns.pdbx_aniso_diffraction_limit_axis_2_ortho[3]   ? 
_reflns.pdbx_aniso_diffraction_limit_axis_3_ortho[1]   ? 
_reflns.pdbx_aniso_diffraction_limit_axis_3_ortho[2]   ? 
_reflns.pdbx_aniso_diffraction_limit_axis_3_ortho[3]   ? 
_reflns.pdbx_aniso_diffraction_limit_1                 ? 
_reflns.pdbx_aniso_diffraction_limit_2                 ? 
_reflns.pdbx_aniso_diffraction_limit_3                 ? 
_reflns.pdbx_aniso_B_tensor_eigenvector_1_ortho[1]     ? 
_reflns.pdbx_aniso_B_tensor_eigenvector_1_ortho[2]     ? 
_reflns.pdbx_aniso_B_tensor_eigenvector_1_ortho[3]     ? 
_reflns.pdbx_aniso_B_tensor_eigenvector_2_ortho[1]     ? 
_reflns.pdbx_aniso_B_tensor_eigenvector_2_ortho[2]     ? 
_reflns.pdbx_aniso_B_tensor_eigenvector_2_ortho[3]     ? 
_reflns.pdbx_aniso_B_tensor_eigenvector_3_ortho[1]     ? 
_reflns.pdbx_aniso_B_tensor_eigenvector_3_ortho[2]     ? 
_reflns.pdbx_aniso_B_tensor_eigenvector_3_ortho[3]     ? 
_reflns.pdbx_aniso_B_tensor_eigenvalue_1               ? 
_reflns.pdbx_aniso_B_tensor_eigenvalue_2               ? 
_reflns.pdbx_aniso_B_tensor_eigenvalue_3               ? 
_reflns.pdbx_orthogonalization_convention              ? 
_reflns.pdbx_percent_possible_ellipsoidal              ? 
_reflns.pdbx_percent_possible_spherical                ? 
_reflns.pdbx_percent_possible_ellipsoidal_anomalous    ? 
_reflns.pdbx_percent_possible_spherical_anomalous      ? 
_reflns.pdbx_redundancy_anomalous                      ? 
_reflns.pdbx_CC_half_anomalous                         ? 
_reflns.pdbx_absDiff_over_sigma_anomalous              ? 
_reflns.pdbx_percent_possible_anomalous                ? 
_reflns.pdbx_observed_signal_threshold                 ? 
_reflns.pdbx_signal_type                               ? 
_reflns.pdbx_signal_details                            ? 
_reflns.pdbx_signal_software_id                        ? 
# 
_reflns_shell.d_res_high                                    1.6 
_reflns_shell.d_res_low                                     1.657 
_reflns_shell.meanI_over_sigI_all                           ? 
_reflns_shell.meanI_over_sigI_obs                           5.66 
_reflns_shell.number_measured_all                           ? 
_reflns_shell.number_measured_obs                           ? 
_reflns_shell.number_possible                               ? 
_reflns_shell.number_unique_all                             ? 
_reflns_shell.number_unique_obs                             3119 
_reflns_shell.percent_possible_obs                          ? 
_reflns_shell.Rmerge_F_all                                  ? 
_reflns_shell.Rmerge_F_obs                                  ? 
_reflns_shell.meanI_over_sigI_gt                            ? 
_reflns_shell.meanI_over_uI_all                             ? 
_reflns_shell.meanI_over_uI_gt                              ? 
_reflns_shell.number_measured_gt                            ? 
_reflns_shell.number_unique_gt                              ? 
_reflns_shell.percent_possible_gt                           ? 
_reflns_shell.Rmerge_F_gt                                   ? 
_reflns_shell.Rmerge_I_gt                                   ? 
_reflns_shell.pdbx_redundancy                               ? 
_reflns_shell.pdbx_chi_squared                              ? 
_reflns_shell.pdbx_netI_over_sigmaI_all                     ? 
_reflns_shell.pdbx_netI_over_sigmaI_obs                     ? 
_reflns_shell.pdbx_Rrim_I_all                               ? 
_reflns_shell.pdbx_Rpim_I_all                               0.1349 
_reflns_shell.pdbx_rejects                                  ? 
_reflns_shell.pdbx_ordinal                                  1 
_reflns_shell.pdbx_diffrn_id                                1 
_reflns_shell.pdbx_CC_half                                  0.966 
_reflns_shell.pdbx_CC_star                                  0.991 
_reflns_shell.pdbx_R_split                                  ? 
_reflns_shell.percent_possible_all                          99.97 
_reflns_shell.Rmerge_I_all                                  ? 
_reflns_shell.Rmerge_I_obs                                  0.512 
_reflns_shell.pdbx_Rsym_value                               ? 
_reflns_shell.pdbx_percent_possible_ellipsoidal             ? 
_reflns_shell.pdbx_percent_possible_spherical               ? 
_reflns_shell.pdbx_percent_possible_ellipsoidal_anomalous   ? 
_reflns_shell.pdbx_percent_possible_spherical_anomalous     ? 
_reflns_shell.pdbx_redundancy_anomalous                     ? 
_reflns_shell.pdbx_CC_half_anomalous                        ? 
_reflns_shell.pdbx_absDiff_over_sigma_anomalous             ? 
_reflns_shell.pdbx_percent_possible_anomalous               ? 
# 
_refine.aniso_B[1][1]                            ? 
_refine.aniso_B[1][2]                            ? 
_refine.aniso_B[1][3]                            ? 
_refine.aniso_B[2][2]                            ? 
_refine.aniso_B[2][3]                            ? 
_refine.aniso_B[3][3]                            ? 
_refine.B_iso_max                                ? 
_refine.B_iso_mean                               ? 
_refine.B_iso_min                                ? 
_refine.correlation_coeff_Fo_to_Fc               ? 
_refine.correlation_coeff_Fo_to_Fc_free          ? 
_refine.details                                  ? 
_refine.diff_density_max                         ? 
_refine.diff_density_max_esd                     ? 
_refine.diff_density_min                         ? 
_refine.diff_density_min_esd                     ? 
_refine.diff_density_rms                         ? 
_refine.diff_density_rms_esd                     ? 
_refine.entry_id                                 9FRR 
_refine.pdbx_refine_id                           'X-RAY DIFFRACTION' 
_refine.ls_abs_structure_details                 ? 
_refine.ls_abs_structure_Flack                   ? 
_refine.ls_abs_structure_Flack_esd               ? 
_refine.ls_abs_structure_Rogers                  ? 
_refine.ls_abs_structure_Rogers_esd              ? 
_refine.ls_d_res_high                            1.600 
_refine.ls_d_res_low                             17.569 
_refine.ls_extinction_coef                       ? 
_refine.ls_extinction_coef_esd                   ? 
_refine.ls_extinction_expression                 ? 
_refine.ls_extinction_method                     ? 
_refine.ls_goodness_of_fit_all                   ? 
_refine.ls_goodness_of_fit_all_esd               ? 
_refine.ls_goodness_of_fit_obs                   ? 
_refine.ls_goodness_of_fit_obs_esd               ? 
_refine.ls_hydrogen_treatment                    ? 
_refine.ls_matrix_type                           ? 
_refine.ls_number_constraints                    ? 
_refine.ls_number_parameters                     ? 
_refine.ls_number_reflns_all                     ? 
_refine.ls_number_reflns_obs                     31042 
_refine.ls_number_reflns_R_free                  1564 
_refine.ls_number_reflns_R_work                  ? 
_refine.ls_number_restraints                     ? 
_refine.ls_percent_reflns_obs                    99.96 
_refine.ls_percent_reflns_R_free                 5.04 
_refine.ls_R_factor_all                          ? 
_refine.ls_R_factor_obs                          0.1854 
_refine.ls_R_factor_R_free                       0.2083 
_refine.ls_R_factor_R_free_error                 ? 
_refine.ls_R_factor_R_free_error_details         ? 
_refine.ls_R_factor_R_work                       0.1841 
_refine.ls_R_Fsqd_factor_obs                     ? 
_refine.ls_R_I_factor_obs                        ? 
_refine.ls_redundancy_reflns_all                 ? 
_refine.ls_redundancy_reflns_obs                 ? 
_refine.ls_restrained_S_all                      ? 
_refine.ls_restrained_S_obs                      ? 
_refine.ls_shift_over_esd_max                    ? 
_refine.ls_shift_over_esd_mean                   ? 
_refine.ls_structure_factor_coef                 ? 
_refine.ls_weighting_details                     ? 
_refine.ls_weighting_scheme                      ? 
_refine.ls_wR_factor_all                         ? 
_refine.ls_wR_factor_obs                         ? 
_refine.ls_wR_factor_R_free                      ? 
_refine.ls_wR_factor_R_work                      ? 
_refine.occupancy_max                            ? 
_refine.occupancy_min                            ? 
_refine.solvent_model_details                    'FLAT BULK SOLVENT MODEL' 
_refine.solvent_model_param_bsol                 ? 
_refine.solvent_model_param_ksol                 ? 
_refine.pdbx_R_complete                          ? 
_refine.ls_R_factor_gt                           ? 
_refine.ls_goodness_of_fit_gt                    ? 
_refine.ls_goodness_of_fit_ref                   ? 
_refine.ls_shift_over_su_max                     ? 
_refine.ls_shift_over_su_max_lt                  ? 
_refine.ls_shift_over_su_mean                    ? 
_refine.ls_shift_over_su_mean_lt                 ? 
_refine.pdbx_ls_sigma_I                          ? 
_refine.pdbx_ls_sigma_F                          1.34 
_refine.pdbx_ls_sigma_Fsqd                       ? 
_refine.pdbx_data_cutoff_high_absF               ? 
_refine.pdbx_data_cutoff_high_rms_absF           ? 
_refine.pdbx_data_cutoff_low_absF                ? 
_refine.pdbx_isotropic_thermal_model             ? 
_refine.pdbx_ls_cross_valid_method               'FREE R-VALUE' 
_refine.pdbx_method_to_determine_struct          'MOLECULAR REPLACEMENT' 
_refine.pdbx_starting_model                      ? 
_refine.pdbx_stereochemistry_target_values       ML 
_refine.pdbx_R_Free_selection_details            ? 
_refine.pdbx_stereochem_target_val_spec_case     ? 
_refine.pdbx_overall_ESU_R                       ? 
_refine.pdbx_overall_ESU_R_Free                  ? 
_refine.pdbx_solvent_vdw_probe_radii             1.11 
_refine.pdbx_solvent_ion_probe_radii             ? 
_refine.pdbx_solvent_shrinkage_radii             0.90 
_refine.pdbx_real_space_R                        ? 
_refine.pdbx_density_correlation                 ? 
_refine.pdbx_pd_number_of_powder_patterns        ? 
_refine.pdbx_pd_number_of_points                 ? 
_refine.pdbx_pd_meas_number_of_points            ? 
_refine.pdbx_pd_proc_ls_prof_R_factor            ? 
_refine.pdbx_pd_proc_ls_prof_wR_factor           ? 
_refine.pdbx_pd_Marquardt_correlation_coeff      ? 
_refine.pdbx_pd_Fsqrd_R_factor                   ? 
_refine.pdbx_pd_ls_matrix_band_width             ? 
_refine.pdbx_overall_phase_error                 21.41 
_refine.pdbx_overall_SU_R_free_Cruickshank_DPI   ? 
_refine.pdbx_overall_SU_R_free_Blow_DPI          ? 
_refine.pdbx_overall_SU_R_Blow_DPI               ? 
_refine.pdbx_TLS_residual_ADP_flag               ? 
_refine.pdbx_diffrn_id                           1 
_refine.overall_SU_B                             ? 
_refine.overall_SU_ML                            0.16 
_refine.overall_SU_R_Cruickshank_DPI             ? 
_refine.overall_SU_R_free                        ? 
_refine.overall_FOM_free_R_set                   ? 
_refine.overall_FOM_work_R_set                   ? 
_refine.pdbx_average_fsc_overall                 ? 
_refine.pdbx_average_fsc_work                    ? 
_refine.pdbx_average_fsc_free                    ? 
# 
_refine_hist.pdbx_refine_id                   'X-RAY DIFFRACTION' 
_refine_hist.cycle_id                         LAST 
_refine_hist.details                          ? 
_refine_hist.d_res_high                       1.600 
_refine_hist.d_res_low                        17.569 
_refine_hist.number_atoms_solvent             169 
_refine_hist.number_atoms_total               1610 
_refine_hist.number_reflns_all                ? 
_refine_hist.number_reflns_obs                ? 
_refine_hist.number_reflns_R_free             ? 
_refine_hist.number_reflns_R_work             ? 
_refine_hist.R_factor_all                     ? 
_refine_hist.R_factor_obs                     ? 
_refine_hist.R_factor_R_free                  ? 
_refine_hist.R_factor_R_work                  ? 
_refine_hist.pdbx_number_residues_total       ? 
_refine_hist.pdbx_B_iso_mean_ligand           ? 
_refine_hist.pdbx_B_iso_mean_solvent          ? 
_refine_hist.pdbx_number_atoms_protein        1441 
_refine_hist.pdbx_number_atoms_nucleic_acid   0 
_refine_hist.pdbx_number_atoms_ligand         0 
_refine_hist.pdbx_number_atoms_lipid          ? 
_refine_hist.pdbx_number_atoms_carb           ? 
_refine_hist.pdbx_pseudo_atom_details         ? 
# 
loop_
_refine_ls_restr.pdbx_refine_id 
_refine_ls_restr.criterion 
_refine_ls_restr.dev_ideal 
_refine_ls_restr.dev_ideal_target 
_refine_ls_restr.number 
_refine_ls_restr.rejects 
_refine_ls_restr.type 
_refine_ls_restr.weight 
_refine_ls_restr.pdbx_restraint_function 
'X-RAY DIFFRACTION' ? 0.005  ? 1498 ? f_bond_d           ? ? 
'X-RAY DIFFRACTION' ? 0.658  ? 2037 ? f_angle_d          ? ? 
'X-RAY DIFFRACTION' ? 10.608 ? 1189 ? f_dihedral_angle_d ? ? 
'X-RAY DIFFRACTION' ? 0.044  ? 214  ? f_chiral_restr     ? ? 
'X-RAY DIFFRACTION' ? 0.004  ? 269  ? f_plane_restr      ? ? 
# 
loop_
_refine_ls_shell.pdbx_refine_id 
_refine_ls_shell.d_res_high 
_refine_ls_shell.d_res_low 
_refine_ls_shell.number_reflns_all 
_refine_ls_shell.number_reflns_obs 
_refine_ls_shell.number_reflns_R_free 
_refine_ls_shell.number_reflns_R_work 
_refine_ls_shell.percent_reflns_obs 
_refine_ls_shell.percent_reflns_R_free 
_refine_ls_shell.R_factor_all 
_refine_ls_shell.R_factor_obs 
_refine_ls_shell.R_factor_R_free_error 
_refine_ls_shell.R_factor_R_work 
_refine_ls_shell.redundancy_reflns_all 
_refine_ls_shell.redundancy_reflns_obs 
_refine_ls_shell.wR_factor_all 
_refine_ls_shell.wR_factor_obs 
_refine_ls_shell.wR_factor_R_free 
_refine_ls_shell.wR_factor_R_work 
_refine_ls_shell.pdbx_R_complete 
_refine_ls_shell.pdbx_total_number_of_bins_used 
_refine_ls_shell.pdbx_phase_error 
_refine_ls_shell.pdbx_fsc_work 
_refine_ls_shell.pdbx_fsc_free 
_refine_ls_shell.R_factor_R_free 
'X-RAY DIFFRACTION' 1.6000 1.6516 . . 134 2708 100.00 . . . . 0.2115 . . . . . . . . . . . 0.2753 
'X-RAY DIFFRACTION' 1.6516 1.7106 . . 159 2656 100.00 . . . . 0.2086 . . . . . . . . . . . 0.2636 
'X-RAY DIFFRACTION' 1.7106 1.7791 . . 132 2683 100.00 . . . . 0.2033 . . . . . . . . . . . 0.2065 
'X-RAY DIFFRACTION' 1.7791 1.8599 . . 152 2658 100.00 . . . . 0.2032 . . . . . . . . . . . 0.2475 
'X-RAY DIFFRACTION' 1.8599 1.9579 . . 164 2647 100.00 . . . . 0.2073 . . . . . . . . . . . 0.2237 
'X-RAY DIFFRACTION' 1.9579 2.0804 . . 131 2685 100.00 . . . . 0.1920 . . . . . . . . . . . 0.2378 
'X-RAY DIFFRACTION' 2.0804 2.2407 . . 127 2699 100.00 . . . . 0.1749 . . . . . . . . . . . 0.1935 
'X-RAY DIFFRACTION' 2.2407 2.4656 . . 147 2661 100.00 . . . . 0.1839 . . . . . . . . . . . 0.2178 
'X-RAY DIFFRACTION' 2.4656 2.8211 . . 142 2681 100.00 . . . . 0.1977 . . . . . . . . . . . 0.2078 
'X-RAY DIFFRACTION' 2.8211 3.5495 . . 134 2681 100.00 . . . . 0.1897 . . . . . . . . . . . 0.2239 
'X-RAY DIFFRACTION' 3.5495 17.569 . . 142 2719 100.00 . . . . 0.1535 . . . . . . . . . . . 0.1614 
# 
_struct.entry_id                     9FRR 
_struct.title                        'Caspase recruitment domain (CARD)' 
_struct.pdbx_model_details           ? 
_struct.pdbx_formula_weight          ? 
_struct.pdbx_formula_weight_method   ? 
_struct.pdbx_model_type_details      ? 
_struct.pdbx_CASP_flag               N 
# 
_struct_keywords.entry_id        9FRR 
_struct_keywords.text            'Caspase recruitment domain (CARD), IMMUNE SYSTEM' 
_struct_keywords.pdbx_keywords   'IMMUNE SYSTEM' 
# 
loop_
_struct_asym.id 
_struct_asym.pdbx_blank_PDB_chainid_flag 
_struct_asym.pdbx_modified 
_struct_asym.entity_id 
_struct_asym.details 
A N N 1 ? 
B N N 1 ? 
C N N 2 ? 
D N N 2 ? 
# 
_struct_ref.id                         1 
_struct_ref.db_name                    UNP 
_struct_ref.db_code                    PROT2_LYSEN 
_struct_ref.pdbx_db_accession          A0A0S2DN74 
_struct_ref.pdbx_db_isoform            ? 
_struct_ref.entity_id                  1 
_struct_ref.pdbx_seq_one_letter_code   
;VVQADYSRAEALAAWTRLSDEFIGNCYVSVRPRHAPAWEVVVASAAGSLRLEAFKRAHDHDFLDRLAVAIGNWEQKAQRP
DHEIAQMLDQVGDYG
;
_struct_ref.pdbx_align_begin           4 
# 
loop_
_struct_ref_seq.align_id 
_struct_ref_seq.ref_id 
_struct_ref_seq.pdbx_PDB_id_code 
_struct_ref_seq.pdbx_strand_id 
_struct_ref_seq.seq_align_beg 
_struct_ref_seq.pdbx_seq_align_beg_ins_code 
_struct_ref_seq.seq_align_end 
_struct_ref_seq.pdbx_seq_align_end_ins_code 
_struct_ref_seq.pdbx_db_accession 
_struct_ref_seq.db_align_beg 
_struct_ref_seq.pdbx_db_align_beg_ins_code 
_struct_ref_seq.db_align_end 
_struct_ref_seq.pdbx_db_align_end_ins_code 
_struct_ref_seq.pdbx_auth_seq_align_beg 
_struct_ref_seq.pdbx_auth_seq_align_end 
1 1 9FRR A 1 ? 95 ? A0A0S2DN74 4 ? 98 ? 1 95 
2 1 9FRR B 1 ? 95 ? A0A0S2DN74 4 ? 98 ? 1 95 
# 
loop_
_struct_ref_seq_dif.align_id 
_struct_ref_seq_dif.pdbx_pdb_id_code 
_struct_ref_seq_dif.mon_id 
_struct_ref_seq_dif.pdbx_pdb_strand_id 
_struct_ref_seq_dif.seq_num 
_struct_ref_seq_dif.pdbx_pdb_ins_code 
_struct_ref_seq_dif.pdbx_seq_db_name 
_struct_ref_seq_dif.pdbx_seq_db_accession_code 
_struct_ref_seq_dif.db_mon_id 
_struct_ref_seq_dif.pdbx_seq_db_seq_num 
_struct_ref_seq_dif.details 
_struct_ref_seq_dif.pdbx_auth_seq_num 
_struct_ref_seq_dif.pdbx_ordinal 
1 9FRR GLY A 1 ? UNP A0A0S2DN74 VAL 4 'engineered mutation' 1 1 
2 9FRR GLY B 1 ? UNP A0A0S2DN74 VAL 4 'engineered mutation' 1 2 
# 
_pdbx_struct_assembly.id                   1 
_pdbx_struct_assembly.details              author_defined_assembly 
_pdbx_struct_assembly.method_details       ? 
_pdbx_struct_assembly.oligomeric_details   dimeric 
_pdbx_struct_assembly.oligomeric_count     2 
# 
loop_
_pdbx_struct_assembly_prop.biol_id 
_pdbx_struct_assembly_prop.type 
_pdbx_struct_assembly_prop.value 
_pdbx_struct_assembly_prop.details 
1 'ABSA (A^2)' 1300 ? 
1 MORE         2    ? 
1 'SSA (A^2)'  9320 ? 
# 
_pdbx_struct_assembly_gen.assembly_id       1 
_pdbx_struct_assembly_gen.oper_expression   1 
_pdbx_struct_assembly_gen.asym_id_list      A,B,C,D 
# 
_pdbx_struct_assembly_auth_evidence.id                     1 
_pdbx_struct_assembly_auth_evidence.assembly_id            1 
_pdbx_struct_assembly_auth_evidence.experimental_support   'gel filtration' 
_pdbx_struct_assembly_auth_evidence.details                ? 
# 
_pdbx_struct_oper_list.id                   1 
_pdbx_struct_oper_list.type                 'identity operation' 
_pdbx_struct_oper_list.name                 1_555 
_pdbx_struct_oper_list.symmetry_operation   x,y,z 
_pdbx_struct_oper_list.matrix[1][1]         1.0000000000 
_pdbx_struct_oper_list.matrix[1][2]         0.0000000000 
_pdbx_struct_oper_list.matrix[1][3]         0.0000000000 
_pdbx_struct_oper_list.vector[1]            0.0000000000 
_pdbx_struct_oper_list.matrix[2][1]         0.0000000000 
_pdbx_struct_oper_list.matrix[2][2]         1.0000000000 
_pdbx_struct_oper_list.matrix[2][3]         0.0000000000 
_pdbx_struct_oper_list.vector[2]            0.0000000000 
_pdbx_struct_oper_list.matrix[3][1]         0.0000000000 
_pdbx_struct_oper_list.matrix[3][2]         0.0000000000 
_pdbx_struct_oper_list.matrix[3][3]         1.0000000000 
_pdbx_struct_oper_list.vector[3]            0.0000000000 
# 
loop_
_struct_conf.conf_type_id 
_struct_conf.id 
_struct_conf.pdbx_PDB_helix_id 
_struct_conf.beg_label_comp_id 
_struct_conf.beg_label_asym_id 
_struct_conf.beg_label_seq_id 
_struct_conf.pdbx_beg_PDB_ins_code 
_struct_conf.end_label_comp_id 
_struct_conf.end_label_asym_id 
_struct_conf.end_label_seq_id 
_struct_conf.pdbx_end_PDB_ins_code 
_struct_conf.beg_auth_comp_id 
_struct_conf.beg_auth_asym_id 
_struct_conf.beg_auth_seq_id 
_struct_conf.end_auth_comp_id 
_struct_conf.end_auth_asym_id 
_struct_conf.end_auth_seq_id 
_struct_conf.pdbx_PDB_helix_class 
_struct_conf.details 
_struct_conf.pdbx_PDB_helix_length 
HELX_P HELX_P1  AA1 TYR A 6  ? THR A 16 ? TYR A 6  THR A 16 1 ? 11 
HELX_P HELX_P2  AA2 SER A 19 ? ARG A 31 ? SER A 19 ARG A 31 1 ? 13 
HELX_P HELX_P3  AA3 ALA A 37 ? ALA A 45 ? ALA A 37 ALA A 45 1 ? 9  
HELX_P HELX_P4  AA4 SER A 48 ? HIS A 60 ? SER A 48 HIS A 60 1 ? 13 
HELX_P HELX_P5  AA5 PHE A 62 ? ALA A 77 ? PHE A 62 ALA A 77 1 ? 16 
HELX_P HELX_P6  AA6 PRO A 80 ? GLY A 92 ? PRO A 80 GLY A 92 1 ? 13 
HELX_P HELX_P7  AA7 TYR B 6  ? ALA B 14 ? TYR B 6  ALA B 14 1 ? 9  
HELX_P HELX_P8  AA8 SER B 19 ? ARG B 31 ? SER B 19 ARG B 31 1 ? 13 
HELX_P HELX_P9  AA9 ALA B 37 ? ALA B 45 ? ALA B 37 ALA B 45 1 ? 9  
HELX_P HELX_P10 AB1 SER B 48 ? HIS B 60 ? SER B 48 HIS B 60 1 ? 13 
HELX_P HELX_P11 AB2 PHE B 62 ? ALA B 77 ? PHE B 62 ALA B 77 1 ? 16 
HELX_P HELX_P12 AB3 PRO B 80 ? GLY B 92 ? PRO B 80 GLY B 92 1 ? 13 
# 
_struct_conf_type.id          HELX_P 
_struct_conf_type.criteria    ? 
_struct_conf_type.reference   ? 
# 
_pdbx_entry_details.entry_id                   9FRR 
_pdbx_entry_details.compound_details           ? 
_pdbx_entry_details.source_details             ? 
_pdbx_entry_details.nonpolymer_details         ? 
_pdbx_entry_details.sequence_details           ? 
_pdbx_entry_details.has_ligand_of_interest     ? 
_pdbx_entry_details.has_protein_modification   N 
# 
_pdbx_validate_symm_contact.id                1 
_pdbx_validate_symm_contact.PDB_model_num     1 
_pdbx_validate_symm_contact.auth_atom_id_1    O 
_pdbx_validate_symm_contact.auth_asym_id_1    B 
_pdbx_validate_symm_contact.auth_comp_id_1    HOH 
_pdbx_validate_symm_contact.auth_seq_id_1     148 
_pdbx_validate_symm_contact.PDB_ins_code_1    ? 
_pdbx_validate_symm_contact.label_alt_id_1    ? 
_pdbx_validate_symm_contact.site_symmetry_1   1_555 
_pdbx_validate_symm_contact.auth_atom_id_2    O 
_pdbx_validate_symm_contact.auth_asym_id_2    B 
_pdbx_validate_symm_contact.auth_comp_id_2    HOH 
_pdbx_validate_symm_contact.auth_seq_id_2     153 
_pdbx_validate_symm_contact.PDB_ins_code_2    ? 
_pdbx_validate_symm_contact.label_alt_id_2    ? 
_pdbx_validate_symm_contact.site_symmetry_2   6_554 
_pdbx_validate_symm_contact.dist              2.19 
# 
loop_
_pdbx_unobs_or_zero_occ_residues.id 
_pdbx_unobs_or_zero_occ_residues.PDB_model_num 
_pdbx_unobs_or_zero_occ_residues.polymer_flag 
_pdbx_unobs_or_zero_occ_residues.occupancy_flag 
_pdbx_unobs_or_zero_occ_residues.auth_asym_id 
_pdbx_unobs_or_zero_occ_residues.auth_comp_id 
_pdbx_unobs_or_zero_occ_residues.auth_seq_id 
_pdbx_unobs_or_zero_occ_residues.PDB_ins_code 
_pdbx_unobs_or_zero_occ_residues.label_asym_id 
_pdbx_unobs_or_zero_occ_residues.label_comp_id 
_pdbx_unobs_or_zero_occ_residues.label_seq_id 
1 1 Y 1 A GLY 1  ? A GLY 1  
2 1 Y 1 A VAL 2  ? A VAL 2  
3 1 Y 1 A GLN 3  ? A GLN 3  
4 1 Y 1 A GLY 95 ? A GLY 95 
5 1 Y 1 B GLY 95 ? B GLY 95 
# 
loop_
_chem_comp_atom.comp_id 
_chem_comp_atom.atom_id 
_chem_comp_atom.type_symbol 
_chem_comp_atom.pdbx_aromatic_flag 
_chem_comp_atom.pdbx_stereo_config 
_chem_comp_atom.pdbx_ordinal 
ALA N    N N N 1   
ALA CA   C N S 2   
ALA C    C N N 3   
ALA O    O N N 4   
ALA CB   C N N 5   
ALA OXT  O N N 6   
ALA H    H N N 7   
ALA H2   H N N 8   
ALA HA   H N N 9   
ALA HB1  H N N 10  
ALA HB2  H N N 11  
ALA HB3  H N N 12  
ALA HXT  H N N 13  
ARG N    N N N 14  
ARG CA   C N S 15  
ARG C    C N N 16  
ARG O    O N N 17  
ARG CB   C N N 18  
ARG CG   C N N 19  
ARG CD   C N N 20  
ARG NE   N N N 21  
ARG CZ   C N N 22  
ARG NH1  N N N 23  
ARG NH2  N N N 24  
ARG OXT  O N N 25  
ARG H    H N N 26  
ARG H2   H N N 27  
ARG HA   H N N 28  
ARG HB2  H N N 29  
ARG HB3  H N N 30  
ARG HG2  H N N 31  
ARG HG3  H N N 32  
ARG HD2  H N N 33  
ARG HD3  H N N 34  
ARG HE   H N N 35  
ARG HH11 H N N 36  
ARG HH12 H N N 37  
ARG HH21 H N N 38  
ARG HH22 H N N 39  
ARG HXT  H N N 40  
ASN N    N N N 41  
ASN CA   C N S 42  
ASN C    C N N 43  
ASN O    O N N 44  
ASN CB   C N N 45  
ASN CG   C N N 46  
ASN OD1  O N N 47  
ASN ND2  N N N 48  
ASN OXT  O N N 49  
ASN H    H N N 50  
ASN H2   H N N 51  
ASN HA   H N N 52  
ASN HB2  H N N 53  
ASN HB3  H N N 54  
ASN HD21 H N N 55  
ASN HD22 H N N 56  
ASN HXT  H N N 57  
ASP N    N N N 58  
ASP CA   C N S 59  
ASP C    C N N 60  
ASP O    O N N 61  
ASP CB   C N N 62  
ASP CG   C N N 63  
ASP OD1  O N N 64  
ASP OD2  O N N 65  
ASP OXT  O N N 66  
ASP H    H N N 67  
ASP H2   H N N 68  
ASP HA   H N N 69  
ASP HB2  H N N 70  
ASP HB3  H N N 71  
ASP HD2  H N N 72  
ASP HXT  H N N 73  
CYS N    N N N 74  
CYS CA   C N R 75  
CYS C    C N N 76  
CYS O    O N N 77  
CYS CB   C N N 78  
CYS SG   S N N 79  
CYS OXT  O N N 80  
CYS H    H N N 81  
CYS H2   H N N 82  
CYS HA   H N N 83  
CYS HB2  H N N 84  
CYS HB3  H N N 85  
CYS HG   H N N 86  
CYS HXT  H N N 87  
GLN N    N N N 88  
GLN CA   C N S 89  
GLN C    C N N 90  
GLN O    O N N 91  
GLN CB   C N N 92  
GLN CG   C N N 93  
GLN CD   C N N 94  
GLN OE1  O N N 95  
GLN NE2  N N N 96  
GLN OXT  O N N 97  
GLN H    H N N 98  
GLN H2   H N N 99  
GLN HA   H N N 100 
GLN HB2  H N N 101 
GLN HB3  H N N 102 
GLN HG2  H N N 103 
GLN HG3  H N N 104 
GLN HE21 H N N 105 
GLN HE22 H N N 106 
GLN HXT  H N N 107 
GLU N    N N N 108 
GLU CA   C N S 109 
GLU C    C N N 110 
GLU O    O N N 111 
GLU CB   C N N 112 
GLU CG   C N N 113 
GLU CD   C N N 114 
GLU OE1  O N N 115 
GLU OE2  O N N 116 
GLU OXT  O N N 117 
GLU H    H N N 118 
GLU H2   H N N 119 
GLU HA   H N N 120 
GLU HB2  H N N 121 
GLU HB3  H N N 122 
GLU HG2  H N N 123 
GLU HG3  H N N 124 
GLU HE2  H N N 125 
GLU HXT  H N N 126 
GLY N    N N N 127 
GLY CA   C N N 128 
GLY C    C N N 129 
GLY O    O N N 130 
GLY OXT  O N N 131 
GLY H    H N N 132 
GLY H2   H N N 133 
GLY HA2  H N N 134 
GLY HA3  H N N 135 
GLY HXT  H N N 136 
HIS N    N N N 137 
HIS CA   C N S 138 
HIS C    C N N 139 
HIS O    O N N 140 
HIS CB   C N N 141 
HIS CG   C Y N 142 
HIS ND1  N Y N 143 
HIS CD2  C Y N 144 
HIS CE1  C Y N 145 
HIS NE2  N Y N 146 
HIS OXT  O N N 147 
HIS H    H N N 148 
HIS H2   H N N 149 
HIS HA   H N N 150 
HIS HB2  H N N 151 
HIS HB3  H N N 152 
HIS HD1  H N N 153 
HIS HD2  H N N 154 
HIS HE1  H N N 155 
HIS HE2  H N N 156 
HIS HXT  H N N 157 
HOH O    O N N 158 
HOH H1   H N N 159 
HOH H2   H N N 160 
ILE N    N N N 161 
ILE CA   C N S 162 
ILE C    C N N 163 
ILE O    O N N 164 
ILE CB   C N S 165 
ILE CG1  C N N 166 
ILE CG2  C N N 167 
ILE CD1  C N N 168 
ILE OXT  O N N 169 
ILE H    H N N 170 
ILE H2   H N N 171 
ILE HA   H N N 172 
ILE HB   H N N 173 
ILE HG12 H N N 174 
ILE HG13 H N N 175 
ILE HG21 H N N 176 
ILE HG22 H N N 177 
ILE HG23 H N N 178 
ILE HD11 H N N 179 
ILE HD12 H N N 180 
ILE HD13 H N N 181 
ILE HXT  H N N 182 
LEU N    N N N 183 
LEU CA   C N S 184 
LEU C    C N N 185 
LEU O    O N N 186 
LEU CB   C N N 187 
LEU CG   C N N 188 
LEU CD1  C N N 189 
LEU CD2  C N N 190 
LEU OXT  O N N 191 
LEU H    H N N 192 
LEU H2   H N N 193 
LEU HA   H N N 194 
LEU HB2  H N N 195 
LEU HB3  H N N 196 
LEU HG   H N N 197 
LEU HD11 H N N 198 
LEU HD12 H N N 199 
LEU HD13 H N N 200 
LEU HD21 H N N 201 
LEU HD22 H N N 202 
LEU HD23 H N N 203 
LEU HXT  H N N 204 
LYS N    N N N 205 
LYS CA   C N S 206 
LYS C    C N N 207 
LYS O    O N N 208 
LYS CB   C N N 209 
LYS CG   C N N 210 
LYS CD   C N N 211 
LYS CE   C N N 212 
LYS NZ   N N N 213 
LYS OXT  O N N 214 
LYS H    H N N 215 
LYS H2   H N N 216 
LYS HA   H N N 217 
LYS HB2  H N N 218 
LYS HB3  H N N 219 
LYS HG2  H N N 220 
LYS HG3  H N N 221 
LYS HD2  H N N 222 
LYS HD3  H N N 223 
LYS HE2  H N N 224 
LYS HE3  H N N 225 
LYS HZ1  H N N 226 
LYS HZ2  H N N 227 
LYS HZ3  H N N 228 
LYS HXT  H N N 229 
MET N    N N N 230 
MET CA   C N S 231 
MET C    C N N 232 
MET O    O N N 233 
MET CB   C N N 234 
MET CG   C N N 235 
MET SD   S N N 236 
MET CE   C N N 237 
MET OXT  O N N 238 
MET H    H N N 239 
MET H2   H N N 240 
MET HA   H N N 241 
MET HB2  H N N 242 
MET HB3  H N N 243 
MET HG2  H N N 244 
MET HG3  H N N 245 
MET HE1  H N N 246 
MET HE2  H N N 247 
MET HE3  H N N 248 
MET HXT  H N N 249 
PHE N    N N N 250 
PHE CA   C N S 251 
PHE C    C N N 252 
PHE O    O N N 253 
PHE CB   C N N 254 
PHE CG   C Y N 255 
PHE CD1  C Y N 256 
PHE CD2  C Y N 257 
PHE CE1  C Y N 258 
PHE CE2  C Y N 259 
PHE CZ   C Y N 260 
PHE OXT  O N N 261 
PHE H    H N N 262 
PHE H2   H N N 263 
PHE HA   H N N 264 
PHE HB2  H N N 265 
PHE HB3  H N N 266 
PHE HD1  H N N 267 
PHE HD2  H N N 268 
PHE HE1  H N N 269 
PHE HE2  H N N 270 
PHE HZ   H N N 271 
PHE HXT  H N N 272 
PRO N    N N N 273 
PRO CA   C N S 274 
PRO C    C N N 275 
PRO O    O N N 276 
PRO CB   C N N 277 
PRO CG   C N N 278 
PRO CD   C N N 279 
PRO OXT  O N N 280 
PRO H    H N N 281 
PRO HA   H N N 282 
PRO HB2  H N N 283 
PRO HB3  H N N 284 
PRO HG2  H N N 285 
PRO HG3  H N N 286 
PRO HD2  H N N 287 
PRO HD3  H N N 288 
PRO HXT  H N N 289 
SER N    N N N 290 
SER CA   C N S 291 
SER C    C N N 292 
SER O    O N N 293 
SER CB   C N N 294 
SER OG   O N N 295 
SER OXT  O N N 296 
SER H    H N N 297 
SER H2   H N N 298 
SER HA   H N N 299 
SER HB2  H N N 300 
SER HB3  H N N 301 
SER HG   H N N 302 
SER HXT  H N N 303 
THR N    N N N 304 
THR CA   C N S 305 
THR C    C N N 306 
THR O    O N N 307 
THR CB   C N R 308 
THR OG1  O N N 309 
THR CG2  C N N 310 
THR OXT  O N N 311 
THR H    H N N 312 
THR H2   H N N 313 
THR HA   H N N 314 
THR HB   H N N 315 
THR HG1  H N N 316 
THR HG21 H N N 317 
THR HG22 H N N 318 
THR HG23 H N N 319 
THR HXT  H N N 320 
TRP N    N N N 321 
TRP CA   C N S 322 
TRP C    C N N 323 
TRP O    O N N 324 
TRP CB   C N N 325 
TRP CG   C Y N 326 
TRP CD1  C Y N 327 
TRP CD2  C Y N 328 
TRP NE1  N Y N 329 
TRP CE2  C Y N 330 
TRP CE3  C Y N 331 
TRP CZ2  C Y N 332 
TRP CZ3  C Y N 333 
TRP CH2  C Y N 334 
TRP OXT  O N N 335 
TRP H    H N N 336 
TRP H2   H N N 337 
TRP HA   H N N 338 
TRP HB2  H N N 339 
TRP HB3  H N N 340 
TRP HD1  H N N 341 
TRP HE1  H N N 342 
TRP HE3  H N N 343 
TRP HZ2  H N N 344 
TRP HZ3  H N N 345 
TRP HH2  H N N 346 
TRP HXT  H N N 347 
TYR N    N N N 348 
TYR CA   C N S 349 
TYR C    C N N 350 
TYR O    O N N 351 
TYR CB   C N N 352 
TYR CG   C Y N 353 
TYR CD1  C Y N 354 
TYR CD2  C Y N 355 
TYR CE1  C Y N 356 
TYR CE2  C Y N 357 
TYR CZ   C Y N 358 
TYR OH   O N N 359 
TYR OXT  O N N 360 
TYR H    H N N 361 
TYR H2   H N N 362 
TYR HA   H N N 363 
TYR HB2  H N N 364 
TYR HB3  H N N 365 
TYR HD1  H N N 366 
TYR HD2  H N N 367 
TYR HE1  H N N 368 
TYR HE2  H N N 369 
TYR HH   H N N 370 
TYR HXT  H N N 371 
VAL N    N N N 372 
VAL CA   C N S 373 
VAL C    C N N 374 
VAL O    O N N 375 
VAL CB   C N N 376 
VAL CG1  C N N 377 
VAL CG2  C N N 378 
VAL OXT  O N N 379 
VAL H    H N N 380 
VAL H2   H N N 381 
VAL HA   H N N 382 
VAL HB   H N N 383 
VAL HG11 H N N 384 
VAL HG12 H N N 385 
VAL HG13 H N N 386 
VAL HG21 H N N 387 
VAL HG22 H N N 388 
VAL HG23 H N N 389 
VAL HXT  H N N 390 
# 
loop_
_chem_comp_bond.comp_id 
_chem_comp_bond.atom_id_1 
_chem_comp_bond.atom_id_2 
_chem_comp_bond.value_order 
_chem_comp_bond.pdbx_aromatic_flag 
_chem_comp_bond.pdbx_stereo_config 
_chem_comp_bond.pdbx_ordinal 
ALA N   CA   sing N N 1   
ALA N   H    sing N N 2   
ALA N   H2   sing N N 3   
ALA CA  C    sing N N 4   
ALA CA  CB   sing N N 5   
ALA CA  HA   sing N N 6   
ALA C   O    doub N N 7   
ALA C   OXT  sing N N 8   
ALA CB  HB1  sing N N 9   
ALA CB  HB2  sing N N 10  
ALA CB  HB3  sing N N 11  
ALA OXT HXT  sing N N 12  
ARG N   CA   sing N N 13  
ARG N   H    sing N N 14  
ARG N   H2   sing N N 15  
ARG CA  C    sing N N 16  
ARG CA  CB   sing N N 17  
ARG CA  HA   sing N N 18  
ARG C   O    doub N N 19  
ARG C   OXT  sing N N 20  
ARG CB  CG   sing N N 21  
ARG CB  HB2  sing N N 22  
ARG CB  HB3  sing N N 23  
ARG CG  CD   sing N N 24  
ARG CG  HG2  sing N N 25  
ARG CG  HG3  sing N N 26  
ARG CD  NE   sing N N 27  
ARG CD  HD2  sing N N 28  
ARG CD  HD3  sing N N 29  
ARG NE  CZ   sing N N 30  
ARG NE  HE   sing N N 31  
ARG CZ  NH1  sing N N 32  
ARG CZ  NH2  doub N N 33  
ARG NH1 HH11 sing N N 34  
ARG NH1 HH12 sing N N 35  
ARG NH2 HH21 sing N N 36  
ARG NH2 HH22 sing N N 37  
ARG OXT HXT  sing N N 38  
ASN N   CA   sing N N 39  
ASN N   H    sing N N 40  
ASN N   H2   sing N N 41  
ASN CA  C    sing N N 42  
ASN CA  CB   sing N N 43  
ASN CA  HA   sing N N 44  
ASN C   O    doub N N 45  
ASN C   OXT  sing N N 46  
ASN CB  CG   sing N N 47  
ASN CB  HB2  sing N N 48  
ASN CB  HB3  sing N N 49  
ASN CG  OD1  doub N N 50  
ASN CG  ND2  sing N N 51  
ASN ND2 HD21 sing N N 52  
ASN ND2 HD22 sing N N 53  
ASN OXT HXT  sing N N 54  
ASP N   CA   sing N N 55  
ASP N   H    sing N N 56  
ASP N   H2   sing N N 57  
ASP CA  C    sing N N 58  
ASP CA  CB   sing N N 59  
ASP CA  HA   sing N N 60  
ASP C   O    doub N N 61  
ASP C   OXT  sing N N 62  
ASP CB  CG   sing N N 63  
ASP CB  HB2  sing N N 64  
ASP CB  HB3  sing N N 65  
ASP CG  OD1  doub N N 66  
ASP CG  OD2  sing N N 67  
ASP OD2 HD2  sing N N 68  
ASP OXT HXT  sing N N 69  
CYS N   CA   sing N N 70  
CYS N   H    sing N N 71  
CYS N   H2   sing N N 72  
CYS CA  C    sing N N 73  
CYS CA  CB   sing N N 74  
CYS CA  HA   sing N N 75  
CYS C   O    doub N N 76  
CYS C   OXT  sing N N 77  
CYS CB  SG   sing N N 78  
CYS CB  HB2  sing N N 79  
CYS CB  HB3  sing N N 80  
CYS SG  HG   sing N N 81  
CYS OXT HXT  sing N N 82  
GLN N   CA   sing N N 83  
GLN N   H    sing N N 84  
GLN N   H2   sing N N 85  
GLN CA  C    sing N N 86  
GLN CA  CB   sing N N 87  
GLN CA  HA   sing N N 88  
GLN C   O    doub N N 89  
GLN C   OXT  sing N N 90  
GLN CB  CG   sing N N 91  
GLN CB  HB2  sing N N 92  
GLN CB  HB3  sing N N 93  
GLN CG  CD   sing N N 94  
GLN CG  HG2  sing N N 95  
GLN CG  HG3  sing N N 96  
GLN CD  OE1  doub N N 97  
GLN CD  NE2  sing N N 98  
GLN NE2 HE21 sing N N 99  
GLN NE2 HE22 sing N N 100 
GLN OXT HXT  sing N N 101 
GLU N   CA   sing N N 102 
GLU N   H    sing N N 103 
GLU N   H2   sing N N 104 
GLU CA  C    sing N N 105 
GLU CA  CB   sing N N 106 
GLU CA  HA   sing N N 107 
GLU C   O    doub N N 108 
GLU C   OXT  sing N N 109 
GLU CB  CG   sing N N 110 
GLU CB  HB2  sing N N 111 
GLU CB  HB3  sing N N 112 
GLU CG  CD   sing N N 113 
GLU CG  HG2  sing N N 114 
GLU CG  HG3  sing N N 115 
GLU CD  OE1  doub N N 116 
GLU CD  OE2  sing N N 117 
GLU OE2 HE2  sing N N 118 
GLU OXT HXT  sing N N 119 
GLY N   CA   sing N N 120 
GLY N   H    sing N N 121 
GLY N   H2   sing N N 122 
GLY CA  C    sing N N 123 
GLY CA  HA2  sing N N 124 
GLY CA  HA3  sing N N 125 
GLY C   O    doub N N 126 
GLY C   OXT  sing N N 127 
GLY OXT HXT  sing N N 128 
HIS N   CA   sing N N 129 
HIS N   H    sing N N 130 
HIS N   H2   sing N N 131 
HIS CA  C    sing N N 132 
HIS CA  CB   sing N N 133 
HIS CA  HA   sing N N 134 
HIS C   O    doub N N 135 
HIS C   OXT  sing N N 136 
HIS CB  CG   sing N N 137 
HIS CB  HB2  sing N N 138 
HIS CB  HB3  sing N N 139 
HIS CG  ND1  sing Y N 140 
HIS CG  CD2  doub Y N 141 
HIS ND1 CE1  doub Y N 142 
HIS ND1 HD1  sing N N 143 
HIS CD2 NE2  sing Y N 144 
HIS CD2 HD2  sing N N 145 
HIS CE1 NE2  sing Y N 146 
HIS CE1 HE1  sing N N 147 
HIS NE2 HE2  sing N N 148 
HIS OXT HXT  sing N N 149 
HOH O   H1   sing N N 150 
HOH O   H2   sing N N 151 
ILE N   CA   sing N N 152 
ILE N   H    sing N N 153 
ILE N   H2   sing N N 154 
ILE CA  C    sing N N 155 
ILE CA  CB   sing N N 156 
ILE CA  HA   sing N N 157 
ILE C   O    doub N N 158 
ILE C   OXT  sing N N 159 
ILE CB  CG1  sing N N 160 
ILE CB  CG2  sing N N 161 
ILE CB  HB   sing N N 162 
ILE CG1 CD1  sing N N 163 
ILE CG1 HG12 sing N N 164 
ILE CG1 HG13 sing N N 165 
ILE CG2 HG21 sing N N 166 
ILE CG2 HG22 sing N N 167 
ILE CG2 HG23 sing N N 168 
ILE CD1 HD11 sing N N 169 
ILE CD1 HD12 sing N N 170 
ILE CD1 HD13 sing N N 171 
ILE OXT HXT  sing N N 172 
LEU N   CA   sing N N 173 
LEU N   H    sing N N 174 
LEU N   H2   sing N N 175 
LEU CA  C    sing N N 176 
LEU CA  CB   sing N N 177 
LEU CA  HA   sing N N 178 
LEU C   O    doub N N 179 
LEU C   OXT  sing N N 180 
LEU CB  CG   sing N N 181 
LEU CB  HB2  sing N N 182 
LEU CB  HB3  sing N N 183 
LEU CG  CD1  sing N N 184 
LEU CG  CD2  sing N N 185 
LEU CG  HG   sing N N 186 
LEU CD1 HD11 sing N N 187 
LEU CD1 HD12 sing N N 188 
LEU CD1 HD13 sing N N 189 
LEU CD2 HD21 sing N N 190 
LEU CD2 HD22 sing N N 191 
LEU CD2 HD23 sing N N 192 
LEU OXT HXT  sing N N 193 
LYS N   CA   sing N N 194 
LYS N   H    sing N N 195 
LYS N   H2   sing N N 196 
LYS CA  C    sing N N 197 
LYS CA  CB   sing N N 198 
LYS CA  HA   sing N N 199 
LYS C   O    doub N N 200 
LYS C   OXT  sing N N 201 
LYS CB  CG   sing N N 202 
LYS CB  HB2  sing N N 203 
LYS CB  HB3  sing N N 204 
LYS CG  CD   sing N N 205 
LYS CG  HG2  sing N N 206 
LYS CG  HG3  sing N N 207 
LYS CD  CE   sing N N 208 
LYS CD  HD2  sing N N 209 
LYS CD  HD3  sing N N 210 
LYS CE  NZ   sing N N 211 
LYS CE  HE2  sing N N 212 
LYS CE  HE3  sing N N 213 
LYS NZ  HZ1  sing N N 214 
LYS NZ  HZ2  sing N N 215 
LYS NZ  HZ3  sing N N 216 
LYS OXT HXT  sing N N 217 
MET N   CA   sing N N 218 
MET N   H    sing N N 219 
MET N   H2   sing N N 220 
MET CA  C    sing N N 221 
MET CA  CB   sing N N 222 
MET CA  HA   sing N N 223 
MET C   O    doub N N 224 
MET C   OXT  sing N N 225 
MET CB  CG   sing N N 226 
MET CB  HB2  sing N N 227 
MET CB  HB3  sing N N 228 
MET CG  SD   sing N N 229 
MET CG  HG2  sing N N 230 
MET CG  HG3  sing N N 231 
MET SD  CE   sing N N 232 
MET CE  HE1  sing N N 233 
MET CE  HE2  sing N N 234 
MET CE  HE3  sing N N 235 
MET OXT HXT  sing N N 236 
PHE N   CA   sing N N 237 
PHE N   H    sing N N 238 
PHE N   H2   sing N N 239 
PHE CA  C    sing N N 240 
PHE CA  CB   sing N N 241 
PHE CA  HA   sing N N 242 
PHE C   O    doub N N 243 
PHE C   OXT  sing N N 244 
PHE CB  CG   sing N N 245 
PHE CB  HB2  sing N N 246 
PHE CB  HB3  sing N N 247 
PHE CG  CD1  doub Y N 248 
PHE CG  CD2  sing Y N 249 
PHE CD1 CE1  sing Y N 250 
PHE CD1 HD1  sing N N 251 
PHE CD2 CE2  doub Y N 252 
PHE CD2 HD2  sing N N 253 
PHE CE1 CZ   doub Y N 254 
PHE CE1 HE1  sing N N 255 
PHE CE2 CZ   sing Y N 256 
PHE CE2 HE2  sing N N 257 
PHE CZ  HZ   sing N N 258 
PHE OXT HXT  sing N N 259 
PRO N   CA   sing N N 260 
PRO N   CD   sing N N 261 
PRO N   H    sing N N 262 
PRO CA  C    sing N N 263 
PRO CA  CB   sing N N 264 
PRO CA  HA   sing N N 265 
PRO C   O    doub N N 266 
PRO C   OXT  sing N N 267 
PRO CB  CG   sing N N 268 
PRO CB  HB2  sing N N 269 
PRO CB  HB3  sing N N 270 
PRO CG  CD   sing N N 271 
PRO CG  HG2  sing N N 272 
PRO CG  HG3  sing N N 273 
PRO CD  HD2  sing N N 274 
PRO CD  HD3  sing N N 275 
PRO OXT HXT  sing N N 276 
SER N   CA   sing N N 277 
SER N   H    sing N N 278 
SER N   H2   sing N N 279 
SER CA  C    sing N N 280 
SER CA  CB   sing N N 281 
SER CA  HA   sing N N 282 
SER C   O    doub N N 283 
SER C   OXT  sing N N 284 
SER CB  OG   sing N N 285 
SER CB  HB2  sing N N 286 
SER CB  HB3  sing N N 287 
SER OG  HG   sing N N 288 
SER OXT HXT  sing N N 289 
THR N   CA   sing N N 290 
THR N   H    sing N N 291 
THR N   H2   sing N N 292 
THR CA  C    sing N N 293 
THR CA  CB   sing N N 294 
THR CA  HA   sing N N 295 
THR C   O    doub N N 296 
THR C   OXT  sing N N 297 
THR CB  OG1  sing N N 298 
THR CB  CG2  sing N N 299 
THR CB  HB   sing N N 300 
THR OG1 HG1  sing N N 301 
THR CG2 HG21 sing N N 302 
THR CG2 HG22 sing N N 303 
THR CG2 HG23 sing N N 304 
THR OXT HXT  sing N N 305 
TRP N   CA   sing N N 306 
TRP N   H    sing N N 307 
TRP N   H2   sing N N 308 
TRP CA  C    sing N N 309 
TRP CA  CB   sing N N 310 
TRP CA  HA   sing N N 311 
TRP C   O    doub N N 312 
TRP C   OXT  sing N N 313 
TRP CB  CG   sing N N 314 
TRP CB  HB2  sing N N 315 
TRP CB  HB3  sing N N 316 
TRP CG  CD1  doub Y N 317 
TRP CG  CD2  sing Y N 318 
TRP CD1 NE1  sing Y N 319 
TRP CD1 HD1  sing N N 320 
TRP CD2 CE2  doub Y N 321 
TRP CD2 CE3  sing Y N 322 
TRP NE1 CE2  sing Y N 323 
TRP NE1 HE1  sing N N 324 
TRP CE2 CZ2  sing Y N 325 
TRP CE3 CZ3  doub Y N 326 
TRP CE3 HE3  sing N N 327 
TRP CZ2 CH2  doub Y N 328 
TRP CZ2 HZ2  sing N N 329 
TRP CZ3 CH2  sing Y N 330 
TRP CZ3 HZ3  sing N N 331 
TRP CH2 HH2  sing N N 332 
TRP OXT HXT  sing N N 333 
TYR N   CA   sing N N 334 
TYR N   H    sing N N 335 
TYR N   H2   sing N N 336 
TYR CA  C    sing N N 337 
TYR CA  CB   sing N N 338 
TYR CA  HA   sing N N 339 
TYR C   O    doub N N 340 
TYR C   OXT  sing N N 341 
TYR CB  CG   sing N N 342 
TYR CB  HB2  sing N N 343 
TYR CB  HB3  sing N N 344 
TYR CG  CD1  doub Y N 345 
TYR CG  CD2  sing Y N 346 
TYR CD1 CE1  sing Y N 347 
TYR CD1 HD1  sing N N 348 
TYR CD2 CE2  doub Y N 349 
TYR CD2 HD2  sing N N 350 
TYR CE1 CZ   doub Y N 351 
TYR CE1 HE1  sing N N 352 
TYR CE2 CZ   sing Y N 353 
TYR CE2 HE2  sing N N 354 
TYR CZ  OH   sing N N 355 
TYR OH  HH   sing N N 356 
TYR OXT HXT  sing N N 357 
VAL N   CA   sing N N 358 
VAL N   H    sing N N 359 
VAL N   H2   sing N N 360 
VAL CA  C    sing N N 361 
VAL CA  CB   sing N N 362 
VAL CA  HA   sing N N 363 
VAL C   O    doub N N 364 
VAL C   OXT  sing N N 365 
VAL CB  CG1  sing N N 366 
VAL CB  CG2  sing N N 367 
VAL CB  HB   sing N N 368 
VAL CG1 HG11 sing N N 369 
VAL CG1 HG12 sing N N 370 
VAL CG1 HG13 sing N N 371 
VAL CG2 HG21 sing N N 372 
VAL CG2 HG22 sing N N 373 
VAL CG2 HG23 sing N N 374 
VAL OXT HXT  sing N N 375 
# 
_pdbx_audit_support.funding_organization   'European Research Council (ERC)' 
_pdbx_audit_support.country                'European Union' 
_pdbx_audit_support.grant_number           'ERC-AdG GA 101018520' 
_pdbx_audit_support.ordinal                1 
# 
_pdbx_initial_refinement_model.id               1 
_pdbx_initial_refinement_model.entity_id_list   ? 
_pdbx_initial_refinement_model.type             'in silico model' 
_pdbx_initial_refinement_model.source_name      AlphaFold 
_pdbx_initial_refinement_model.accession_code   ? 
_pdbx_initial_refinement_model.details          ? 
# 
_atom_sites.entry_id                    9FRR 
_atom_sites.Cartn_transf_matrix[1][1]   ? 
_atom_sites.Cartn_transf_matrix[1][2]   ? 
_atom_sites.Cartn_transf_matrix[1][3]   ? 
_atom_sites.Cartn_transf_matrix[2][1]   ? 
_atom_sites.Cartn_transf_matrix[2][2]   ? 
_atom_sites.Cartn_transf_matrix[2][3]   ? 
_atom_sites.Cartn_transf_matrix[3][1]   ? 
_atom_sites.Cartn_transf_matrix[3][2]   ? 
_atom_sites.Cartn_transf_matrix[3][3]   ? 
_atom_sites.Cartn_transf_vector[1]      ? 
_atom_sites.Cartn_transf_vector[2]      ? 
_atom_sites.Cartn_transf_vector[3]      ? 
_atom_sites.Cartn_transform_axes        ? 
_atom_sites.fract_transf_matrix[1][1]   0.00785796 
_atom_sites.fract_transf_matrix[1][2]   0.01802333 
_atom_sites.fract_transf_matrix[1][3]   -0.00204103 
_atom_sites.fract_transf_matrix[2][1]   0.01841218 
_atom_sites.fract_transf_matrix[2][2]   0.00352365 
_atom_sites.fract_transf_matrix[2][3]   0.00627289 
_atom_sites.fract_transf_matrix[3][1]   0.00290988 
_atom_sites.fract_transf_matrix[3][2]   -0.00210218 
_atom_sites.fract_transf_matrix[3][3]   -0.00736024 
_atom_sites.fract_transf_vector[1]      0.240471 
_atom_sites.fract_transf_vector[2]      -0.305046 
_atom_sites.fract_transf_vector[3]      0.079876 
_atom_sites.solution_primary            ? 
_atom_sites.solution_secondary          ? 
_atom_sites.solution_hydrogens          ? 
_atom_sites.special_details             ? 
# 
loop_
_atom_type.symbol 
C 
N 
O 
S 
# 
loop_
_atom_site.group_PDB 
_atom_site.id 
_atom_site.type_symbol 
_atom_site.label_atom_id 
_atom_site.label_alt_id 
_atom_site.label_comp_id 
_atom_site.label_asym_id 
_atom_site.label_entity_id 
_atom_site.label_seq_id 
_atom_site.pdbx_PDB_ins_code 
_atom_site.Cartn_x 
_atom_site.Cartn_y 
_atom_site.Cartn_z 
_atom_site.occupancy 
_atom_site.B_iso_or_equiv 
_atom_site.pdbx_formal_charge 
_atom_site.auth_seq_id 
_atom_site.auth_comp_id 
_atom_site.auth_asym_id 
_atom_site.auth_atom_id 
_atom_site.pdbx_PDB_model_num 
ATOM   1    N N   . ALA A 1 4  ? 22.237  -0.150  -8.630  1.00 39.14 ? 4   ALA A N   1 
ATOM   2    C CA  . ALA A 1 4  ? 23.159  -0.780  -9.565  1.00 36.37 ? 4   ALA A CA  1 
ATOM   3    C C   . ALA A 1 4  ? 22.427  -1.227  -10.830 1.00 29.33 ? 4   ALA A C   1 
ATOM   4    O O   . ALA A 1 4  ? 22.334  -0.488  -11.809 1.00 38.24 ? 4   ALA A O   1 
ATOM   5    C CB  . ALA A 1 4  ? 23.858  -1.965  -8.905  1.00 36.41 ? 4   ALA A CB  1 
ATOM   6    N N   . ASP A 1 5  ? 21.918  -2.451  -10.796 1.00 33.69 ? 5   ASP A N   1 
ATOM   7    C CA  . ASP A 1 5  ? 21.151  -3.022  -11.896 1.00 24.29 ? 5   ASP A CA  1 
ATOM   8    C C   . ASP A 1 5  ? 19.676  -2.726  -11.644 1.00 23.24 ? 5   ASP A C   1 
ATOM   9    O O   . ASP A 1 5  ? 19.060  -3.332  -10.765 1.00 23.95 ? 5   ASP A O   1 
ATOM   10   C CB  . ASP A 1 5  ? 21.418  -4.524  -11.981 1.00 30.63 ? 5   ASP A CB  1 
ATOM   11   C CG  . ASP A 1 5  ? 20.581  -5.222  -13.036 1.00 30.95 ? 5   ASP A CG  1 
ATOM   12   O OD1 . ASP A 1 5  ? 19.869  -4.547  -13.809 1.00 24.42 ? 5   ASP A OD1 1 
ATOM   13   O OD2 . ASP A 1 5  ? 20.653  -6.468  -13.099 1.00 31.78 ? 5   ASP A OD2 1 
ATOM   14   N N   . TYR A 1 6  ? 19.103  -1.800  -12.416 1.00 19.38 ? 6   TYR A N   1 
ATOM   15   C CA  . TYR A 1 6  ? 17.710  -1.409  -12.233 1.00 14.89 ? 6   TYR A CA  1 
ATOM   16   C C   . TYR A 1 6  ? 16.781  -2.108  -13.223 1.00 15.70 ? 6   TYR A C   1 
ATOM   17   O O   . TYR A 1 6  ? 15.702  -1.592  -13.538 1.00 16.22 ? 6   TYR A O   1 
ATOM   18   C CB  . TYR A 1 6  ? 17.572  0.107   -12.331 1.00 13.87 ? 6   TYR A CB  1 
ATOM   19   C CG  . TYR A 1 6  ? 18.073  0.854   -11.113 1.00 15.32 ? 6   TYR A CG  1 
ATOM   20   C CD1 . TYR A 1 6  ? 17.456  0.693   -9.872  1.00 13.90 ? 6   TYR A CD1 1 
ATOM   21   C CD2 . TYR A 1 6  ? 19.144  1.731   -11.198 1.00 18.18 ? 6   TYR A CD2 1 
ATOM   22   C CE1 . TYR A 1 6  ? 17.903  1.383   -8.753  1.00 15.80 ? 6   TYR A CE1 1 
ATOM   23   C CE2 . TYR A 1 6  ? 19.594  2.428   -10.089 1.00 19.38 ? 6   TYR A CE2 1 
ATOM   24   C CZ  . TYR A 1 6  ? 18.969  2.247   -8.866  1.00 21.77 ? 6   TYR A CZ  1 
ATOM   25   O OH  . TYR A 1 6  ? 19.415  2.940   -7.755  1.00 22.31 ? 6   TYR A OH  1 
ATOM   26   N N   . SER A 1 7  ? 17.173  -3.293  -13.699 1.00 14.90 ? 7   SER A N   1 
ATOM   27   C CA  . SER A 1 7  ? 16.376  -4.019  -14.688 1.00 13.32 ? 7   SER A CA  1 
ATOM   28   C C   . SER A 1 7  ? 14.933  -4.216  -14.236 1.00 13.30 ? 7   SER A C   1 
ATOM   29   O O   . SER A 1 7  ? 14.002  -4.082  -15.038 1.00 13.89 ? 7   SER A O   1 
ATOM   30   C CB  . SER A 1 7  ? 17.010  -5.377  -14.975 1.00 19.67 ? 7   SER A CB  1 
ATOM   31   O OG  . SER A 1 7  ? 18.200  -5.234  -15.721 1.00 21.01 ? 7   SER A OG  1 
ATOM   32   N N   . ARG A 1 8  ? 14.727  -4.538  -12.955 1.00 14.95 ? 8   ARG A N   1 
ATOM   33   C CA  . ARG A 1 8  ? 13.380  -4.851  -12.491 1.00 14.30 ? 8   ARG A CA  1 
ATOM   34   C C   . ARG A 1 8  ? 12.537  -3.588  -12.354 1.00 11.85 ? 8   ARG A C   1 
ATOM   35   O O   . ARG A 1 8  ? 11.351  -3.590  -12.699 1.00 14.86 ? 8   ARG A O   1 
ATOM   36   C CB  . ARG A 1 8  ? 13.442  -5.629  -11.175 1.00 18.28 ? 8   ARG A CB  1 
ATOM   37   C CG  . ARG A 1 8  ? 14.038  -7.019  -11.373 1.00 21.58 ? 8   ARG A CG  1 
ATOM   38   C CD  . ARG A 1 8  ? 14.051  -7.835  -10.100 1.00 26.23 ? 8   ARG A CD  1 
ATOM   39   N NE  . ARG A 1 8  ? 14.816  -7.181  -9.047  1.00 30.03 ? 8   ARG A NE  1 
ATOM   40   N N   . ALA A 1 9  ? 13.134  -2.496  -11.874 1.00 13.62 ? 9   ALA A N   1 
ATOM   41   C CA  . ALA A 1 9  ? 12.411  -1.229  -11.824 1.00 12.04 ? 9   ALA A CA  1 
ATOM   42   C C   . ALA A 1 9  ? 12.059  -0.756  -13.223 1.00 10.90 ? 9   ALA A C   1 
ATOM   43   O O   . ALA A 1 9  ? 10.947  -0.273  -13.476 1.00 11.88 ? 9   ALA A O   1 
ATOM   44   C CB  . ALA A 1 9  ? 13.256  -0.174  -11.109 1.00 13.38 ? 9   ALA A CB  1 
ATOM   45   N N   . GLU A 1 10 ? 13.006  -0.899  -14.150 1.00 12.33 ? 10  GLU A N   1 
ATOM   46   C CA  . GLU A 1 10 ? 12.781  -0.500  -15.534 1.00 10.14 ? 10  GLU A CA  1 
ATOM   47   C C   . GLU A 1 10 ? 11.657  -1.310  -16.167 1.00 9.78  ? 10  GLU A C   1 
ATOM   48   O O   . GLU A 1 10 ? 10.819  -0.765  -16.898 1.00 10.49 ? 10  GLU A O   1 
ATOM   49   C CB  . GLU A 1 10 ? 14.102  -0.679  -16.288 1.00 13.15 ? 10  GLU A CB  1 
ATOM   50   C CG  . GLU A 1 10 ? 14.053  -0.686  -17.778 1.00 14.28 ? 10  GLU A CG  1 
ATOM   51   C CD  . GLU A 1 10 ? 15.425  -1.025  -18.342 1.00 15.59 ? 10  GLU A CD  1 
ATOM   52   O OE1 . GLU A 1 10 ? 16.323  -0.162  -18.269 1.00 15.12 ? 10  GLU A OE1 1 
ATOM   53   O OE2 . GLU A 1 10 ? 15.612  -2.166  -18.809 1.00 17.26 ? 10  GLU A OE2 1 
ATOM   54   N N   . ALA A 1 11 ? 11.612  -2.613  -15.884 1.00 12.76 ? 11  ALA A N   1 
ATOM   55   C CA  . ALA A 1 11 ? 10.562  -3.451  -16.461 1.00 12.91 ? 11  ALA A CA  1 
ATOM   56   C C   . ALA A 1 11 ? 9.187   -3.060  -15.935 1.00 11.16 ? 11  ALA A C   1 
ATOM   57   O O   . ALA A 1 11 ? 8.206   -3.057  -16.686 1.00 12.11 ? 11  ALA A O   1 
ATOM   58   C CB  . ALA A 1 11 ? 10.839  -4.925  -16.168 1.00 15.93 ? 11  ALA A CB  1 
ATOM   59   N N   . LEU A 1 12 ? 9.085   -2.760  -14.640 1.00 11.11 ? 12  LEU A N   1 
ATOM   60   C CA  . LEU A 1 12 ? 7.801   -2.321  -14.109 1.00 9.26  ? 12  LEU A CA  1 
ATOM   61   C C   . LEU A 1 12 ? 7.393   -0.982  -14.715 1.00 9.56  ? 12  LEU A C   1 
ATOM   62   O O   . LEU A 1 12 ? 6.215   -0.763  -15.016 1.00 10.66 ? 12  LEU A O   1 
ATOM   63   C CB  . LEU A 1 12 ? 7.874   -2.232  -12.582 1.00 10.78 ? 12  LEU A CB  1 
ATOM   64   C CG  . LEU A 1 12 ? 6.567   -1.860  -11.880 1.00 11.45 ? 12  LEU A CG  1 
ATOM   65   C CD1 . LEU A 1 12 ? 5.516   -2.924  -12.143 1.00 13.05 ? 12  LEU A CD1 1 
ATOM   66   C CD2 . LEU A 1 12 ? 6.784   -1.677  -10.384 1.00 12.84 ? 12  LEU A CD2 1 
ATOM   67   N N   . ALA A 1 13 ? 8.361   -0.083  -14.914 1.00 9.55  ? 13  ALA A N   1 
ATOM   68   C CA  . ALA A 1 13 ? 8.062   1.208   -15.527 1.00 10.53 ? 13  ALA A CA  1 
ATOM   69   C C   . ALA A 1 13 ? 7.463   1.031   -16.916 1.00 10.28 ? 13  ALA A C   1 
ATOM   70   O O   . ALA A 1 13 ? 6.516   1.734   -17.291 1.00 12.74 ? 13  ALA A O   1 
ATOM   71   C CB  . ALA A 1 13 ? 9.332   2.054   -15.592 1.00 10.87 ? 13  ALA A CB  1 
ATOM   72   N N   . ALA A 1 14 ? 8.007   0.094   -17.699 1.00 10.08 ? 14  ALA A N   1 
ATOM   73   C CA  . ALA A 1 14 ? 7.497   -0.120  -19.048 1.00 10.10 ? 14  ALA A CA  1 
ATOM   74   C C   . ALA A 1 14 ? 6.165   -0.851  -19.034 1.00 11.92 ? 14  ALA A C   1 
ATOM   75   O O   . ALA A 1 14 ? 5.289   -0.567  -19.859 1.00 12.07 ? 14  ALA A O   1 
ATOM   76   C CB  . ALA A 1 14 ? 8.519   -0.907  -19.869 1.00 11.84 ? 14  ALA A CB  1 
ATOM   77   N N   . TRP A 1 15 ? 5.987   -1.768  -18.084 1.00 11.19 ? 15  TRP A N   1 
ATOM   78   C CA  . TRP A 1 15 ? 4.817   -2.635  -18.081 1.00 10.29 ? 15  TRP A CA  1 
ATOM   79   C C   . TRP A 1 15 ? 3.548   -1.876  -17.700 1.00 10.19 ? 15  TRP A C   1 
ATOM   80   O O   . TRP A 1 15 ? 2.482   -2.114  -18.279 1.00 10.50 ? 15  TRP A O   1 
ATOM   81   C CB  . TRP A 1 15 ? 5.062   -3.797  -17.117 1.00 10.43 ? 15  TRP A CB  1 
ATOM   82   C CG  . TRP A 1 15 ? 3.918   -4.749  -16.977 1.00 10.63 ? 15  TRP A CG  1 
ATOM   83   C CD1 . TRP A 1 15 ? 3.733   -5.914  -17.664 1.00 11.98 ? 15  TRP A CD1 1 
ATOM   84   C CD2 . TRP A 1 15 ? 2.809   -4.634  -16.073 1.00 10.01 ? 15  TRP A CD2 1 
ATOM   85   N NE1 . TRP A 1 15 ? 2.573   -6.529  -17.249 1.00 14.09 ? 15  TRP A NE1 1 
ATOM   86   C CE2 . TRP A 1 15 ? 1.983   -5.761  -16.279 1.00 12.27 ? 15  TRP A CE2 1 
ATOM   87   C CE3 . TRP A 1 15 ? 2.434   -3.685  -15.107 1.00 10.37 ? 15  TRP A CE3 1 
ATOM   88   C CZ2 . TRP A 1 15 ? 0.801   -5.968  -15.559 1.00 11.35 ? 15  TRP A CZ2 1 
ATOM   89   C CZ3 . TRP A 1 15 ? 1.263   -3.886  -14.399 1.00 12.06 ? 15  TRP A CZ3 1 
ATOM   90   C CH2 . TRP A 1 15 ? 0.459   -5.023  -14.625 1.00 12.18 ? 15  TRP A CH2 1 
ATOM   91   N N   . THR A 1 16 ? 3.632   -0.961  -16.735 1.00 10.40 ? 16  THR A N   1 
ATOM   92   C CA  . THR A 1 16 ? 2.409   -0.410  -16.169 1.00 9.88  ? 16  THR A CA  1 
ATOM   93   C C   . THR A 1 16 ? 1.728   0.567   -17.119 1.00 11.22 ? 16  THR A C   1 
ATOM   94   O O   . THR A 1 16 ? 2.373   1.321   -17.856 1.00 12.38 ? 16  THR A O   1 
ATOM   95   C CB  . THR A 1 16 ? 2.676   0.264   -14.816 1.00 10.13 ? 16  THR A CB  1 
ATOM   96   O OG1 . THR A 1 16 ? 1.426   0.682   -14.247 1.00 11.06 ? 16  THR A OG1 1 
ATOM   97   C CG2 . THR A 1 16 ? 3.609   1.478   -14.935 1.00 10.53 ? 16  THR A CG2 1 
ATOM   98   N N   . ARG A 1 17 ? 0.401   0.535   -17.099 1.00 11.26 ? 17  ARG A N   1 
ATOM   99   C CA  . ARG A 1 17 ? -0.414  1.464   -17.864 1.00 12.82 ? 17  ARG A CA  1 
ATOM   100  C C   . ARG A 1 17 ? -1.043  2.524   -16.972 1.00 12.80 ? 17  ARG A C   1 
ATOM   101  O O   . ARG A 1 17 ? -1.841  3.336   -17.453 1.00 15.44 ? 17  ARG A O   1 
ATOM   102  C CB  . ARG A 1 17 ? -1.493  0.701   -18.633 1.00 15.26 ? 17  ARG A CB  1 
ATOM   103  C CG  . ARG A 1 17 ? -0.907  -0.241  -19.669 1.00 19.35 ? 17  ARG A CG  1 
ATOM   104  C CD  . ARG A 1 17 ? -1.928  -1.257  -20.116 1.00 33.52 ? 17  ARG A CD  1 
ATOM   105  N NE  . ARG A 1 17 ? -1.539  -1.862  -21.383 1.00 32.21 ? 17  ARG A NE  1 
ATOM   106  C CZ  . ARG A 1 17 ? -2.242  -2.800  -22.004 1.00 36.44 ? 17  ARG A CZ  1 
ATOM   107  N NH1 . ARG A 1 17 ? -1.813  -3.293  -23.158 1.00 42.27 ? 17  ARG A NH1 1 
ATOM   108  N NH2 . ARG A 1 17 ? -3.373  -3.241  -21.470 1.00 39.46 ? 17  ARG A NH2 1 
ATOM   109  N N   . LEU A 1 18 ? -0.702  2.537   -15.686 1.00 11.37 ? 18  LEU A N   1 
ATOM   110  C CA  . LEU A 1 18 ? -1.279  3.512   -14.778 1.00 11.67 ? 18  LEU A CA  1 
ATOM   111  C C   . LEU A 1 18 ? -0.712  4.907   -15.016 1.00 12.57 ? 18  LEU A C   1 
ATOM   112  O O   . LEU A 1 18 ? 0.415   5.082   -15.489 1.00 13.36 ? 18  LEU A O   1 
ATOM   113  C CB  . LEU A 1 18 ? -1.019  3.116   -13.325 1.00 10.78 ? 18  LEU A CB  1 
ATOM   114  C CG  . LEU A 1 18 ? -1.578  1.776   -12.870 1.00 11.39 ? 18  LEU A CG  1 
ATOM   115  C CD1 . LEU A 1 18 ? -1.179  1.510   -11.407 1.00 12.60 ? 18  LEU A CD1 1 
ATOM   116  C CD2 . LEU A 1 18 ? -3.089  1.755   -13.044 1.00 15.84 ? 18  LEU A CD2 1 
ATOM   117  N N   . SER A 1 19 ? -1.514  5.906   -14.658 1.00 12.22 ? 19  SER A N   1 
ATOM   118  C CA  . SER A 1 19 ? -1.097  7.290   -14.704 1.00 14.98 ? 19  SER A CA  1 
ATOM   119  C C   . SER A 1 19 ? -0.090  7.583   -13.592 1.00 12.87 ? 19  SER A C   1 
ATOM   120  O O   . SER A 1 19 ? 0.022   6.850   -12.607 1.00 13.85 ? 19  SER A O   1 
ATOM   121  C CB  . SER A 1 19 ? -2.315  8.204   -14.558 1.00 16.31 ? 19  SER A CB  1 
ATOM   122  O OG  . SER A 1 19 ? -2.887  8.063   -13.267 1.00 17.58 ? 19  SER A OG  1 
ATOM   123  N N   . ASP A 1 20 ? 0.649   8.682   -13.765 1.00 13.93 ? 20  ASP A N   1 
ATOM   124  C CA  . ASP A 1 20 ? 1.539   9.133   -12.694 1.00 14.87 ? 20  ASP A CA  1 
ATOM   125  C C   . ASP A 1 20 ? 0.777   9.333   -11.392 1.00 16.73 ? 20  ASP A C   1 
ATOM   126  O O   . ASP A 1 20 ? 1.318   9.087   -10.305 1.00 14.80 ? 20  ASP A O   1 
ATOM   127  C CB  . ASP A 1 20 ? 2.246   10.430  -13.093 1.00 15.32 ? 20  ASP A CB  1 
ATOM   128  C CG  . ASP A 1 20 ? 3.360   10.207  -14.090 1.00 18.35 ? 20  ASP A CG  1 
ATOM   129  O OD1 . ASP A 1 20 ? 3.718   9.038   -14.336 1.00 18.93 ? 20  ASP A OD1 1 
ATOM   130  O OD2 . ASP A 1 20 ? 3.882   11.206  -14.634 1.00 23.98 ? 20  ASP A OD2 1 
ATOM   131  N N   . GLU A 1 21 ? -0.475  9.802   -11.471 1.00 15.69 ? 21  GLU A N   1 
ATOM   132  C CA  . GLU A 1 21 ? -1.247  10.029  -10.251 1.00 15.20 ? 21  GLU A CA  1 
ATOM   133  C C   . GLU A 1 21 ? -1.496  8.723   -9.506  1.00 15.59 ? 21  GLU A C   1 
ATOM   134  O O   . GLU A 1 21 ? -1.313  8.643   -8.287  1.00 15.01 ? 21  GLU A O   1 
ATOM   135  C CB  . GLU A 1 21 ? -2.574  10.719  -10.579 1.00 20.76 ? 21  GLU A CB  1 
ATOM   136  C CG  . GLU A 1 21 ? -3.464  10.900  -9.361  1.00 27.73 ? 21  GLU A CG  1 
ATOM   137  C CD  . GLU A 1 21 ? -4.870  11.355  -9.711  1.00 39.02 ? 21  GLU A CD  1 
ATOM   138  O OE1 . GLU A 1 21 ? -5.506  12.017  -8.862  1.00 40.96 ? 21  GLU A OE1 1 
ATOM   139  O OE2 . GLU A 1 21 ? -5.343  11.047  -10.827 1.00 41.24 ? 21  GLU A OE2 1 
ATOM   140  N N   . PHE A 1 22 ? -1.906  7.677   -10.225 1.00 14.40 ? 22  PHE A N   1 
ATOM   141  C CA  . PHE A 1 22 ? -2.163  6.405   -9.569  1.00 14.59 ? 22  PHE A CA  1 
ATOM   142  C C   . PHE A 1 22 ? -0.868  5.770   -9.073  1.00 12.58 ? 22  PHE A C   1 
ATOM   143  O O   . PHE A 1 22 ? -0.858  5.129   -8.016  1.00 13.62 ? 22  PHE A O   1 
ATOM   144  C CB  . PHE A 1 22 ? -2.908  5.462   -10.520 1.00 15.16 ? 22  PHE A CB  1 
ATOM   145  C CG  . PHE A 1 22 ? -4.399  5.672   -10.533 1.00 19.96 ? 22  PHE A CG  1 
ATOM   146  C CD1 . PHE A 1 22 ? -4.940  6.942   -10.381 1.00 24.70 ? 22  PHE A CD1 1 
ATOM   147  C CD2 . PHE A 1 22 ? -5.263  4.595   -10.684 1.00 24.24 ? 22  PHE A CD2 1 
ATOM   148  C CE1 . PHE A 1 22 ? -6.314  7.132   -10.386 1.00 29.56 ? 22  PHE A CE1 1 
ATOM   149  C CE2 . PHE A 1 22 ? -6.640  4.782   -10.690 1.00 23.75 ? 22  PHE A CE2 1 
ATOM   150  C CZ  . PHE A 1 22 ? -7.162  6.046   -10.542 1.00 23.90 ? 22  PHE A CZ  1 
ATOM   151  N N   . ILE A 1 23 ? 0.230   5.921   -9.824  1.00 10.09 ? 23  ILE A N   1 
ATOM   152  C CA  . ILE A 1 23 ? 1.513   5.393   -9.357  1.00 9.58  ? 23  ILE A CA  1 
ATOM   153  C C   . ILE A 1 23 ? 1.938   6.113   -8.088  1.00 11.87 ? 23  ILE A C   1 
ATOM   154  O O   . ILE A 1 23 ? 2.389   5.487   -7.119  1.00 10.44 ? 23  ILE A O   1 
ATOM   155  C CB  . ILE A 1 23 ? 2.577   5.507   -10.465 1.00 10.02 ? 23  ILE A CB  1 
ATOM   156  C CG1 . ILE A 1 23 ? 2.215   4.569   -11.613 1.00 10.51 ? 23  ILE A CG1 1 
ATOM   157  C CG2 . ILE A 1 23 ? 3.982   5.203   -9.914  1.00 12.29 ? 23  ILE A CG2 1 
ATOM   158  C CD1 . ILE A 1 23 ? 3.083   4.745   -12.840 1.00 10.32 ? 23  ILE A CD1 1 
ATOM   159  N N   . GLY A 1 24 ? 1.796   7.439   -8.075  1.00 10.86 ? 24  GLY A N   1 
ATOM   160  C CA  . GLY A 1 24 ? 2.108   8.197   -6.871  1.00 13.56 ? 24  GLY A CA  1 
ATOM   161  C C   . GLY A 1 24 ? 1.255   7.784   -5.691  1.00 15.35 ? 24  GLY A C   1 
ATOM   162  O O   . GLY A 1 24 ? 1.749   7.663   -4.568  1.00 14.41 ? 24  GLY A O   1 
ATOM   163  N N   . ASN A 1 25 ? -0.036  7.531   -5.928  1.00 13.51 ? 25  ASN A N   1 
ATOM   164  C CA  . ASN A 1 25 ? -0.891  7.078   -4.834  1.00 14.29 ? 25  ASN A CA  1 
ATOM   165  C C   . ASN A 1 25 ? -0.435  5.729   -4.287  1.00 13.59 ? 25  ASN A C   1 
ATOM   166  O O   . ASN A 1 25 ? -0.438  5.517   -3.070  1.00 14.85 ? 25  ASN A O   1 
ATOM   167  C CB  . ASN A 1 25 ? -2.348  6.995   -5.284  1.00 16.41 ? 25  ASN A CB  1 
ATOM   168  C CG  . ASN A 1 25 ? -2.956  8.350   -5.538  1.00 19.83 ? 25  ASN A CG  1 
ATOM   169  O OD1 . ASN A 1 25 ? -2.398  9.382   -5.158  1.00 23.24 ? 25  ASN A OD1 1 
ATOM   170  N ND2 . ASN A 1 25 ? -4.117  8.357   -6.195  1.00 23.11 ? 25  ASN A ND2 1 
ATOM   171  N N   . CYS A 1 26 ? -0.032  4.805   -5.163  1.00 10.71 ? 26  CYS A N   1 
ATOM   172  C CA  . CYS A 1 26 ? 0.524   3.538   -4.708  1.00 10.34 ? 26  CYS A CA  1 
ATOM   173  C C   . CYS A 1 26 ? 1.774   3.761   -3.878  1.00 14.05 ? 26  CYS A C   1 
ATOM   174  O O   . CYS A 1 26 ? 1.968   3.114   -2.842  1.00 11.88 ? 26  CYS A O   1 
ATOM   175  C CB  . CYS A 1 26 ? 0.884   2.659   -5.899  1.00 12.77 ? 26  CYS A CB  1 
ATOM   176  S SG  . CYS A 1 26 ? -0.530  2.030   -6.805  1.00 14.29 ? 26  CYS A SG  1 
ATOM   177  N N   . TYR A 1 27 ? 2.659   4.641   -4.359  1.00 10.80 ? 27  TYR A N   1 
ATOM   178  C CA  . TYR A 1 27 ? 3.921   4.880   -3.674  1.00 11.26 ? 27  TYR A CA  1 
ATOM   179  C C   . TYR A 1 27 ? 3.676   5.435   -2.277  1.00 11.10 ? 27  TYR A C   1 
ATOM   180  O O   . TYR A 1 27 ? 4.300   4.986   -1.305  1.00 13.37 ? 27  TYR A O   1 
ATOM   181  C CB  . TYR A 1 27 ? 4.786   5.834   -4.506  1.00 12.18 ? 27  TYR A CB  1 
ATOM   182  C CG  . TYR A 1 27 ? 6.184   6.038   -3.947  1.00 11.84 ? 27  TYR A CG  1 
ATOM   183  C CD1 . TYR A 1 27 ? 6.411   6.922   -2.896  1.00 11.81 ? 27  TYR A CD1 1 
ATOM   184  C CD2 . TYR A 1 27 ? 7.267   5.342   -4.460  1.00 11.28 ? 27  TYR A CD2 1 
ATOM   185  C CE1 . TYR A 1 27 ? 7.680   7.107   -2.367  1.00 12.18 ? 27  TYR A CE1 1 
ATOM   186  C CE2 . TYR A 1 27 ? 8.560   5.525   -3.931  1.00 10.35 ? 27  TYR A CE2 1 
ATOM   187  C CZ  . TYR A 1 27 ? 8.745   6.409   -2.888  1.00 12.21 ? 27  TYR A CZ  1 
ATOM   188  O OH  . TYR A 1 27 ? 10.007  6.586   -2.370  1.00 11.65 ? 27  TYR A OH  1 
ATOM   189  N N   . VAL A 1 28 ? 2.759   6.397   -2.155  1.00 11.04 ? 28  VAL A N   1 
ATOM   190  C CA  . VAL A 1 28 ? 2.452   6.959   -0.837  1.00 10.17 ? 28  VAL A CA  1 
ATOM   191  C C   . VAL A 1 28 ? 2.001   5.866   0.114   1.00 12.05 ? 28  VAL A C   1 
ATOM   192  O O   . VAL A 1 28 ? 2.400   5.835   1.288   1.00 14.81 ? 28  VAL A O   1 
ATOM   193  C CB  . VAL A 1 28 ? 1.392   8.064   -0.948  1.00 11.52 ? 28  VAL A CB  1 
ATOM   194  C CG1 . VAL A 1 28 ? 0.954   8.506   0.456   1.00 12.68 ? 28  VAL A CG1 1 
ATOM   195  C CG2 . VAL A 1 28 ? 1.937   9.230   -1.727  1.00 12.12 ? 28  VAL A CG2 1 
ATOM   196  N N   . SER A 1 29 ? 1.184   4.937   -0.378  1.00 12.04 ? 29  SER A N   1 
ATOM   197  C CA  . SER A 1 29 ? 0.643   3.905   0.499   1.00 13.01 ? 29  SER A CA  1 
ATOM   198  C C   . SER A 1 29 ? 1.724   2.938   0.963   1.00 13.75 ? 29  SER A C   1 
ATOM   199  O O   . SER A 1 29 ? 1.752   2.553   2.135   1.00 14.03 ? 29  SER A O   1 
ATOM   200  C CB  . SER A 1 29 ? -0.482  3.161   -0.220  1.00 14.54 ? 29  SER A CB  1 
ATOM   201  O OG  . SER A 1 29 ? -1.666  3.951   -0.178  1.00 14.74 ? 29  SER A OG  1 
ATOM   202  N N   . VAL A 1 30 ? 2.638   2.534   0.077   1.00 10.75 ? 30  VAL A N   1 
ATOM   203  C CA  . VAL A 1 30 ? 3.547   1.445   0.417   1.00 11.88 ? 30  VAL A CA  1 
ATOM   204  C C   . VAL A 1 30 ? 4.895   1.915   0.940   1.00 11.36 ? 30  VAL A C   1 
ATOM   205  O O   . VAL A 1 30 ? 5.645   1.092   1.492   1.00 14.18 ? 30  VAL A O   1 
ATOM   206  C CB  . VAL A 1 30 ? 3.772   0.508   -0.786  1.00 12.44 ? 30  VAL A CB  1 
ATOM   207  C CG1 . VAL A 1 30 ? 2.452   -0.091  -1.232  1.00 11.50 ? 30  VAL A CG1 1 
ATOM   208  C CG2 . VAL A 1 30 ? 4.439   1.266   -1.918  1.00 13.66 ? 30  VAL A CG2 1 
ATOM   209  N N   . ARG A 1 31 ? 5.221   3.197   0.806   1.00 13.22 ? 31  ARG A N   1 
ATOM   210  C CA  . ARG A 1 31 ? 6.560   3.696   1.126   1.00 14.85 ? 31  ARG A CA  1 
ATOM   211  C C   . ARG A 1 31 ? 6.886   3.510   2.605   1.00 13.51 ? 31  ARG A C   1 
ATOM   212  O O   . ARG A 1 31 ? 6.140   4.005   3.460   1.00 12.57 ? 31  ARG A O   1 
ATOM   213  C CB  . ARG A 1 31 ? 6.680   5.181   0.780   1.00 19.85 ? 31  ARG A CB  1 
ATOM   214  C CG  . ARG A 1 31 ? 7.728   5.898   1.618   1.00 23.69 ? 31  ARG A CG  1 
ATOM   215  C CD  . ARG A 1 31 ? 7.617   7.377   1.515   1.00 18.76 ? 31  ARG A CD  1 
ATOM   216  N NE  . ARG A 1 31 ? 6.828   8.001   2.582   1.00 12.24 ? 31  ARG A NE  1 
ATOM   217  C CZ  . ARG A 1 31 ? 7.349   8.407   3.736   1.00 13.19 ? 31  ARG A CZ  1 
ATOM   218  N NH1 . ARG A 1 31 ? 8.633   8.183   4.004   1.00 15.06 ? 31  ARG A NH1 1 
ATOM   219  N NH2 . ARG A 1 31 ? 6.585   9.022   4.628   1.00 14.36 ? 31  ARG A NH2 1 
ATOM   220  N N   . PRO A 1 32 ? 7.982   2.841   2.945   1.00 11.79 ? 32  PRO A N   1 
ATOM   221  C CA  . PRO A 1 32 ? 8.403   2.766   4.350   1.00 12.19 ? 32  PRO A CA  1 
ATOM   222  C C   . PRO A 1 32 ? 9.126   4.039   4.761   1.00 12.24 ? 32  PRO A C   1 
ATOM   223  O O   . PRO A 1 32 ? 9.546   4.847   3.935   1.00 12.03 ? 32  PRO A O   1 
ATOM   224  C CB  . PRO A 1 32 ? 9.350   1.567   4.365   1.00 13.25 ? 32  PRO A CB  1 
ATOM   225  C CG  . PRO A 1 32 ? 9.970   1.597   2.991   1.00 13.55 ? 32  PRO A CG  1 
ATOM   226  C CD  . PRO A 1 32 ? 8.871   2.077   2.055   1.00 12.39 ? 32  PRO A CD  1 
ATOM   227  N N   . ARG A 1 33 ? 9.287   4.206   6.079   1.00 10.70 ? 33  ARG A N   1 
ATOM   228  C CA  . ARG A 1 33 ? 9.798   5.484   6.561   1.00 12.24 ? 33  ARG A CA  1 
ATOM   229  C C   . ARG A 1 33 ? 11.208  5.778   6.060   1.00 11.79 ? 33  ARG A C   1 
ATOM   230  O O   . ARG A 1 33 ? 11.561  6.947   5.861   1.00 13.73 ? 33  ARG A O   1 
ATOM   231  C CB  . ARG A 1 33 ? 9.760   5.533   8.087   1.00 12.08 ? 33  ARG A CB  1 
ATOM   232  C CG  . ARG A 1 33 ? 9.959   6.949   8.590   1.00 16.40 ? 33  ARG A CG  1 
ATOM   233  C CD  . ARG A 1 33 ? 10.132  7.021   10.092  1.00 14.20 ? 33  ARG A CD  1 
ATOM   234  N NE  . ARG A 1 33 ? 10.430  8.399   10.470  1.00 16.35 ? 33  ARG A NE  1 
ATOM   235  C CZ  . ARG A 1 33 ? 10.938  8.754   11.646  1.00 20.01 ? 33  ARG A CZ  1 
ATOM   236  N NH1 . ARG A 1 33 ? 11.198  7.826   12.557  1.00 18.36 ? 33  ARG A NH1 1 
ATOM   237  N NH2 . ARG A 1 33 ? 11.176  10.033  11.902  1.00 20.37 ? 33  ARG A NH2 1 
ATOM   238  N N   . HIS A 1 34 ? 12.021  4.752   5.831   1.00 12.70 ? 34  HIS A N   1 
ATOM   239  C CA  . HIS A 1 34 ? 13.385  4.992   5.378   1.00 10.70 ? 34  HIS A CA  1 
ATOM   240  C C   . HIS A 1 34 ? 13.453  5.315   3.891   1.00 11.27 ? 34  HIS A C   1 
ATOM   241  O O   . HIS A 1 34 ? 14.543  5.586   3.377   1.00 12.14 ? 34  HIS A O   1 
ATOM   242  C CB  . HIS A 1 34 ? 14.271  3.778   5.699   1.00 13.52 ? 34  HIS A CB  1 
ATOM   243  C CG  . HIS A 1 34 ? 13.832  2.512   5.036   1.00 13.24 ? 34  HIS A CG  1 
ATOM   244  N ND1 . HIS A 1 34 ? 12.934  1.640   5.612   1.00 18.37 ? 34  HIS A ND1 1 
ATOM   245  C CD2 . HIS A 1 34 ? 14.163  1.975   3.837   1.00 16.50 ? 34  HIS A CD2 1 
ATOM   246  C CE1 . HIS A 1 34 ? 12.736  0.617   4.800   1.00 16.44 ? 34  HIS A CE1 1 
ATOM   247  N NE2 . HIS A 1 34 ? 13.468  0.796   3.716   1.00 19.09 ? 34  HIS A NE2 1 
ATOM   248  N N   . ALA A 1 35 ? 12.320  5.308   3.198   1.00 11.23 ? 35  ALA A N   1 
ATOM   249  C CA  . ALA A 1 35 ? 12.324  5.708   1.799   1.00 12.67 ? 35  ALA A CA  1 
ATOM   250  C C   . ALA A 1 35 ? 11.852  7.154   1.658   1.00 12.43 ? 35  ALA A C   1 
ATOM   251  O O   . ALA A 1 35 ? 11.032  7.626   2.454   1.00 10.99 ? 35  ALA A O   1 
ATOM   252  C CB  . ALA A 1 35 ? 11.414  4.790   0.981   1.00 11.92 ? 35  ALA A CB  1 
ATOM   253  N N   . PRO A 1 36 ? 12.345  7.878   0.653   1.00 12.86 ? 36  PRO A N   1 
ATOM   254  C CA  . PRO A 1 36 ? 11.938  9.276   0.481   1.00 12.07 ? 36  PRO A CA  1 
ATOM   255  C C   . PRO A 1 36 ? 10.456  9.400   0.176   1.00 15.50 ? 36  PRO A C   1 
ATOM   256  O O   . PRO A 1 36 ? 9.867   8.566   -0.515  1.00 13.25 ? 36  PRO A O   1 
ATOM   257  C CB  . PRO A 1 36 ? 12.792  9.753   -0.699  1.00 13.61 ? 36  PRO A CB  1 
ATOM   258  C CG  . PRO A 1 36 ? 13.144  8.490   -1.442  1.00 14.18 ? 36  PRO A CG  1 
ATOM   259  C CD  . PRO A 1 36 ? 13.336  7.462   -0.351  1.00 13.66 ? 36  PRO A CD  1 
ATOM   260  N N   . ALA A 1 37 ? 9.851   10.457  0.710   1.00 19.72 ? 37  ALA A N   1 
ATOM   261  C CA  . ALA A 1 37 ? 8.440   10.689  0.449   1.00 18.32 ? 37  ALA A CA  1 
ATOM   262  C C   . ALA A 1 37 ? 8.215   10.934  -1.038  1.00 14.90 ? 37  ALA A C   1 
ATOM   263  O O   . ALA A 1 37 ? 9.116   11.334  -1.776  1.00 17.46 ? 37  ALA A O   1 
ATOM   264  C CB  . ALA A 1 37 ? 7.933   11.879  1.261   1.00 18.91 ? 37  ALA A CB  1 
ATOM   265  N N   . TRP A 1 38 ? 6.978   10.692  -1.473  1.00 16.81 ? 38  TRP A N   1 
ATOM   266  C CA  . TRP A 1 38 ? 6.643   10.884  -2.881  1.00 18.72 ? 38  TRP A CA  1 
ATOM   267  C C   . TRP A 1 38 ? 7.054   12.268  -3.373  1.00 18.31 ? 38  TRP A C   1 
ATOM   268  O O   . TRP A 1 38 ? 7.630   12.403  -4.456  1.00 19.26 ? 38  TRP A O   1 
ATOM   269  C CB  . TRP A 1 38 ? 5.145   10.656  -3.091  1.00 17.53 ? 38  TRP A CB  1 
ATOM   270  C CG  . TRP A 1 38 ? 4.689   10.969  -4.488  1.00 16.41 ? 38  TRP A CG  1 
ATOM   271  C CD1 . TRP A 1 38 ? 3.906   12.024  -4.877  1.00 21.16 ? 38  TRP A CD1 1 
ATOM   272  C CD2 . TRP A 1 38 ? 4.982   10.228  -5.681  1.00 16.03 ? 38  TRP A CD2 1 
ATOM   273  N NE1 . TRP A 1 38 ? 3.696   11.983  -6.236  1.00 20.19 ? 38  TRP A NE1 1 
ATOM   274  C CE2 . TRP A 1 38 ? 4.344   10.890  -6.751  1.00 16.23 ? 38  TRP A CE2 1 
ATOM   275  C CE3 . TRP A 1 38 ? 5.721   9.069   -5.948  1.00 14.82 ? 38  TRP A CE3 1 
ATOM   276  C CZ2 . TRP A 1 38 ? 4.422   10.433  -8.064  1.00 16.77 ? 38  TRP A CZ2 1 
ATOM   277  C CZ3 . TRP A 1 38 ? 5.787   8.616   -7.254  1.00 16.18 ? 38  TRP A CZ3 1 
ATOM   278  C CH2 . TRP A 1 38 ? 5.150   9.304   -8.293  1.00 16.00 ? 38  TRP A CH2 1 
ATOM   279  N N   . GLU A 1 39 ? 6.779   13.316  -2.579  1.00 22.34 ? 39  GLU A N   1 
ATOM   280  C CA  . GLU A 1 39 ? 7.133   14.660  -3.026  1.00 26.47 ? 39  GLU A CA  1 
ATOM   281  C C   . GLU A 1 39 ? 8.641   14.828  -3.161  1.00 24.55 ? 39  GLU A C   1 
ATOM   282  O O   . GLU A 1 39 ? 9.109   15.577  -4.023  1.00 26.01 ? 39  GLU A O   1 
ATOM   283  C CB  . GLU A 1 39 ? 6.550   15.702  -2.069  1.00 31.93 ? 39  GLU A CB  1 
ATOM   284  C CG  . GLU A 1 39 ? 5.078   15.472  -1.745  1.00 32.04 ? 39  GLU A CG  1 
ATOM   285  N N   . VAL A 1 40 ? 9.418   14.122  -2.338  1.00 24.24 ? 40  VAL A N   1 
ATOM   286  C CA  . VAL A 1 40 ? 10.869  14.119  -2.512  1.00 25.76 ? 40  VAL A CA  1 
ATOM   287  C C   . VAL A 1 40 ? 11.251  13.447  -3.825  1.00 26.51 ? 40  VAL A C   1 
ATOM   288  O O   . VAL A 1 40 ? 12.122  13.928  -4.558  1.00 24.59 ? 40  VAL A O   1 
ATOM   289  C CB  . VAL A 1 40 ? 11.545  13.435  -1.310  1.00 22.83 ? 40  VAL A CB  1 
ATOM   290  C CG1 . VAL A 1 40 ? 13.044  13.328  -1.538  1.00 24.51 ? 40  VAL A CG1 1 
ATOM   291  C CG2 . VAL A 1 40 ? 11.221  14.183  -0.018  1.00 24.77 ? 40  VAL A CG2 1 
ATOM   292  N N   . VAL A 1 41 ? 10.600  12.324  -4.145  1.00 23.45 ? 41  VAL A N   1 
ATOM   293  C CA  . VAL A 1 41 ? 10.879  11.614  -5.391  1.00 20.54 ? 41  VAL A CA  1 
ATOM   294  C C   . VAL A 1 41 ? 10.530  12.486  -6.592  1.00 22.46 ? 41  VAL A C   1 
ATOM   295  O O   . VAL A 1 41 ? 11.302  12.597  -7.548  1.00 22.37 ? 41  VAL A O   1 
ATOM   296  C CB  . VAL A 1 41 ? 10.112  10.280  -5.421  1.00 21.99 ? 41  VAL A CB  1 
ATOM   297  C CG1 . VAL A 1 41 ? 10.287  9.588   -6.768  1.00 23.33 ? 41  VAL A CG1 1 
ATOM   298  C CG2 . VAL A 1 41 ? 10.568  9.379   -4.267  1.00 18.69 ? 41  VAL A CG2 1 
ATOM   299  N N   . VAL A 1 42 ? 9.350   13.111  -6.558  1.00 26.32 ? 42  VAL A N   1 
ATOM   300  C CA  . VAL A 1 42 ? 8.943   13.998  -7.645  1.00 25.40 ? 42  VAL A CA  1 
ATOM   301  C C   . VAL A 1 42 ? 9.961   15.115  -7.820  1.00 27.75 ? 42  VAL A C   1 
ATOM   302  O O   . VAL A 1 42 ? 10.371  15.436  -8.939  1.00 25.44 ? 42  VAL A O   1 
ATOM   303  C CB  . VAL A 1 42 ? 7.534   14.562  -7.385  1.00 24.25 ? 42  VAL A CB  1 
ATOM   304  C CG1 . VAL A 1 42 ? 7.190   15.619  -8.422  1.00 30.20 ? 42  VAL A CG1 1 
ATOM   305  C CG2 . VAL A 1 42 ? 6.504   13.446  -7.400  1.00 24.31 ? 42  VAL A CG2 1 
ATOM   306  N N   . ALA A 1 43 ? 10.391  15.716  -6.707  1.00 25.53 ? 43  ALA A N   1 
ATOM   307  C CA  . ALA A 1 43 ? 11.351  16.811  -6.779  1.00 28.79 ? 43  ALA A CA  1 
ATOM   308  C C   . ALA A 1 43 ? 12.681  16.345  -7.359  1.00 32.51 ? 43  ALA A C   1 
ATOM   309  O O   . ALA A 1 43 ? 13.332  17.079  -8.111  1.00 35.48 ? 43  ALA A O   1 
ATOM   310  C CB  . ALA A 1 43 ? 11.549  17.421  -5.391  1.00 29.58 ? 43  ALA A CB  1 
ATOM   311  N N   . SER A 1 44 ? 13.088  15.115  -7.041  1.00 31.15 ? 44  SER A N   1 
ATOM   312  C CA  . SER A 1 44 ? 14.374  14.600  -7.491  1.00 27.37 ? 44  SER A CA  1 
ATOM   313  C C   . SER A 1 44 ? 14.358  14.128  -8.937  1.00 31.32 ? 44  SER A C   1 
ATOM   314  O O   . SER A 1 44 ? 15.413  14.111  -9.579  1.00 34.63 ? 44  SER A O   1 
ATOM   315  C CB  . SER A 1 44 ? 14.816  13.440  -6.598  1.00 28.78 ? 44  SER A CB  1 
ATOM   316  O OG  . SER A 1 44 ? 14.187  12.236  -7.008  1.00 35.99 ? 44  SER A OG  1 
ATOM   317  N N   . ALA A 1 45 ? 13.197  13.744  -9.463  1.00 33.07 ? 45  ALA A N   1 
ATOM   318  C CA  . ALA A 1 45 ? 13.134  13.113  -10.777 1.00 29.64 ? 45  ALA A CA  1 
ATOM   319  C C   . ALA A 1 45 ? 13.515  14.105  -11.871 1.00 34.07 ? 45  ALA A C   1 
ATOM   320  O O   . ALA A 1 45 ? 12.914  15.177  -11.984 1.00 35.71 ? 45  ALA A O   1 
ATOM   321  C CB  . ALA A 1 45 ? 11.733  12.561  -11.026 1.00 25.76 ? 45  ALA A CB  1 
ATOM   322  N N   . ALA A 1 46 ? 14.519  13.746  -12.672 1.00 31.14 ? 46  ALA A N   1 
ATOM   323  C CA  . ALA A 1 46 ? 14.895  14.514  -13.848 1.00 34.62 ? 46  ALA A CA  1 
ATOM   324  C C   . ALA A 1 46 ? 14.379  13.901  -15.143 1.00 38.79 ? 46  ALA A C   1 
ATOM   325  O O   . ALA A 1 46 ? 14.233  14.621  -16.138 1.00 40.57 ? 46  ALA A O   1 
ATOM   326  C CB  . ALA A 1 46 ? 16.422  14.651  -13.931 1.00 36.00 ? 46  ALA A CB  1 
ATOM   327  N N   . GLY A 1 47 ? 14.099  12.601  -15.150 1.00 37.23 ? 47  GLY A N   1 
ATOM   328  C CA  . GLY A 1 47 ? 13.524  11.946  -16.306 1.00 32.35 ? 47  GLY A CA  1 
ATOM   329  C C   . GLY A 1 47 ? 12.153  11.379  -16.003 1.00 28.70 ? 47  GLY A C   1 
ATOM   330  O O   . GLY A 1 47 ? 11.293  12.077  -15.457 1.00 38.31 ? 47  GLY A O   1 
ATOM   331  N N   . SER A 1 48 ? 11.944  10.108  -16.344 1.00 32.56 ? 48  SER A N   1 
ATOM   332  C CA  . SER A 1 48 ? 10.659  9.470   -16.099 1.00 30.85 ? 48  SER A CA  1 
ATOM   333  C C   . SER A 1 48 ? 10.372  9.406   -14.603 1.00 30.40 ? 48  SER A C   1 
ATOM   334  O O   . SER A 1 48 ? 11.192  8.923   -13.814 1.00 25.24 ? 48  SER A O   1 
ATOM   335  C CB  . SER A 1 48 ? 10.638  8.068   -16.708 1.00 29.17 ? 48  SER A CB  1 
ATOM   336  O OG  . SER A 1 48 ? 9.756   7.216   -15.996 1.00 22.68 ? 48  SER A OG  1 
ATOM   337  N N   . LEU A 1 49 ? 9.198   9.906   -14.223 1.00 21.88 ? 49  LEU A N   1 
ATOM   338  C CA  . LEU A 1 49 ? 8.786   9.920   -12.825 1.00 23.29 ? 49  LEU A CA  1 
ATOM   339  C C   . LEU A 1 49 ? 8.545   8.512   -12.286 1.00 22.52 ? 49  LEU A C   1 
ATOM   340  O O   . LEU A 1 49 ? 8.954   8.188   -11.161 1.00 21.67 ? 49  LEU A O   1 
ATOM   341  C CB  . LEU A 1 49 ? 7.532   10.770  -12.687 1.00 28.49 ? 49  LEU A CB  1 
ATOM   342  C CG  . LEU A 1 49 ? 6.932   10.912  -11.302 1.00 22.10 ? 49  LEU A CG  1 
ATOM   343  C CD1 . LEU A 1 49 ? 8.018   11.291  -10.295 1.00 26.94 ? 49  LEU A CD1 1 
ATOM   344  C CD2 . LEU A 1 49 ? 5.839   11.959  -11.339 1.00 23.51 ? 49  LEU A CD2 1 
ATOM   345  N N   . ARG A 1 50 ? 7.854   7.665   -13.053 1.00 17.31 ? 50  ARG A N   1 
ATOM   346  C CA  . ARG A 1 50 ? 7.633   6.301   -12.581 1.00 15.27 ? 50  ARG A CA  1 
ATOM   347  C C   . ARG A 1 50 ? 8.950   5.545   -12.446 1.00 12.01 ? 50  ARG A C   1 
ATOM   348  O O   . ARG A 1 50 ? 9.143   4.785   -11.490 1.00 14.06 ? 50  ARG A O   1 
ATOM   349  C CB  . ARG A 1 50 ? 6.657   5.560   -13.509 1.00 14.90 ? 50  ARG A CB  1 
ATOM   350  C CG  . ARG A 1 50 ? 7.096   5.382   -14.959 1.00 12.32 ? 50  ARG A CG  1 
ATOM   351  C CD  . ARG A 1 50 ? 5.899   5.024   -15.854 1.00 15.90 ? 50  ARG A CD  1 
ATOM   352  N NE  . ARG A 1 50 ? 4.857   6.041   -15.748 1.00 20.28 ? 50  ARG A NE  1 
ATOM   353  C CZ  . ARG A 1 50 ? 3.577   5.874   -16.085 1.00 16.84 ? 50  ARG A CZ  1 
ATOM   354  N NH1 . ARG A 1 50 ? 2.714   6.870   -15.906 1.00 15.71 ? 50  ARG A NH1 1 
ATOM   355  N NH2 . ARG A 1 50 ? 3.150   4.716   -16.574 1.00 19.05 ? 50  ARG A NH2 1 
ATOM   356  N N   . LEU A 1 51 ? 9.874   5.741   -13.383 1.00 14.77 ? 51  LEU A N   1 
ATOM   357  C CA  . LEU A 1 51 ? 11.166  5.080   -13.263 1.00 12.32 ? 51  LEU A CA  1 
ATOM   358  C C   . LEU A 1 51 ? 11.880  5.509   -11.989 1.00 15.33 ? 51  LEU A C   1 
ATOM   359  O O   . LEU A 1 51 ? 12.439  4.671   -11.272 1.00 15.34 ? 51  LEU A O   1 
ATOM   360  C CB  . LEU A 1 51 ? 12.033  5.376   -14.487 1.00 14.38 ? 51  LEU A CB  1 
ATOM   361  C CG  . LEU A 1 51 ? 13.409  4.705   -14.444 1.00 13.59 ? 51  LEU A CG  1 
ATOM   362  C CD1 . LEU A 1 51 ? 13.285  3.180   -14.363 1.00 14.86 ? 51  LEU A CD1 1 
ATOM   363  C CD2 . LEU A 1 51 ? 14.251  5.118   -15.630 1.00 16.86 ? 51  LEU A CD2 1 
ATOM   364  N N   . GLU A 1 52 ? 11.870  6.811   -11.686 1.00 15.39 ? 52  GLU A N   1 
ATOM   365  C CA  . GLU A 1 52 ? 12.499  7.294   -10.459 1.00 17.81 ? 52  GLU A CA  1 
ATOM   366  C C   . GLU A 1 52 ? 11.879  6.644   -9.227  1.00 16.35 ? 52  GLU A C   1 
ATOM   367  O O   . GLU A 1 52 ? 12.593  6.179   -8.333  1.00 15.05 ? 52  GLU A O   1 
ATOM   368  C CB  . GLU A 1 52 ? 12.387  8.816   -10.379 1.00 19.47 ? 52  GLU A CB  1 
ATOM   369  C CG  . GLU A 1 52 ? 13.264  9.459   -9.301  1.00 25.01 ? 52  GLU A CG  1 
ATOM   370  C CD  . GLU A 1 52 ? 14.739  9.435   -9.661  1.00 31.27 ? 52  GLU A CD  1 
ATOM   371  O OE1 . GLU A 1 52 ? 15.573  9.572   -8.743  1.00 40.11 ? 52  GLU A OE1 1 
ATOM   372  O OE2 . GLU A 1 52 ? 15.073  9.276   -10.857 1.00 35.17 ? 52  GLU A OE2 1 
ATOM   373  N N   . ALA A 1 53 ? 10.542  6.605   -9.164  1.00 12.83 ? 53  ALA A N   1 
ATOM   374  C CA  . ALA A 1 53 ? 9.869   5.978   -8.030  1.00 13.02 ? 53  ALA A CA  1 
ATOM   375  C C   . ALA A 1 53 ? 10.257  4.513   -7.899  1.00 13.02 ? 53  ALA A C   1 
ATOM   376  O O   . ALA A 1 53 ? 10.508  4.024   -6.788  1.00 12.83 ? 53  ALA A O   1 
ATOM   377  C CB  . ALA A 1 53 ? 8.354   6.103   -8.187  1.00 14.07 ? 53  ALA A CB  1 
ATOM   378  N N   . PHE A 1 54 ? 10.306  3.797   -9.022  1.00 11.82 ? 54  PHE A N   1 
ATOM   379  C CA  . PHE A 1 54 ? 10.590  2.371   -8.951  1.00 8.65  ? 54  PHE A CA  1 
ATOM   380  C C   . PHE A 1 54 ? 12.055  2.119   -8.623  1.00 10.81 ? 54  PHE A C   1 
ATOM   381  O O   . PHE A 1 54 ? 12.370  1.118   -7.972  1.00 11.19 ? 54  PHE A O   1 
ATOM   382  C CB  . PHE A 1 54 ? 10.179  1.689   -10.266 1.00 10.69 ? 54  PHE A CB  1 
ATOM   383  C CG  . PHE A 1 54 ? 8.707   1.803   -10.567 1.00 10.32 ? 54  PHE A CG  1 
ATOM   384  C CD1 . PHE A 1 54 ? 7.797   2.104   -9.555  1.00 13.10 ? 54  PHE A CD1 1 
ATOM   385  C CD2 . PHE A 1 54 ? 8.231   1.615   -11.851 1.00 10.47 ? 54  PHE A CD2 1 
ATOM   386  C CE1 . PHE A 1 54 ? 6.428   2.207   -9.835  1.00 13.65 ? 54  PHE A CE1 1 
ATOM   387  C CE2 . PHE A 1 54 ? 6.887   1.726   -12.140 1.00 11.42 ? 54  PHE A CE2 1 
ATOM   388  C CZ  . PHE A 1 54 ? 5.980   2.020   -11.139 1.00 14.33 ? 54  PHE A CZ  1 
ATOM   389  N N   . LYS A 1 55 ? 12.960  3.022   -9.035  1.00 11.78 ? 55  LYS A N   1 
ATOM   390  C CA  . LYS A 1 55 ? 14.351  2.874   -8.607  1.00 12.62 ? 55  LYS A CA  1 
ATOM   391  C C   . LYS A 1 55 ? 14.484  3.077   -7.104  1.00 13.15 ? 55  LYS A C   1 
ATOM   392  O O   . LYS A 1 55 ? 15.227  2.341   -6.446  1.00 14.37 ? 55  LYS A O   1 
ATOM   393  C CB  . LYS A 1 55 ? 15.259  3.855   -9.353  1.00 14.49 ? 55  LYS A CB  1 
ATOM   394  C CG  . LYS A 1 55 ? 15.423  3.546   -10.825 1.00 12.98 ? 55  LYS A CG  1 
ATOM   395  C CD  . LYS A 1 55 ? 16.047  4.740   -11.534 1.00 24.08 ? 55  LYS A CD  1 
ATOM   396  C CE  . LYS A 1 55 ? 17.360  4.382   -12.187 1.00 31.73 ? 55  LYS A CE  1 
ATOM   397  N NZ  . LYS A 1 55 ? 17.872  5.488   -13.043 1.00 28.64 ? 55  LYS A NZ  1 
ATOM   398  N N   . ARG A 1 56 ? 13.762  4.055   -6.538  1.00 13.55 ? 56  ARG A N   1 
ATOM   399  C CA  . ARG A 1 56 ? 13.801  4.232   -5.089  1.00 12.29 ? 56  ARG A CA  1 
ATOM   400  C C   . ARG A 1 56 ? 13.206  3.032   -4.379  1.00 13.33 ? 56  ARG A C   1 
ATOM   401  O O   . ARG A 1 56 ? 13.716  2.607   -3.337  1.00 13.28 ? 56  ARG A O   1 
ATOM   402  C CB  . ARG A 1 56 ? 13.067  5.509   -4.659  1.00 13.68 ? 56  ARG A CB  1 
ATOM   403  C CG  . ARG A 1 56 ? 13.702  6.803   -5.138  1.00 15.31 ? 56  ARG A CG  1 
ATOM   404  C CD  . ARG A 1 56 ? 15.115  7.007   -4.603  1.00 20.25 ? 56  ARG A CD  1 
ATOM   405  N NE  . ARG A 1 56 ? 16.116  6.322   -5.420  1.00 20.41 ? 56  ARG A NE  1 
ATOM   406  C CZ  . ARG A 1 56 ? 16.565  6.770   -6.587  1.00 26.07 ? 56  ARG A CZ  1 
ATOM   407  N NH1 . ARG A 1 56 ? 16.098  7.910   -7.084  1.00 31.57 ? 56  ARG A NH1 1 
ATOM   408  N NH2 . ARG A 1 56 ? 17.473  6.075   -7.262  1.00 24.16 ? 56  ARG A NH2 1 
ATOM   409  N N   . ALA A 1 57 ? 12.122  2.465   -4.920  1.00 10.34 ? 57  ALA A N   1 
ATOM   410  C CA  . ALA A 1 57 ? 11.562  1.273   -4.294  1.00 10.93 ? 57  ALA A CA  1 
ATOM   411  C C   . ALA A 1 57 ? 12.553  0.116   -4.343  1.00 13.52 ? 57  ALA A C   1 
ATOM   412  O O   . ALA A 1 57 ? 12.642  -0.679  -3.400  1.00 13.61 ? 57  ALA A O   1 
ATOM   413  C CB  . ALA A 1 57 ? 10.233  0.897   -4.951  1.00 11.88 ? 57  ALA A CB  1 
ATOM   414  N N   . HIS A 1 58 ? 13.316  0.010   -5.429  1.00 11.56 ? 58  HIS A N   1 
ATOM   415  C CA  . HIS A 1 58 ? 14.368  -0.997  -5.482  1.00 12.64 ? 58  HIS A CA  1 
ATOM   416  C C   . HIS A 1 58 ? 15.434  -0.718  -4.433  1.00 14.21 ? 58  HIS A C   1 
ATOM   417  O O   . HIS A 1 58 ? 15.828  -1.614  -3.677  1.00 14.20 ? 58  HIS A O   1 
ATOM   418  C CB  . HIS A 1 58 ? 14.982  -1.024  -6.883  1.00 12.55 ? 58  HIS A CB  1 
ATOM   419  C CG  . HIS A 1 58 ? 16.133  -1.969  -7.018  1.00 15.69 ? 58  HIS A CG  1 
ATOM   420  N ND1 . HIS A 1 58 ? 15.968  -3.311  -7.289  1.00 21.13 ? 58  HIS A ND1 1 
ATOM   421  C CD2 . HIS A 1 58 ? 17.466  -1.767  -6.907  1.00 18.95 ? 58  HIS A CD2 1 
ATOM   422  C CE1 . HIS A 1 58 ? 17.154  -3.893  -7.345  1.00 19.30 ? 58  HIS A CE1 1 
ATOM   423  N NE2 . HIS A 1 58 ? 18.078  -2.978  -7.121  1.00 18.80 ? 58  HIS A NE2 1 
ATOM   424  N N   . ASP A 1 59 ? 15.912  0.528   -4.382  1.00 13.37 ? 59  ASP A N   1 
ATOM   425  C CA  . ASP A 1 59 ? 16.959  0.904   -3.435  1.00 13.89 ? 59  ASP A CA  1 
ATOM   426  C C   . ASP A 1 59 ? 16.572  0.561   -2.004  1.00 16.46 ? 59  ASP A C   1 
ATOM   427  O O   . ASP A 1 59 ? 17.415  0.139   -1.204  1.00 14.98 ? 59  ASP A O   1 
ATOM   428  C CB  . ASP A 1 59 ? 17.240  2.405   -3.524  1.00 15.33 ? 59  ASP A CB  1 
ATOM   429  C CG  . ASP A 1 59 ? 17.948  2.806   -4.802  1.00 15.06 ? 59  ASP A CG  1 
ATOM   430  O OD1 . ASP A 1 59 ? 18.485  1.929   -5.509  1.00 16.67 ? 59  ASP A OD1 1 
ATOM   431  O OD2 . ASP A 1 59 ? 17.957  4.025   -5.087  1.00 19.39 ? 59  ASP A OD2 1 
ATOM   432  N N   . HIS A 1 60 ? 15.305  0.759   -1.656  1.00 13.12 ? 60  HIS A N   1 
ATOM   433  C CA  . HIS A 1 60 ? 14.873  0.648   -0.269  1.00 12.70 ? 60  HIS A CA  1 
ATOM   434  C C   . HIS A 1 60 ? 14.062  -0.614  -0.015  1.00 13.66 ? 60  HIS A C   1 
ATOM   435  O O   . HIS A 1 60 ? 13.336  -0.692  0.982   1.00 14.19 ? 60  HIS A O   1 
ATOM   436  C CB  . HIS A 1 60 ? 14.113  1.911   0.125   1.00 11.75 ? 60  HIS A CB  1 
ATOM   437  C CG  . HIS A 1 60 ? 14.967  3.137   0.086   1.00 14.32 ? 60  HIS A CG  1 
ATOM   438  N ND1 . HIS A 1 60 ? 16.019  3.328   0.956   1.00 17.34 ? 60  HIS A ND1 1 
ATOM   439  C CD2 . HIS A 1 60 ? 14.958  4.213   -0.736  1.00 16.76 ? 60  HIS A CD2 1 
ATOM   440  C CE1 . HIS A 1 60 ? 16.613  4.476   0.680   1.00 16.37 ? 60  HIS A CE1 1 
ATOM   441  N NE2 . HIS A 1 60 ? 15.985  5.036   -0.338  1.00 18.39 ? 60  HIS A NE2 1 
ATOM   442  N N   . ASP A 1 61 ? 14.171  -1.592  -0.912  1.00 13.07 ? 61  ASP A N   1 
ATOM   443  C CA  . ASP A 1 61 ? 13.685  -2.953  -0.691  1.00 13.32 ? 61  ASP A CA  1 
ATOM   444  C C   . ASP A 1 61 ? 12.170  -3.011  -0.530  1.00 17.03 ? 61  ASP A C   1 
ATOM   445  O O   . ASP A 1 61 ? 11.646  -3.778  0.276   1.00 17.81 ? 61  ASP A O   1 
ATOM   446  C CB  . ASP A 1 61 ? 14.382  -3.593  0.514   1.00 17.39 ? 61  ASP A CB  1 
ATOM   447  C CG  . ASP A 1 61 ? 15.887  -3.620  0.359   1.00 24.99 ? 61  ASP A CG  1 
ATOM   448  O OD1 . ASP A 1 61 ? 16.369  -4.227  -0.621  1.00 29.18 ? 61  ASP A OD1 1 
ATOM   449  O OD2 . ASP A 1 61 ? 16.590  -3.024  1.202   1.00 28.68 ? 61  ASP A OD2 1 
ATOM   450  N N   . PHE A 1 62 ? 11.440  -2.220  -1.317  1.00 13.12 ? 62  PHE A N   1 
ATOM   451  C CA  . PHE A 1 62 ? 9.990   -2.379  -1.313  1.00 11.82 ? 62  PHE A CA  1 
ATOM   452  C C   . PHE A 1 62 ? 9.404   -2.374  -2.721  1.00 11.58 ? 62  PHE A C   1 
ATOM   453  O O   . PHE A 1 62 ? 8.200   -2.170  -2.875  1.00 13.57 ? 62  PHE A O   1 
ATOM   454  C CB  . PHE A 1 62 ? 9.294   -1.332  -0.415  1.00 12.34 ? 62  PHE A CB  1 
ATOM   455  C CG  . PHE A 1 62 ? 9.372   0.102   -0.901  1.00 12.15 ? 62  PHE A CG  1 
ATOM   456  C CD1 . PHE A 1 62 ? 10.518  0.862   -0.707  1.00 10.77 ? 62  PHE A CD1 1 
ATOM   457  C CD2 . PHE A 1 62 ? 8.269   0.707   -1.500  1.00 12.38 ? 62  PHE A CD2 1 
ATOM   458  C CE1 . PHE A 1 62 ? 10.576  2.193   -1.114  1.00 11.12 ? 62  PHE A CE1 1 
ATOM   459  C CE2 . PHE A 1 62 ? 8.320   2.041   -1.928  1.00 12.49 ? 62  PHE A CE2 1 
ATOM   460  C CZ  . PHE A 1 62 ? 9.471   2.784   -1.736  1.00 12.46 ? 62  PHE A CZ  1 
ATOM   461  N N   . LEU A 1 63 ? 10.219  -2.647  -3.748  1.00 11.53 ? 63  LEU A N   1 
ATOM   462  C CA  . LEU A 1 63 ? 9.673   -2.737  -5.100  1.00 11.59 ? 63  LEU A CA  1 
ATOM   463  C C   . LEU A 1 63 ? 8.663   -3.875  -5.238  1.00 10.86 ? 63  LEU A C   1 
ATOM   464  O O   . LEU A 1 63 ? 7.715   -3.762  -6.026  1.00 13.43 ? 63  LEU A O   1 
ATOM   465  C CB  . LEU A 1 63 ? 10.806  -2.896  -6.122  1.00 13.41 ? 63  LEU A CB  1 
ATOM   466  C CG  . LEU A 1 63 ? 10.412  -2.841  -7.608  1.00 12.68 ? 63  LEU A CG  1 
ATOM   467  C CD1 . LEU A 1 63 ? 9.745   -1.514  -7.973  1.00 11.60 ? 63  LEU A CD1 1 
ATOM   468  C CD2 . LEU A 1 63 ? 11.622  -3.102  -8.505  1.00 14.78 ? 63  LEU A CD2 1 
ATOM   469  N N   . ASP A 1 64 ? 8.823   -4.964  -4.478  1.00 15.35 ? 64  ASP A N   1 
ATOM   470  C CA  . ASP A 1 64 ? 7.825   -6.028  -4.552  1.00 17.10 ? 64  ASP A CA  1 
ATOM   471  C C   . ASP A 1 64 ? 6.474   -5.558  -4.023  1.00 13.98 ? 64  ASP A C   1 
ATOM   472  O O   . ASP A 1 64 ? 5.432   -5.843  -4.629  1.00 13.87 ? 64  ASP A O   1 
ATOM   473  C CB  . ASP A 1 64 ? 8.311   -7.274  -3.806  1.00 18.89 ? 64  ASP A CB  1 
ATOM   474  C CG  . ASP A 1 64 ? 8.785   -6.980  -2.398  1.00 22.66 ? 64  ASP A CG  1 
ATOM   475  O OD1 . ASP A 1 64 ? 8.803   -5.801  -1.977  1.00 21.74 ? 64  ASP A OD1 1 
ATOM   476  O OD2 . ASP A 1 64 ? 9.155   -7.951  -1.702  1.00 35.63 ? 64  ASP A OD2 1 
ATOM   477  N N   . ARG A 1 65 ? 6.464   -4.809  -2.919  1.00 13.60 ? 65  ARG A N   1 
ATOM   478  C CA  A ARG A 1 65 ? 5.195   -4.311  -2.399  0.50 14.69 ? 65  ARG A CA  1 
ATOM   479  C CA  B ARG A 1 65 ? 5.205   -4.293  -2.388  0.50 14.70 ? 65  ARG A CA  1 
ATOM   480  C C   . ARG A 1 65 ? 4.601   -3.251  -3.317  1.00 11.80 ? 65  ARG A C   1 
ATOM   481  O O   . ARG A 1 65 ? 3.378   -3.190  -3.489  1.00 12.91 ? 65  ARG A O   1 
ATOM   482  C CB  A ARG A 1 65 ? 5.387   -3.766  -0.983  0.50 15.84 ? 65  ARG A CB  1 
ATOM   483  C CB  B ARG A 1 65 ? 5.428   -3.695  -0.999  0.50 15.83 ? 65  ARG A CB  1 
ATOM   484  C CG  A ARG A 1 65 ? 5.900   -4.815  -0.014  0.50 18.64 ? 65  ARG A CG  1 
ATOM   485  C CG  B ARG A 1 65 ? 5.984   -4.684  -0.009  0.50 18.67 ? 65  ARG A CG  1 
ATOM   486  C CD  A ARG A 1 65 ? 5.513   -4.488  1.417   0.50 19.06 ? 65  ARG A CD  1 
ATOM   487  C CD  B ARG A 1 65 ? 4.861   -5.363  0.741   0.50 20.36 ? 65  ARG A CD  1 
ATOM   488  N NE  A ARG A 1 65 ? 5.576   -3.054  1.676   0.50 19.44 ? 65  ARG A NE  1 
ATOM   489  N NE  B ARG A 1 65 ? 5.354   -6.266  1.776   0.50 21.82 ? 65  ARG A NE  1 
ATOM   490  C CZ  A ARG A 1 65 ? 6.670   -2.419  2.072   0.50 22.64 ? 65  ARG A CZ  1 
ATOM   491  C CZ  B ARG A 1 65 ? 4.949   -7.523  1.915   0.50 21.68 ? 65  ARG A CZ  1 
ATOM   492  N NH1 A ARG A 1 65 ? 6.635   -1.113  2.285   0.50 18.95 ? 65  ARG A NH1 1 
ATOM   493  N NH1 B ARG A 1 65 ? 5.441   -8.277  2.885   0.50 23.22 ? 65  ARG A NH1 1 
ATOM   494  N NH2 A ARG A 1 65 ? 7.797   -3.094  2.262   0.50 21.92 ? 65  ARG A NH2 1 
ATOM   495  N NH2 B ARG A 1 65 ? 4.041   -8.018  1.087   0.50 19.80 ? 65  ARG A NH2 1 
ATOM   496  N N   . LEU A 1 66 ? 5.445   -2.410  -3.918  1.00 11.87 ? 66  LEU A N   1 
ATOM   497  C CA  . LEU A 1 66 ? 4.934   -1.441  -4.877  1.00 11.15 ? 66  LEU A CA  1 
ATOM   498  C C   . LEU A 1 66 ? 4.373   -2.148  -6.110  1.00 10.46 ? 66  LEU A C   1 
ATOM   499  O O   . LEU A 1 66 ? 3.321   -1.759  -6.626  1.00 12.47 ? 66  LEU A O   1 
ATOM   500  C CB  . LEU A 1 66 ? 6.043   -0.452  -5.260  1.00 9.73  ? 66  LEU A CB  1 
ATOM   501  C CG  . LEU A 1 66 ? 5.681   0.690   -6.212  1.00 11.32 ? 66  LEU A CG  1 
ATOM   502  C CD1 . LEU A 1 66 ? 4.355   1.348   -5.811  1.00 10.86 ? 66  LEU A CD1 1 
ATOM   503  C CD2 . LEU A 1 66 ? 6.798   1.727   -6.206  1.00 11.00 ? 66  LEU A CD2 1 
ATOM   504  N N   . ALA A 1 67 ? 5.050   -3.203  -6.578  1.00 9.55  ? 67  ALA A N   1 
ATOM   505  C CA  . ALA A 1 67 ? 4.546   -3.964  -7.719  1.00 12.13 ? 67  ALA A CA  1 
ATOM   506  C C   . ALA A 1 67 ? 3.180   -4.573  -7.424  1.00 10.85 ? 67  ALA A C   1 
ATOM   507  O O   . ALA A 1 67 ? 2.297   -4.579  -8.290  1.00 11.53 ? 67  ALA A O   1 
ATOM   508  C CB  . ALA A 1 67 ? 5.547   -5.054  -8.108  1.00 13.71 ? 67  ALA A CB  1 
ATOM   509  N N   . VAL A 1 68 ? 2.981   -5.082  -6.207  1.00 12.08 ? 68  VAL A N   1 
ATOM   510  C CA  . VAL A 1 68 ? 1.675   -5.635  -5.845  1.00 11.08 ? 68  VAL A CA  1 
ATOM   511  C C   . VAL A 1 68 ? 0.608   -4.547  -5.895  1.00 10.88 ? 68  VAL A C   1 
ATOM   512  O O   . VAL A 1 68 ? -0.496  -4.764  -6.409  1.00 10.12 ? 68  VAL A O   1 
ATOM   513  C CB  . VAL A 1 68 ? 1.743   -6.305  -4.459  1.00 13.08 ? 68  VAL A CB  1 
ATOM   514  C CG1 . VAL A 1 68 ? 0.333   -6.565  -3.900  1.00 12.66 ? 68  VAL A CG1 1 
ATOM   515  C CG2 . VAL A 1 68 ? 2.537   -7.594  -4.537  1.00 14.68 ? 68  VAL A CG2 1 
ATOM   516  N N   . ALA A 1 69 ? 0.925   -3.356  -5.378  1.00 9.52  ? 69  ALA A N   1 
ATOM   517  C CA  . ALA A 1 69 ? -0.022  -2.246  -5.417  1.00 10.32 ? 69  ALA A CA  1 
ATOM   518  C C   . ALA A 1 69 ? -0.376  -1.895  -6.853  1.00 10.42 ? 69  ALA A C   1 
ATOM   519  O O   . ALA A 1 69 ? -1.551  -1.721  -7.192  1.00 11.43 ? 69  ALA A O   1 
ATOM   520  C CB  . ALA A 1 69 ? 0.566   -1.029  -4.693  1.00 11.78 ? 69  ALA A CB  1 
ATOM   521  N N   . ILE A 1 70 ? 0.645   -1.779  -7.709  1.00 9.78  ? 70  ILE A N   1 
ATOM   522  C CA  . ILE A 1 70 ? 0.425   -1.485  -9.120  1.00 10.71 ? 70  ILE A CA  1 
ATOM   523  C C   . ILE A 1 70 ? -0.485  -2.537  -9.735  1.00 9.76  ? 70  ILE A C   1 
ATOM   524  O O   . ILE A 1 70 ? -1.487  -2.219  -10.389 1.00 10.93 ? 70  ILE A O   1 
ATOM   525  C CB  . ILE A 1 70 ? 1.775   -1.413  -9.856  1.00 11.22 ? 70  ILE A CB  1 
ATOM   526  C CG1 . ILE A 1 70 ? 2.634   -0.261  -9.330  1.00 16.56 ? 70  ILE A CG1 1 
ATOM   527  C CG2 . ILE A 1 70 ? 1.572   -1.343  -11.367 1.00 12.02 ? 70  ILE A CG2 1 
ATOM   528  C CD1 . ILE A 1 70 ? 2.116   1.079   -9.686  1.00 17.78 ? 70  ILE A CD1 1 
ATOM   529  N N   . GLY A 1 71 ? -0.171  -3.809  -9.494  1.00 9.51  ? 71  GLY A N   1 
ATOM   530  C CA  . GLY A 1 71 ? -0.988  -4.876  -10.049 1.00 10.04 ? 71  GLY A CA  1 
ATOM   531  C C   . GLY A 1 71 ? -2.424  -4.829  -9.561  1.00 9.92  ? 71  GLY A C   1 
ATOM   532  O O   . GLY A 1 71 ? -3.356  -5.117  -10.318 1.00 12.80 ? 71  GLY A O   1 
ATOM   533  N N   . ASN A 1 72 ? -2.626  -4.437  -8.298  1.00 8.36  ? 72  ASN A N   1 
ATOM   534  C CA  . ASN A 1 72 ? -3.979  -4.376  -7.757  1.00 10.17 ? 72  ASN A CA  1 
ATOM   535  C C   . ASN A 1 72 ? -4.810  -3.317  -8.461  1.00 11.33 ? 72  ASN A C   1 
ATOM   536  O O   . ASN A 1 72 ? -5.991  -3.539  -8.748  1.00 12.91 ? 72  ASN A O   1 
ATOM   537  C CB  . ASN A 1 72 ? -3.939  -4.083  -6.260  1.00 11.12 ? 72  ASN A CB  1 
ATOM   538  C CG  . ASN A 1 72 ? -3.598  -5.295  -5.439  1.00 12.79 ? 72  ASN A CG  1 
ATOM   539  O OD1 . ASN A 1 72 ? -3.766  -6.436  -5.883  1.00 12.06 ? 72  ASN A OD1 1 
ATOM   540  N ND2 . ASN A 1 72 ? -3.142  -5.062  -4.217  1.00 9.84  ? 72  ASN A ND2 1 
ATOM   541  N N   . TRP A 1 73 ? -4.215  -2.157  -8.744  1.00 10.56 ? 73  TRP A N   1 
ATOM   542  C CA  . TRP A 1 73 ? -4.959  -1.137  -9.473  1.00 11.38 ? 73  TRP A CA  1 
ATOM   543  C C   . TRP A 1 73 ? -5.133  -1.519  -10.936 1.00 10.54 ? 73  TRP A C   1 
ATOM   544  O O   . TRP A 1 73 ? -6.181  -1.231  -11.526 1.00 13.99 ? 73  TRP A O   1 
ATOM   545  C CB  . TRP A 1 73 ? -4.272  0.221   -9.325  1.00 11.63 ? 73  TRP A CB  1 
ATOM   546  C CG  . TRP A 1 73 ? -4.483  0.770   -7.945  1.00 12.45 ? 73  TRP A CG  1 
ATOM   547  C CD1 . TRP A 1 73 ? -3.609  0.725   -6.897  1.00 10.87 ? 73  TRP A CD1 1 
ATOM   548  C CD2 . TRP A 1 73 ? -5.672  1.396   -7.451  1.00 14.28 ? 73  TRP A CD2 1 
ATOM   549  N NE1 . TRP A 1 73 ? -4.176  1.301   -5.784  1.00 12.25 ? 73  TRP A NE1 1 
ATOM   550  C CE2 . TRP A 1 73 ? -5.440  1.725   -6.102  1.00 14.10 ? 73  TRP A CE2 1 
ATOM   551  C CE3 . TRP A 1 73 ? -6.910  1.714   -8.022  1.00 19.73 ? 73  TRP A CE3 1 
ATOM   552  C CZ2 . TRP A 1 73 ? -6.397  2.356   -5.315  1.00 15.78 ? 73  TRP A CZ2 1 
ATOM   553  C CZ3 . TRP A 1 73 ? -7.862  2.340   -7.239  1.00 15.41 ? 73  TRP A CZ3 1 
ATOM   554  C CH2 . TRP A 1 73 ? -7.597  2.659   -5.901  1.00 16.54 ? 73  TRP A CH2 1 
ATOM   555  N N   . GLU A 1 74 ? -4.143  -2.191  -11.532 1.00 10.62 ? 74  GLU A N   1 
ATOM   556  C CA  . GLU A 1 74 ? -4.314  -2.659  -12.906 1.00 12.35 ? 74  GLU A CA  1 
ATOM   557  C C   . GLU A 1 74 ? -5.441  -3.681  -12.992 1.00 14.02 ? 74  GLU A C   1 
ATOM   558  O O   . GLU A 1 74 ? -6.216  -3.691  -13.958 1.00 14.44 ? 74  GLU A O   1 
ATOM   559  C CB  . GLU A 1 74 ? -3.003  -3.258  -13.419 1.00 13.05 ? 74  GLU A CB  1 
ATOM   560  C CG  . GLU A 1 74 ? -1.835  -2.274  -13.474 1.00 13.99 ? 74  GLU A CG  1 
ATOM   561  C CD  . GLU A 1 74 ? -1.500  -1.823  -14.892 1.00 14.38 ? 74  GLU A CD  1 
ATOM   562  O OE1 . GLU A 1 74 ? -0.568  -1.008  -15.047 1.00 11.96 ? 74  GLU A OE1 1 
ATOM   563  O OE2 . GLU A 1 74 ? -2.168  -2.272  -15.849 1.00 13.43 ? 74  GLU A OE2 1 
ATOM   564  N N   . GLN A 1 75 ? -5.547  -4.539  -11.976 1.00 11.88 ? 75  GLN A N   1 
ATOM   565  C CA  . GLN A 1 75 ? -6.627  -5.514  -11.894 1.00 12.68 ? 75  GLN A CA  1 
ATOM   566  C C   . GLN A 1 75 ? -7.986  -4.833  -11.898 1.00 16.25 ? 75  GLN A C   1 
ATOM   567  O O   . GLN A 1 75 ? -8.922  -5.287  -12.571 1.00 18.37 ? 75  GLN A O   1 
ATOM   568  C CB  . GLN A 1 75 ? -6.444  -6.327  -10.619 1.00 16.77 ? 75  GLN A CB  1 
ATOM   569  C CG  . GLN A 1 75 ? -7.401  -7.453  -10.411 1.00 21.92 ? 75  GLN A CG  1 
ATOM   570  C CD  . GLN A 1 75 ? -6.975  -8.258  -9.215  1.00 27.40 ? 75  GLN A CD  1 
ATOM   571  O OE1 . GLN A 1 75 ? -6.921  -7.738  -8.095  1.00 28.84 ? 75  GLN A OE1 1 
ATOM   572  N NE2 . GLN A 1 75 ? -6.618  -9.517  -9.441  1.00 34.38 ? 75  GLN A NE2 1 
ATOM   573  N N   . LYS A 1 76 ? -8.111  -3.735  -11.155 1.00 16.11 ? 76  LYS A N   1 
ATOM   574  C CA  . LYS A 1 76 ? -9.356  -2.981  -11.165 1.00 17.53 ? 76  LYS A CA  1 
ATOM   575  C C   . LYS A 1 76 ? -9.615  -2.329  -12.515 1.00 21.39 ? 76  LYS A C   1 
ATOM   576  O O   . LYS A 1 76 ? -10.772 -2.047  -12.840 1.00 22.93 ? 76  LYS A O   1 
ATOM   577  C CB  . LYS A 1 76 ? -9.334  -1.930  -10.055 1.00 19.58 ? 76  LYS A CB  1 
ATOM   578  C CG  . LYS A 1 76 ? -9.429  -2.546  -8.673  1.00 22.02 ? 76  LYS A CG  1 
ATOM   579  C CD  . LYS A 1 76 ? -9.180  -1.521  -7.572  1.00 23.12 ? 76  LYS A CD  1 
ATOM   580  C CE  . LYS A 1 76 ? -10.282 -0.479  -7.505  1.00 23.47 ? 76  LYS A CE  1 
ATOM   581  N NZ  . LYS A 1 76 ? -11.560 -1.070  -6.996  1.00 28.84 ? 76  LYS A NZ  1 
ATOM   582  N N   . ALA A 1 77 ? -8.573  -2.102  -13.314 1.00 18.62 ? 77  ALA A N   1 
ATOM   583  C CA  . ALA A 1 77 ? -8.736  -1.588  -14.665 1.00 17.82 ? 77  ALA A CA  1 
ATOM   584  C C   . ALA A 1 77 ? -8.827  -2.702  -15.702 1.00 17.37 ? 77  ALA A C   1 
ATOM   585  O O   . ALA A 1 77 ? -8.718  -2.426  -16.899 1.00 20.22 ? 77  ALA A O   1 
ATOM   586  C CB  . ALA A 1 77 ? -7.592  -0.638  -15.013 1.00 18.07 ? 77  ALA A CB  1 
ATOM   587  N N   . GLN A 1 78 ? -9.016  -3.946  -15.259 1.00 16.89 ? 78  GLN A N   1 
ATOM   588  C CA  . GLN A 1 78 ? -9.254  -5.115  -16.104 1.00 18.93 ? 78  GLN A CA  1 
ATOM   589  C C   . GLN A 1 78 ? -8.018  -5.554  -16.869 1.00 16.40 ? 78  GLN A C   1 
ATOM   590  O O   . GLN A 1 78 ? -8.135  -6.193  -17.923 1.00 18.29 ? 78  GLN A O   1 
ATOM   591  C CB  . GLN A 1 78 ? -10.418 -4.886  -17.081 1.00 22.70 ? 78  GLN A CB  1 
ATOM   592  C CG  . GLN A 1 78 ? -11.705 -4.457  -16.397 1.00 27.64 ? 78  GLN A CG  1 
ATOM   593  C CD  . GLN A 1 78 ? -11.997 -5.267  -15.146 1.00 33.95 ? 78  GLN A CD  1 
ATOM   594  O OE1 . GLN A 1 78 ? -12.115 -6.493  -15.195 1.00 39.93 ? 78  GLN A OE1 1 
ATOM   595  N NE2 . GLN A 1 78 ? -12.098 -4.582  -14.010 1.00 33.84 ? 78  GLN A NE2 1 
ATOM   596  N N   . ARG A 1 79 ? -6.829  -5.228  -16.370 1.00 13.94 ? 79  ARG A N   1 
ATOM   597  C CA  . ARG A 1 79 ? -5.614  -5.779  -16.950 1.00 13.68 ? 79  ARG A CA  1 
ATOM   598  C C   . ARG A 1 79 ? -5.681  -7.303  -16.883 1.00 13.49 ? 79  ARG A C   1 
ATOM   599  O O   . ARG A 1 79 ? -6.061  -7.853  -15.844 1.00 15.25 ? 79  ARG A O   1 
ATOM   600  C CB  . ARG A 1 79 ? -4.380  -5.264  -16.201 1.00 13.72 ? 79  ARG A CB  1 
ATOM   601  C CG  . ARG A 1 79 ? -3.036  -5.663  -16.823 1.00 12.42 ? 79  ARG A CG  1 
ATOM   602  C CD  . ARG A 1 79 ? -2.690  -4.756  -17.997 1.00 12.85 ? 79  ARG A CD  1 
ATOM   603  N NE  . ARG A 1 79 ? -1.416  -5.090  -18.634 1.00 13.69 ? 79  ARG A NE  1 
ATOM   604  C CZ  . ARG A 1 79 ? -0.295  -4.387  -18.502 1.00 13.86 ? 79  ARG A CZ  1 
ATOM   605  N NH1 . ARG A 1 79 ? -0.256  -3.306  -17.732 1.00 12.99 ? 79  ARG A NH1 1 
ATOM   606  N NH2 . ARG A 1 79 ? 0.807   -4.774  -19.141 1.00 14.88 ? 79  ARG A NH2 1 
ATOM   607  N N   . PRO A 1 80 ? -5.360  -8.011  -17.962 1.00 13.72 ? 80  PRO A N   1 
ATOM   608  C CA  . PRO A 1 80 ? -5.484  -9.474  -17.941 1.00 14.34 ? 80  PRO A CA  1 
ATOM   609  C C   . PRO A 1 80 ? -4.679  -10.099 -16.810 1.00 14.44 ? 80  PRO A C   1 
ATOM   610  O O   . PRO A 1 80 ? -3.552  -9.689  -16.522 1.00 13.52 ? 80  PRO A O   1 
ATOM   611  C CB  . PRO A 1 80 ? -4.952  -9.893  -19.315 1.00 13.15 ? 80  PRO A CB  1 
ATOM   612  C CG  . PRO A 1 80 ? -5.247  -8.705  -20.194 1.00 19.58 ? 80  PRO A CG  1 
ATOM   613  C CD  . PRO A 1 80 ? -5.060  -7.488  -19.307 1.00 15.25 ? 80  PRO A CD  1 
ATOM   614  N N   . ASP A 1 81 ? -5.276  -11.117 -16.178 1.00 16.30 ? 81  ASP A N   1 
ATOM   615  C CA  . ASP A 1 81 ? -4.666  -11.738 -15.002 1.00 13.79 ? 81  ASP A CA  1 
ATOM   616  C C   . ASP A 1 81 ? -3.256  -12.239 -15.289 1.00 12.70 ? 81  ASP A C   1 
ATOM   617  O O   . ASP A 1 81 ? -2.360  -12.127 -14.441 1.00 12.47 ? 81  ASP A O   1 
ATOM   618  C CB  . ASP A 1 81 ? -5.534  -12.901 -14.519 1.00 17.21 ? 81  ASP A CB  1 
ATOM   619  C CG  . ASP A 1 81 ? -5.140  -13.388 -13.145 1.00 21.83 ? 81  ASP A CG  1 
ATOM   620  O OD1 . ASP A 1 81 ? -5.387  -12.644 -12.177 1.00 18.87 ? 81  ASP A OD1 1 
ATOM   621  O OD2 . ASP A 1 81 ? -4.581  -14.503 -13.026 1.00 21.18 ? 81  ASP A OD2 1 
ATOM   622  N N   . HIS A 1 82 ? -3.040  -12.835 -16.466 1.00 10.43 ? 82  HIS A N   1 
ATOM   623  C CA  . HIS A 1 82 ? -1.725  -13.400 -16.727 1.00 10.34 ? 82  HIS A CA  1 
ATOM   624  C C   . HIS A 1 82 ? -0.674  -12.313 -16.942 1.00 11.43 ? 82  HIS A C   1 
ATOM   625  O O   . HIS A 1 82 ? 0.505   -12.540 -16.664 1.00 12.90 ? 82  HIS A O   1 
ATOM   626  C CB  . HIS A 1 82 ? -1.771  -14.351 -17.933 1.00 13.84 ? 82  HIS A CB  1 
ATOM   627  C CG  . HIS A 1 82 ? -2.370  -13.747 -19.165 1.00 15.77 ? 82  HIS A CG  1 
ATOM   628  N ND1 . HIS A 1 82 ? -3.729  -13.591 -19.331 1.00 15.53 ? 82  HIS A ND1 1 
ATOM   629  C CD2 . HIS A 1 82 ? -1.795  -13.279 -20.297 1.00 17.41 ? 82  HIS A CD2 1 
ATOM   630  C CE1 . HIS A 1 82 ? -3.963  -13.034 -20.508 1.00 19.51 ? 82  HIS A CE1 1 
ATOM   631  N NE2 . HIS A 1 82 ? -2.806  -12.836 -21.114 1.00 17.25 ? 82  HIS A NE2 1 
ATOM   632  N N   . GLU A 1 83 ? -1.083  -11.134 -17.406 1.00 12.34 ? 83  GLU A N   1 
ATOM   633  C CA  . GLU A 1 83 ? -0.130  -10.039 -17.530 1.00 12.47 ? 83  GLU A CA  1 
ATOM   634  C C   . GLU A 1 83 ? 0.286   -9.522  -16.159 1.00 11.88 ? 83  GLU A C   1 
ATOM   635  O O   . GLU A 1 83 ? 1.470   -9.267  -15.918 1.00 11.64 ? 83  GLU A O   1 
ATOM   636  C CB  . GLU A 1 83 ? -0.729  -8.932  -18.393 1.00 12.35 ? 83  GLU A CB  1 
ATOM   637  C CG  . GLU A 1 83 ? -0.711  -9.354  -19.880 1.00 14.59 ? 83  GLU A CG  1 
ATOM   638  C CD  . GLU A 1 83 ? -1.388  -8.375  -20.822 1.00 16.66 ? 83  GLU A CD  1 
ATOM   639  O OE1 . GLU A 1 83 ? -1.515  -8.710  -22.032 1.00 22.11 ? 83  GLU A OE1 1 
ATOM   640  O OE2 . GLU A 1 83 ? -1.778  -7.285  -20.386 1.00 16.09 ? 83  GLU A OE2 1 
ATOM   641  N N   . ILE A 1 84 ? -0.664  -9.403  -15.229 1.00 12.38 ? 84  ILE A N   1 
ATOM   642  C CA  . ILE A 1 84 ? -0.300  -9.066  -13.853 1.00 12.21 ? 84  ILE A CA  1 
ATOM   643  C C   . ILE A 1 84 ? 0.665   -10.100 -13.290 1.00 10.76 ? 84  ILE A C   1 
ATOM   644  O O   . ILE A 1 84 ? 1.685   -9.753  -12.686 1.00 11.78 ? 84  ILE A O   1 
ATOM   645  C CB  . ILE A 1 84 ? -1.560  -8.938  -12.979 1.00 10.12 ? 84  ILE A CB  1 
ATOM   646  C CG1 . ILE A 1 84 ? -2.435  -7.800  -13.489 1.00 13.22 ? 84  ILE A CG1 1 
ATOM   647  C CG2 . ILE A 1 84 ? -1.175  -8.717  -11.492 1.00 12.69 ? 84  ILE A CG2 1 
ATOM   648  C CD1 . ILE A 1 84 ? -3.854  -7.839  -12.966 1.00 13.17 ? 84  ILE A CD1 1 
ATOM   649  N N   . ALA A 1 85 ? 0.381   -11.396 -13.511 1.00 10.97 ? 85  ALA A N   1 
ATOM   650  C CA  . ALA A 1 85 ? 1.244   -12.436 -12.955 1.00 13.20 ? 85  ALA A CA  1 
ATOM   651  C C   . ALA A 1 85 ? 2.627   -12.422 -13.600 1.00 11.88 ? 85  ALA A C   1 
ATOM   652  O O   . ALA A 1 85 ? 3.630   -12.660 -12.920 1.00 14.17 ? 85  ALA A O   1 
ATOM   653  C CB  . ALA A 1 85 ? 0.587   -13.808 -13.117 1.00 14.68 ? 85  ALA A CB  1 
ATOM   654  N N   . GLN A 1 86 ? 2.698   -12.128 -14.902 1.00 12.79 ? 86  GLN A N   1 
ATOM   655  C CA  . GLN A 1 86 ? 3.992   -11.984 -15.565 1.00 13.11 ? 86  GLN A CA  1 
ATOM   656  C C   . GLN A 1 86 ? 4.811   -10.873 -14.928 1.00 13.55 ? 86  GLN A C   1 
ATOM   657  O O   . GLN A 1 86 ? 6.007   -11.041 -14.652 1.00 16.59 ? 86  GLN A O   1 
ATOM   658  C CB  . GLN A 1 86 ? 3.786   -11.707 -17.052 1.00 13.34 ? 86  GLN A CB  1 
ATOM   659  C CG  . GLN A 1 86 ? 3.348   -12.931 -17.849 1.00 14.39 ? 86  GLN A CG  1 
ATOM   660  C CD  . GLN A 1 86 ? 2.706   -12.578 -19.168 1.00 17.47 ? 86  GLN A CD  1 
ATOM   661  O OE1 . GLN A 1 86 ? 2.825   -11.449 -19.659 1.00 16.12 ? 86  GLN A OE1 1 
ATOM   662  N NE2 . GLN A 1 86 ? 2.018   -13.549 -19.765 1.00 14.16 ? 86  GLN A NE2 1 
ATOM   663  N N   . MET A 1 87 ? 4.177   -9.724  -14.687 1.00 12.29 ? 87  MET A N   1 
ATOM   664  C CA  . MET A 1 87 ? 4.870   -8.616  -14.045 1.00 11.40 ? 87  MET A CA  1 
ATOM   665  C C   . MET A 1 87 ? 5.369   -9.013  -12.664 1.00 13.91 ? 87  MET A C   1 
ATOM   666  O O   . MET A 1 87 ? 6.517   -8.730  -12.302 1.00 15.05 ? 87  MET A O   1 
ATOM   667  C CB  . MET A 1 87 ? 3.930   -7.408  -13.964 1.00 11.31 ? 87  MET A CB  1 
ATOM   668  C CG  . MET A 1 87 ? 4.499   -6.219  -13.207 1.00 12.01 ? 87  MET A CG  1 
ATOM   669  S SD  . MET A 1 87 ? 4.178   -6.322  -11.432 1.00 13.11 ? 87  MET A SD  1 
ATOM   670  C CE  . MET A 1 87 ? 2.403   -6.056  -11.416 1.00 12.51 ? 87  MET A CE  1 
ATOM   671  N N   . LEU A 1 88 ? 4.522   -9.680  -11.877 1.00 12.50 ? 88  LEU A N   1 
ATOM   672  C CA  . LEU A 1 88 ? 4.915   -10.026 -10.517 1.00 14.05 ? 88  LEU A CA  1 
ATOM   673  C C   . LEU A 1 88 ? 6.099   -10.985 -10.525 1.00 16.33 ? 88  LEU A C   1 
ATOM   674  O O   . LEU A 1 88 ? 6.991   -10.888 -9.676  1.00 17.55 ? 88  LEU A O   1 
ATOM   675  C CB  . LEU A 1 88 ? 3.723   -10.617 -9.760  1.00 14.89 ? 88  LEU A CB  1 
ATOM   676  C CG  . LEU A 1 88 ? 2.580   -9.630  -9.478  1.00 13.77 ? 88  LEU A CG  1 
ATOM   677  C CD1 . LEU A 1 88 ? 1.374   -10.358 -8.885  1.00 14.95 ? 88  LEU A CD1 1 
ATOM   678  C CD2 . LEU A 1 88 ? 3.057   -8.514  -8.558  1.00 17.02 ? 88  LEU A CD2 1 
ATOM   679  N N   . ASP A 1 89 ? 6.134   -11.902 -11.495 1.00 17.91 ? 89  ASP A N   1 
ATOM   680  C CA  . ASP A 1 89 ? 7.271   -12.815 -11.605 1.00 22.13 ? 89  ASP A CA  1 
ATOM   681  C C   . ASP A 1 89 ? 8.552   -12.070 -11.953 1.00 25.00 ? 89  ASP A C   1 
ATOM   682  O O   . ASP A 1 89 ? 9.623   -12.378 -11.416 1.00 25.25 ? 89  ASP A O   1 
ATOM   683  C CB  . ASP A 1 89 ? 6.982   -13.890 -12.650 1.00 25.92 ? 89  ASP A CB  1 
ATOM   684  C CG  . ASP A 1 89 ? 6.291   -15.102 -12.062 1.00 37.50 ? 89  ASP A CG  1 
ATOM   685  O OD1 . ASP A 1 89 ? 5.785   -14.998 -10.922 1.00 43.52 ? 89  ASP A OD1 1 
ATOM   686  O OD2 . ASP A 1 89 ? 6.270   -16.158 -12.731 1.00 40.38 ? 89  ASP A OD2 1 
ATOM   687  N N   . GLN A 1 90 ? 8.466   -11.087 -12.851 1.00 20.71 ? 90  GLN A N   1 
ATOM   688  C CA  . GLN A 1 90 ? 9.664   -10.362 -13.261 1.00 22.57 ? 90  GLN A CA  1 
ATOM   689  C C   . GLN A 1 90 ? 10.228  -9.487  -12.145 1.00 27.52 ? 90  GLN A C   1 
ATOM   690  O O   . GLN A 1 90 ? 11.448  -9.306  -12.071 1.00 28.44 ? 90  GLN A O   1 
ATOM   691  C CB  . GLN A 1 90 ? 9.373   -9.515  -14.496 1.00 21.97 ? 90  GLN A CB  1 
ATOM   692  C CG  . GLN A 1 90 ? 9.405   -10.293 -15.796 1.00 33.57 ? 90  GLN A CG  1 
ATOM   693  N N   . VAL A 1 91 ? 9.374   -8.936  -11.274 1.00 20.94 ? 91  VAL A N   1 
ATOM   694  C CA  . VAL A 1 91 ? 9.858   -8.042  -10.220 1.00 19.56 ? 91  VAL A CA  1 
ATOM   695  C C   . VAL A 1 91 ? 10.519  -8.832  -9.095  1.00 23.40 ? 91  VAL A C   1 
ATOM   696  O O   . VAL A 1 91 ? 11.502  -8.380  -8.499  1.00 26.81 ? 91  VAL A O   1 
ATOM   697  C CB  . VAL A 1 91 ? 8.713   -7.151  -9.695  1.00 21.37 ? 91  VAL A CB  1 
ATOM   698  C CG1 . VAL A 1 91 ? 9.093   -6.492  -8.360  1.00 23.93 ? 91  VAL A CG1 1 
ATOM   699  C CG2 . VAL A 1 91 ? 8.368   -6.080  -10.717 1.00 22.82 ? 91  VAL A CG2 1 
ATOM   700  N N   . GLY A 1 92 ? 10.003  -10.011 -8.777  1.00 27.97 ? 92  GLY A N   1 
ATOM   701  C CA  . GLY A 1 92 ? 10.637  -10.831 -7.761  1.00 26.23 ? 92  GLY A CA  1 
ATOM   702  C C   . GLY A 1 92 ? 10.393  -10.339 -6.341  1.00 34.19 ? 92  GLY A C   1 
ATOM   703  O O   . GLY A 1 92 ? 9.464   -9.573  -6.052  1.00 33.21 ? 92  GLY A O   1 
ATOM   704  N N   . ASP A 1 93 ? 11.262  -10.793 -5.441  1.00 36.86 ? 93  ASP A N   1 
ATOM   705  C CA  . ASP A 1 93 ? 11.103  -10.588 -4.009  1.00 35.51 ? 93  ASP A CA  1 
ATOM   706  C C   . ASP A 1 93 ? 12.160  -9.628  -3.474  1.00 39.14 ? 93  ASP A C   1 
ATOM   707  O O   . ASP A 1 93 ? 13.289  -9.577  -3.974  1.00 39.05 ? 93  ASP A O   1 
ATOM   708  C CB  . ASP A 1 93 ? 11.188  -11.923 -3.260  1.00 36.46 ? 93  ASP A CB  1 
ATOM   709  N N   . TYR A 1 94 ? 11.778  -8.867  -2.448  1.00 32.90 ? 94  TYR A N   1 
ATOM   710  C CA  . TYR A 1 94 ? 12.688  -7.937  -1.772  1.00 34.85 ? 94  TYR A CA  1 
ATOM   711  C C   . TYR A 1 94 ? 12.651  -8.141  -0.260  1.00 37.08 ? 94  TYR A C   1 
ATOM   712  O O   . TYR A 1 94 ? 11.638  -8.576  0.288   1.00 36.33 ? 94  TYR A O   1 
ATOM   713  C CB  . TYR A 1 94 ? 12.336  -6.480  -2.114  1.00 33.18 ? 94  TYR A CB  1 
ATOM   714  C CG  . TYR A 1 94 ? 12.771  -6.086  -3.504  1.00 30.80 ? 94  TYR A CG  1 
ATOM   715  C CD1 . TYR A 1 94 ? 11.985  -6.392  -4.610  1.00 29.16 ? 94  TYR A CD1 1 
ATOM   716  C CD2 . TYR A 1 94 ? 13.984  -5.434  -3.718  1.00 30.01 ? 94  TYR A CD2 1 
ATOM   717  C CE1 . TYR A 1 94 ? 12.381  -6.048  -5.888  1.00 29.05 ? 94  TYR A CE1 1 
ATOM   718  C CE2 . TYR A 1 94 ? 14.392  -5.088  -4.996  1.00 26.04 ? 94  TYR A CE2 1 
ATOM   719  C CZ  . TYR A 1 94 ? 13.583  -5.394  -6.074  1.00 21.59 ? 94  TYR A CZ  1 
ATOM   720  O OH  . TYR A 1 94 ? 13.982  -5.058  -7.342  1.00 32.16 ? 94  TYR A OH  1 
ATOM   721  N N   . GLY B 1 1  ? -3.475  -23.375 17.491  1.00 35.85 ? 1   GLY B N   1 
ATOM   722  C CA  . GLY B 1 1  ? -3.357  -22.083 16.841  1.00 39.93 ? 1   GLY B CA  1 
ATOM   723  C C   . GLY B 1 1  ? -3.565  -20.924 17.796  1.00 38.58 ? 1   GLY B C   1 
ATOM   724  O O   . GLY B 1 1  ? -3.802  -21.122 18.987  1.00 40.95 ? 1   GLY B O   1 
ATOM   725  N N   . VAL B 1 2  ? -3.478  -19.708 17.269  1.00 47.42 ? 2   VAL B N   1 
ATOM   726  C CA  . VAL B 1 2  ? -3.645  -18.494 18.058  1.00 46.04 ? 2   VAL B CA  1 
ATOM   727  C C   . VAL B 1 2  ? -5.045  -17.946 17.823  1.00 44.24 ? 2   VAL B C   1 
ATOM   728  O O   . VAL B 1 2  ? -5.533  -17.919 16.687  1.00 52.96 ? 2   VAL B O   1 
ATOM   729  C CB  . VAL B 1 2  ? -2.572  -17.447 17.703  1.00 46.80 ? 2   VAL B CB  1 
ATOM   730  N N   . GLN B 1 3  ? -5.700  -17.523 18.900  1.00 48.47 ? 3   GLN B N   1 
ATOM   731  C CA  . GLN B 1 3  ? -7.030  -16.941 18.791  1.00 50.63 ? 3   GLN B CA  1 
ATOM   732  C C   . GLN B 1 3  ? -6.937  -15.522 18.244  1.00 50.15 ? 3   GLN B C   1 
ATOM   733  O O   . GLN B 1 3  ? -6.077  -14.737 18.657  1.00 47.98 ? 3   GLN B O   1 
ATOM   734  C CB  . GLN B 1 3  ? -7.730  -16.940 20.150  1.00 45.44 ? 3   GLN B CB  1 
ATOM   735  N N   . ALA B 1 4  ? -7.826  -15.201 17.304  1.00 41.97 ? 4   ALA B N   1 
ATOM   736  C CA  . ALA B 1 4  ? -7.816  -13.887 16.672  1.00 42.14 ? 4   ALA B CA  1 
ATOM   737  C C   . ALA B 1 4  ? -8.069  -12.789 17.697  1.00 43.48 ? 4   ALA B C   1 
ATOM   738  O O   . ALA B 1 4  ? -9.044  -12.837 18.452  1.00 44.41 ? 4   ALA B O   1 
ATOM   739  C CB  . ALA B 1 4  ? -8.867  -13.825 15.567  1.00 32.54 ? 4   ALA B CB  1 
ATOM   740  N N   . ASP B 1 5  ? -7.182  -11.794 17.714  1.00 37.50 ? 5   ASP B N   1 
ATOM   741  C CA  . ASP B 1 5  ? -7.286  -10.632 18.591  1.00 35.21 ? 5   ASP B CA  1 
ATOM   742  C C   . ASP B 1 5  ? -7.441  -9.400  17.707  1.00 24.52 ? 5   ASP B C   1 
ATOM   743  O O   . ASP B 1 5  ? -6.501  -9.017  17.003  1.00 28.16 ? 5   ASP B O   1 
ATOM   744  C CB  . ASP B 1 5  ? -6.049  -10.520 19.487  1.00 36.32 ? 5   ASP B CB  1 
ATOM   745  C CG  . ASP B 1 5  ? -6.200  -9.471  20.578  1.00 36.48 ? 5   ASP B CG  1 
ATOM   746  O OD1 . ASP B 1 5  ? -6.997  -8.524  20.414  1.00 35.49 ? 5   ASP B OD1 1 
ATOM   747  O OD2 . ASP B 1 5  ? -5.512  -9.597  21.613  1.00 46.78 ? 5   ASP B OD2 1 
ATOM   748  N N   . TYR B 1 6  ? -8.621  -8.781  17.739  1.00 25.50 ? 6   TYR B N   1 
ATOM   749  C CA  . TYR B 1 6  ? -8.901  -7.627  16.894  1.00 19.36 ? 6   TYR B CA  1 
ATOM   750  C C   . TYR B 1 6  ? -8.685  -6.300  17.607  1.00 20.59 ? 6   TYR B C   1 
ATOM   751  O O   . TYR B 1 6  ? -9.122  -5.263  17.100  1.00 18.79 ? 6   TYR B O   1 
ATOM   752  C CB  . TYR B 1 6  ? -10.332 -7.702  16.350  1.00 21.89 ? 6   TYR B CB  1 
ATOM   753  C CG  . TYR B 1 6  ? -10.526 -8.813  15.338  1.00 23.84 ? 6   TYR B CG  1 
ATOM   754  C CD1 . TYR B 1 6  ? -9.680  -8.941  14.238  1.00 19.26 ? 6   TYR B CD1 1 
ATOM   755  C CD2 . TYR B 1 6  ? -11.539 -9.751  15.497  1.00 24.83 ? 6   TYR B CD2 1 
ATOM   756  C CE1 . TYR B 1 6  ? -9.848  -9.962  13.321  1.00 21.48 ? 6   TYR B CE1 1 
ATOM   757  C CE2 . TYR B 1 6  ? -11.714 -10.775 14.588  1.00 25.65 ? 6   TYR B CE2 1 
ATOM   758  C CZ  . TYR B 1 6  ? -10.865 -10.882 13.506  1.00 24.94 ? 6   TYR B CZ  1 
ATOM   759  O OH  . TYR B 1 6  ? -11.044 -11.910 12.601  1.00 25.04 ? 6   TYR B OH  1 
ATOM   760  N N   . SER B 1 7  ? -8.024  -6.301  18.769  1.00 22.53 ? 7   SER B N   1 
ATOM   761  C CA  . SER B 1 7  ? -7.859  -5.052  19.509  1.00 19.60 ? 7   SER B CA  1 
ATOM   762  C C   . SER B 1 7  ? -7.043  -4.033  18.714  1.00 19.50 ? 7   SER B C   1 
ATOM   763  O O   . SER B 1 7  ? -7.331  -2.832  18.761  1.00 17.99 ? 7   SER B O   1 
ATOM   764  C CB  . SER B 1 7  ? -7.213  -5.323  20.868  1.00 27.20 ? 7   SER B CB  1 
ATOM   765  O OG  . SER B 1 7  ? -5.960  -5.962  20.717  1.00 28.08 ? 7   SER B OG  1 
ATOM   766  N N   . ARG B 1 8  ? -6.033  -4.492  17.968  1.00 18.19 ? 8   ARG B N   1 
ATOM   767  C CA  . ARG B 1 8  ? -5.223  -3.558  17.186  1.00 15.66 ? 8   ARG B CA  1 
ATOM   768  C C   . ARG B 1 8  ? -6.010  -3.000  16.006  1.00 15.74 ? 8   ARG B C   1 
ATOM   769  O O   . ARG B 1 8  ? -5.886  -1.817  15.671  1.00 14.88 ? 8   ARG B O   1 
ATOM   770  C CB  . ARG B 1 8  ? -3.942  -4.242  16.715  1.00 20.57 ? 8   ARG B CB  1 
ATOM   771  C CG  . ARG B 1 8  ? -2.954  -4.479  17.851  1.00 21.47 ? 8   ARG B CG  1 
ATOM   772  C CD  . ARG B 1 8  ? -1.764  -5.308  17.416  1.00 26.46 ? 8   ARG B CD  1 
ATOM   773  N NE  . ARG B 1 8  ? -2.126  -6.690  17.118  1.00 34.35 ? 8   ARG B NE  1 
ATOM   774  N N   . ALA B 1 9  ? -6.841  -3.830  15.382  1.00 15.45 ? 9   ALA B N   1 
ATOM   775  C CA  . ALA B 1 9  ? -7.725  -3.335  14.333  1.00 13.21 ? 9   ALA B CA  1 
ATOM   776  C C   . ALA B 1 9  ? -8.717  -2.326  14.888  1.00 14.06 ? 9   ALA B C   1 
ATOM   777  O O   . ALA B 1 9  ? -8.981  -1.292  14.265  1.00 11.97 ? 9   ALA B O   1 
ATOM   778  C CB  . ALA B 1 9  ? -8.464  -4.500  13.676  1.00 16.12 ? 9   ALA B CB  1 
ATOM   779  N N   . GLU B 1 10 ? -9.276  -2.608  16.070  1.00 14.75 ? 10  GLU B N   1 
ATOM   780  C CA  . GLU B 1 10 ? -10.187 -1.655  16.689  1.00 17.04 ? 10  GLU B CA  1 
ATOM   781  C C   . GLU B 1 10 ? -9.479  -0.349  17.007  1.00 14.98 ? 10  GLU B C   1 
ATOM   782  O O   . GLU B 1 10 ? -10.056 0.732   16.829  1.00 14.56 ? 10  GLU B O   1 
ATOM   783  C CB  . GLU B 1 10 ? -10.804 -2.260  17.954  1.00 19.46 ? 10  GLU B CB  1 
ATOM   784  C CG  . GLU B 1 10 ? -11.775 -3.381  17.654  1.00 21.90 ? 10  GLU B CG  1 
ATOM   785  C CD  . GLU B 1 10 ? -12.604 -3.781  18.855  1.00 37.05 ? 10  GLU B CD  1 
ATOM   786  O OE1 . GLU B 1 10 ? -13.350 -4.779  18.743  1.00 39.29 ? 10  GLU B OE1 1 
ATOM   787  O OE2 . GLU B 1 10 ? -12.511 -3.100  19.900  1.00 34.15 ? 10  GLU B OE2 1 
ATOM   788  N N   . ALA B 1 11 ? -8.216  -0.424  17.447  1.00 13.63 ? 11  ALA B N   1 
ATOM   789  C CA  . ALA B 1 11 ? -7.476  0.790   17.787  1.00 13.44 ? 11  ALA B CA  1 
ATOM   790  C C   . ALA B 1 11 ? -7.252  1.660   16.561  1.00 13.22 ? 11  ALA B C   1 
ATOM   791  O O   . ALA B 1 11 ? -7.416  2.886   16.614  1.00 14.54 ? 11  ALA B O   1 
ATOM   792  C CB  . ALA B 1 11 ? -6.138  0.430   18.430  1.00 16.78 ? 11  ALA B CB  1 
ATOM   793  N N   . LEU B 1 12 ? -6.873  1.045   15.443  1.00 12.31 ? 12  LEU B N   1 
ATOM   794  C CA  . LEU B 1 12 ? -6.667  1.812   14.221  1.00 11.08 ? 12  LEU B CA  1 
ATOM   795  C C   . LEU B 1 12 ? -7.975  2.428   13.738  1.00 12.03 ? 12  LEU B C   1 
ATOM   796  O O   . LEU B 1 12 ? -8.002  3.570   13.266  1.00 12.08 ? 12  LEU B O   1 
ATOM   797  C CB  . LEU B 1 12 ? -6.064  0.907   13.146  1.00 11.76 ? 12  LEU B CB  1 
ATOM   798  C CG  . LEU B 1 12 ? -5.721  1.575   11.814  1.00 12.58 ? 12  LEU B CG  1 
ATOM   799  C CD1 . LEU B 1 12 ? -4.747  2.710   12.011  1.00 14.30 ? 12  LEU B CD1 1 
ATOM   800  C CD2 . LEU B 1 12 ? -5.138  0.549   10.862  1.00 13.08 ? 12  LEU B CD2 1 
ATOM   801  N N   . ALA B 1 13 ? -9.075  1.677   13.841  1.00 10.98 ? 13  ALA B N   1 
ATOM   802  C CA  . ALA B 1 13 ? -10.366 2.207   13.414  1.00 12.38 ? 13  ALA B CA  1 
ATOM   803  C C   . ALA B 1 13 ? -10.808 3.385   14.266  1.00 12.46 ? 13  ALA B C   1 
ATOM   804  O O   . ALA B 1 13 ? -11.520 4.268   13.774  1.00 14.96 ? 13  ALA B O   1 
ATOM   805  C CB  . ALA B 1 13 ? -11.422 1.104   13.460  1.00 13.11 ? 13  ALA B CB  1 
ATOM   806  N N   . ALA B 1 14 ? -10.428 3.402   15.548  1.00 11.70 ? 14  ALA B N   1 
ATOM   807  C CA  . ALA B 1 14 ? -10.741 4.497   16.461  1.00 10.31 ? 14  ALA B CA  1 
ATOM   808  C C   . ALA B 1 14 ? -9.724  5.629   16.396  1.00 10.92 ? 14  ALA B C   1 
ATOM   809  O O   . ALA B 1 14 ? -9.865  6.613   17.132  1.00 13.41 ? 14  ALA B O   1 
ATOM   810  C CB  . ALA B 1 14 ? -10.831 3.973   17.906  1.00 11.86 ? 14  ALA B CB  1 
ATOM   811  N N   . TRP B 1 15 ? -8.700  5.508   15.557  1.00 10.40 ? 15  TRP B N   1 
ATOM   812  C CA  . TRP B 1 15 ? -7.652  6.515   15.443  1.00 10.09 ? 15  TRP B CA  1 
ATOM   813  C C   . TRP B 1 15 ? -7.699  7.291   14.138  1.00 11.40 ? 15  TRP B C   1 
ATOM   814  O O   . TRP B 1 15 ? -7.501  8.508   14.141  1.00 10.77 ? 15  TRP B O   1 
ATOM   815  C CB  . TRP B 1 15 ? -6.275  5.847   15.592  1.00 10.22 ? 15  TRP B CB  1 
ATOM   816  C CG  . TRP B 1 15 ? -5.123  6.800   15.489  1.00 11.88 ? 15  TRP B CG  1 
ATOM   817  C CD1 . TRP B 1 15 ? -4.510  7.456   16.517  1.00 13.56 ? 15  TRP B CD1 1 
ATOM   818  C CD2 . TRP B 1 15 ? -4.463  7.220   14.291  1.00 9.59  ? 15  TRP B CD2 1 
ATOM   819  N NE1 . TRP B 1 15 ? -3.505  8.261   16.029  1.00 13.47 ? 15  TRP B NE1 1 
ATOM   820  C CE2 . TRP B 1 15 ? -3.459  8.134   14.666  1.00 12.85 ? 15  TRP B CE2 1 
ATOM   821  C CE3 . TRP B 1 15 ? -4.620  6.905   12.931  1.00 9.04  ? 15  TRP B CE3 1 
ATOM   822  C CZ2 . TRP B 1 15 ? -2.618  8.737   13.734  1.00 12.16 ? 15  TRP B CZ2 1 
ATOM   823  C CZ3 . TRP B 1 15 ? -3.807  7.508   12.017  1.00 10.74 ? 15  TRP B CZ3 1 
ATOM   824  C CH2 . TRP B 1 15 ? -2.804  8.407   12.414  1.00 12.46 ? 15  TRP B CH2 1 
ATOM   825  N N   . THR B 1 16 ? -7.944  6.631   13.010  1.00 11.34 ? 16  THR B N   1 
ATOM   826  C CA  . THR B 1 16 ? -7.763  7.311   11.737  1.00 9.60  ? 16  THR B CA  1 
ATOM   827  C C   . THR B 1 16 ? -8.874  8.317   11.469  1.00 10.99 ? 16  THR B C   1 
ATOM   828  O O   . THR B 1 16 ? -10.042 8.102   11.815  1.00 12.49 ? 16  THR B O   1 
ATOM   829  C CB  . THR B 1 16 ? -7.671  6.303   10.582  1.00 11.28 ? 16  THR B CB  1 
ATOM   830  O OG1 . THR B 1 16 ? -7.474  7.020   9.356   1.00 12.27 ? 16  THR B OG1 1 
ATOM   831  C CG2 . THR B 1 16 ? -8.930  5.440   10.467  1.00 12.32 ? 16  THR B CG2 1 
ATOM   832  N N   . ARG B 1 17 ? -8.491  9.431   10.847  1.00 11.11 ? 17  ARG B N   1 
ATOM   833  C CA  . ARG B 1 17 ? -9.421  10.471  10.436  1.00 12.07 ? 17  ARG B CA  1 
ATOM   834  C C   . ARG B 1 17 ? -9.599  10.515  8.925   1.00 13.02 ? 17  ARG B C   1 
ATOM   835  O O   . ARG B 1 17 ? -10.162 11.477  8.398   1.00 15.63 ? 17  ARG B O   1 
ATOM   836  C CB  . ARG B 1 17 ? -8.943  11.821  10.964  1.00 10.93 ? 17  ARG B CB  1 
ATOM   837  C CG  . ARG B 1 17 ? -8.965  11.847  12.492  1.00 11.34 ? 17  ARG B CG  1 
ATOM   838  C CD  . ARG B 1 17 ? -8.299  13.077  13.061  1.00 16.06 ? 17  ARG B CD  1 
ATOM   839  N NE  . ARG B 1 17 ? -8.374  13.035  14.521  1.00 14.78 ? 17  ARG B NE  1 
ATOM   840  C CZ  . ARG B 1 17 ? -7.519  13.643  15.334  1.00 19.08 ? 17  ARG B CZ  1 
ATOM   841  N NH1 . ARG B 1 17 ? -6.529  14.368  14.837  1.00 17.80 ? 17  ARG B NH1 1 
ATOM   842  N NH2 . ARG B 1 17 ? -7.661  13.522  16.646  1.00 17.96 ? 17  ARG B NH2 1 
ATOM   843  N N   . LEU B 1 18 ? -9.142  9.493   8.216   1.00 10.88 ? 18  LEU B N   1 
ATOM   844  C CA  . LEU B 1 18 ? -9.339  9.447   6.776   1.00 12.56 ? 18  LEU B CA  1 
ATOM   845  C C   . LEU B 1 18 ? -10.775 9.054   6.446   1.00 11.80 ? 18  LEU B C   1 
ATOM   846  O O   . LEU B 1 18 ? -11.464 8.410   7.237   1.00 13.63 ? 18  LEU B O   1 
ATOM   847  C CB  . LEU B 1 18 ? -8.369  8.443   6.141   1.00 11.69 ? 18  LEU B CB  1 
ATOM   848  C CG  . LEU B 1 18 ? -6.883  8.752   6.291   1.00 13.25 ? 18  LEU B CG  1 
ATOM   849  C CD1 . LEU B 1 18 ? -6.063  7.618   5.689   1.00 14.96 ? 18  LEU B CD1 1 
ATOM   850  C CD2 . LEU B 1 18 ? -6.529  10.067  5.613   1.00 17.24 ? 18  LEU B CD2 1 
ATOM   851  N N   . SER B 1 19 ? -11.216 9.423   5.241   1.00 14.68 ? 19  SER B N   1 
ATOM   852  C CA  . SER B 1 19 ? -12.529 8.990   4.775   1.00 16.27 ? 19  SER B CA  1 
ATOM   853  C C   . SER B 1 19 ? -12.514 7.504   4.429   1.00 17.51 ? 19  SER B C   1 
ATOM   854  O O   . SER B 1 19 ? -11.460 6.901   4.229   1.00 16.34 ? 19  SER B O   1 
ATOM   855  C CB  . SER B 1 19 ? -12.949 9.749   3.516   1.00 18.08 ? 19  SER B CB  1 
ATOM   856  O OG  . SER B 1 19 ? -11.934 9.659   2.529   1.00 19.29 ? 19  SER B OG  1 
ATOM   857  N N   . ASP B 1 20 ? -13.719 6.927   4.334   1.00 16.83 ? 20  ASP B N   1 
ATOM   858  C CA  . ASP B 1 20 ? -13.861 5.577   3.799   1.00 17.89 ? 20  ASP B CA  1 
ATOM   859  C C   . ASP B 1 20 ? -13.156 5.448   2.456   1.00 18.56 ? 20  ASP B C   1 
ATOM   860  O O   . ASP B 1 20 ? -12.536 4.418   2.161   1.00 17.42 ? 20  ASP B O   1 
ATOM   861  C CB  . ASP B 1 20 ? -15.343 5.231   3.632   1.00 18.55 ? 20  ASP B CB  1 
ATOM   862  C CG  . ASP B 1 20 ? -16.022 4.872   4.934   1.00 23.57 ? 20  ASP B CG  1 
ATOM   863  O OD1 . ASP B 1 20 ? -15.342 4.767   5.975   1.00 20.74 ? 20  ASP B OD1 1 
ATOM   864  O OD2 . ASP B 1 20 ? -17.258 4.696   4.915   1.00 25.60 ? 20  ASP B OD2 1 
ATOM   865  N N   . GLU B 1 21 ? -13.234 6.496   1.630   1.00 20.07 ? 21  GLU B N   1 
ATOM   866  C CA  . GLU B 1 21 ? -12.642 6.446   0.295   1.00 19.48 ? 21  GLU B CA  1 
ATOM   867  C C   . GLU B 1 21 ? -11.123 6.341   0.362   1.00 20.02 ? 21  GLU B C   1 
ATOM   868  O O   . GLU B 1 21 ? -10.516 5.536   -0.357  1.00 18.53 ? 21  GLU B O   1 
ATOM   869  C CB  . GLU B 1 21 ? -13.064 7.679   -0.511  1.00 21.19 ? 21  GLU B CB  1 
ATOM   870  C CG  . GLU B 1 21 ? -14.574 7.892   -0.586  1.00 31.85 ? 21  GLU B CG  1 
ATOM   871  C CD  . GLU B 1 21 ? -15.110 8.764   0.551   1.00 30.56 ? 21  GLU B CD  1 
ATOM   872  O OE1 . GLU B 1 21 ? -15.540 8.211   1.590   1.00 27.37 ? 21  GLU B OE1 1 
ATOM   873  O OE2 . GLU B 1 21 ? -15.107 10.006  0.399   1.00 44.90 ? 21  GLU B OE2 1 
ATOM   874  N N   . PHE B 1 22 ? -10.484 7.150   1.215   1.00 16.72 ? 22  PHE B N   1 
ATOM   875  C CA  . PHE B 1 22 ? -9.029  7.096   1.322   1.00 15.12 ? 22  PHE B CA  1 
ATOM   876  C C   . PHE B 1 22 ? -8.578  5.786   1.958   1.00 13.42 ? 22  PHE B C   1 
ATOM   877  O O   . PHE B 1 22 ? -7.546  5.224   1.568   1.00 14.29 ? 22  PHE B O   1 
ATOM   878  C CB  . PHE B 1 22 ? -8.504  8.294   2.120   1.00 15.74 ? 22  PHE B CB  1 
ATOM   879  C CG  . PHE B 1 22 ? -8.283  9.531   1.285   1.00 19.64 ? 22  PHE B CG  1 
ATOM   880  C CD1 . PHE B 1 22 ? -9.267  9.986   0.421   1.00 29.73 ? 22  PHE B CD1 1 
ATOM   881  C CD2 . PHE B 1 22 ? -7.096  10.240  1.370   1.00 23.60 ? 22  PHE B CD2 1 
ATOM   882  C CE1 . PHE B 1 22 ? -9.071  11.121  -0.347  1.00 30.16 ? 22  PHE B CE1 1 
ATOM   883  C CE2 . PHE B 1 22 ? -6.890  11.380  0.602   1.00 30.53 ? 22  PHE B CE2 1 
ATOM   884  C CZ  . PHE B 1 22 ? -7.882  11.819  -0.256  1.00 29.14 ? 22  PHE B CZ  1 
ATOM   885  N N   . ILE B 1 23 ? -9.338  5.284   2.936   1.00 12.09 ? 23  ILE B N   1 
ATOM   886  C CA  . ILE B 1 23 ? -9.016  3.987   3.529   1.00 10.35 ? 23  ILE B CA  1 
ATOM   887  C C   . ILE B 1 23 ? -9.116  2.892   2.482   1.00 12.53 ? 23  ILE B C   1 
ATOM   888  O O   . ILE B 1 23 ? -8.243  2.022   2.386   1.00 11.98 ? 23  ILE B O   1 
ATOM   889  C CB  . ILE B 1 23 ? -9.929  3.698   4.729   1.00 13.25 ? 23  ILE B CB  1 
ATOM   890  C CG1 . ILE B 1 23 ? -9.618  4.696   5.844   1.00 13.08 ? 23  ILE B CG1 1 
ATOM   891  C CG2 . ILE B 1 23 ? -9.755  2.251   5.207   1.00 12.81 ? 23  ILE B CG2 1 
ATOM   892  C CD1 . ILE B 1 23 ? -10.587 4.609   6.988   1.00 14.47 ? 23  ILE B CD1 1 
ATOM   893  N N   . GLY B 1 24 ? -10.191 2.917   1.690   1.00 13.81 ? 24  GLY B N   1 
ATOM   894  C CA  . GLY B 1 24 ? -10.325 1.959   0.602   1.00 14.47 ? 24  GLY B CA  1 
ATOM   895  C C   . GLY B 1 24 ? -9.164  2.018   -0.367  1.00 12.88 ? 24  GLY B C   1 
ATOM   896  O O   . GLY B 1 24 ? -8.657  0.983   -0.806  1.00 15.76 ? 24  GLY B O   1 
ATOM   897  N N   . ASN B 1 25 ? -8.705  3.227   -0.702  1.00 14.20 ? 25  ASN B N   1 
ATOM   898  C CA  . ASN B 1 25 ? -7.585  3.343   -1.632  1.00 15.41 ? 25  ASN B CA  1 
ATOM   899  C C   . ASN B 1 25 ? -6.311  2.749   -1.045  1.00 15.99 ? 25  ASN B C   1 
ATOM   900  O O   . ASN B 1 25 ? -5.552  2.083   -1.753  1.00 13.82 ? 25  ASN B O   1 
ATOM   901  C CB  . ASN B 1 25 ? -7.374  4.805   -2.024  1.00 18.44 ? 25  ASN B CB  1 
ATOM   902  C CG  . ASN B 1 25 ? -8.491  5.336   -2.894  1.00 23.70 ? 25  ASN B CG  1 
ATOM   903  O OD1 . ASN B 1 25 ? -9.327  4.574   -3.391  1.00 25.39 ? 25  ASN B OD1 1 
ATOM   904  N ND2 . ASN B 1 25 ? -8.524  6.654   -3.071  1.00 31.77 ? 25  ASN B ND2 1 
ATOM   905  N N   . CYS B 1 26 ? -6.077  2.952   0.260   1.00 12.04 ? 26  CYS B N   1 
ATOM   906  C CA  . CYS B 1 26 ? -4.959  2.309   0.937   1.00 11.23 ? 26  CYS B CA  1 
ATOM   907  C C   . CYS B 1 26 ? -5.084  0.797   0.873   1.00 11.27 ? 26  CYS B C   1 
ATOM   908  O O   . CYS B 1 26 ? -4.109  0.092   0.591   1.00 11.78 ? 26  CYS B O   1 
ATOM   909  C CB  . CYS B 1 26 ? -4.905  2.737   2.399   1.00 9.99  ? 26  CYS B CB  1 
ATOM   910  S SG  . CYS B 1 26 ? -4.421  4.459   2.632   1.00 13.90 ? 26  CYS B SG  1 
ATOM   911  N N   . TYR B 1 27 ? -6.281  0.288   1.178   1.00 11.67 ? 27  TYR B N   1 
ATOM   912  C CA  . TYR B 1 27 ? -6.506  -1.150  1.192   1.00 10.95 ? 27  TYR B CA  1 
ATOM   913  C C   . TYR B 1 27 ? -6.220  -1.759  -0.174  1.00 10.30 ? 27  TYR B C   1 
ATOM   914  O O   . TYR B 1 27 ? -5.555  -2.800  -0.275  1.00 12.28 ? 27  TYR B O   1 
ATOM   915  C CB  . TYR B 1 27 ? -7.949  -1.423  1.632   1.00 10.66 ? 27  TYR B CB  1 
ATOM   916  C CG  . TYR B 1 27 ? -8.258  -2.890  1.837   1.00 12.42 ? 27  TYR B CG  1 
ATOM   917  C CD1 . TYR B 1 27 ? -8.537  -3.715  0.753   1.00 12.24 ? 27  TYR B CD1 1 
ATOM   918  C CD2 . TYR B 1 27 ? -8.282  -3.446  3.111   1.00 11.62 ? 27  TYR B CD2 1 
ATOM   919  C CE1 . TYR B 1 27 ? -8.818  -5.054  0.930   1.00 13.41 ? 27  TYR B CE1 1 
ATOM   920  C CE2 . TYR B 1 27 ? -8.565  -4.788  3.300   1.00 13.53 ? 27  TYR B CE2 1 
ATOM   921  C CZ  . TYR B 1 27 ? -8.826  -5.587  2.198   1.00 13.61 ? 27  TYR B CZ  1 
ATOM   922  O OH  . TYR B 1 27 ? -9.109  -6.926  2.373   1.00 13.04 ? 27  TYR B OH  1 
ATOM   923  N N   . VAL B 1 28 ? -6.716  -1.125  -1.239  1.00 10.79 ? 28  VAL B N   1 
ATOM   924  C CA  . VAL B 1 28 ? -6.483  -1.656  -2.583  1.00 11.48 ? 28  VAL B CA  1 
ATOM   925  C C   . VAL B 1 28 ? -4.990  -1.785  -2.850  1.00 13.06 ? 28  VAL B C   1 
ATOM   926  O O   . VAL B 1 28 ? -4.538  -2.770  -3.454  1.00 13.80 ? 28  VAL B O   1 
ATOM   927  C CB  . VAL B 1 28 ? -7.170  -0.773  -3.642  1.00 10.08 ? 28  VAL B CB  1 
ATOM   928  C CG1 . VAL B 1 28 ? -6.701  -1.171  -5.062  1.00 11.56 ? 28  VAL B CG1 1 
ATOM   929  C CG2 . VAL B 1 28 ? -8.670  -0.878  -3.537  1.00 12.81 ? 28  VAL B CG2 1 
ATOM   930  N N   . SER B 1 29 ? -4.197  -0.803  -2.402  1.00 12.74 ? 29  SER B N   1 
ATOM   931  C CA  . SER B 1 29 ? -2.769  -0.839  -2.691  1.00 11.22 ? 29  SER B CA  1 
ATOM   932  C C   . SER B 1 29 ? -2.058  -1.948  -1.926  1.00 13.53 ? 29  SER B C   1 
ATOM   933  O O   . SER B 1 29 ? -1.208  -2.641  -2.495  1.00 13.67 ? 29  SER B O   1 
ATOM   934  C CB  . SER B 1 29 ? -2.128  0.514   -2.386  1.00 13.63 ? 29  SER B CB  1 
ATOM   935  O OG  . SER B 1 29 ? -2.482  1.455   -3.389  1.00 14.46 ? 29  SER B OG  1 
ATOM   936  N N   . VAL B 1 30 ? -2.379  -2.139  -0.641  1.00 11.82 ? 30  VAL B N   1 
ATOM   937  C CA  . VAL B 1 30 ? -1.569  -3.019  0.197   1.00 12.80 ? 30  VAL B CA  1 
ATOM   938  C C   . VAL B 1 30 ? -2.107  -4.441  0.263   1.00 10.01 ? 30  VAL B C   1 
ATOM   939  O O   . VAL B 1 30 ? -1.385  -5.332  0.735   1.00 14.05 ? 30  VAL B O   1 
ATOM   940  C CB  . VAL B 1 30 ? -1.406  -2.465  1.633   1.00 11.84 ? 30  VAL B CB  1 
ATOM   941  C CG1 . VAL B 1 30 ? -0.754  -1.071  1.598   1.00 12.07 ? 30  VAL B CG1 1 
ATOM   942  C CG2 . VAL B 1 30 ? -2.746  -2.414  2.350   1.00 12.88 ? 30  VAL B CG2 1 
ATOM   943  N N   . ARG B 1 31 ? -3.321  -4.686  -0.231  1.00 10.54 ? 31  ARG B N   1 
ATOM   944  C CA  . ARG B 1 31 ? -3.980  -5.992  -0.130  1.00 13.08 ? 31  ARG B CA  1 
ATOM   945  C C   . ARG B 1 31 ? -3.165  -7.100  -0.801  1.00 13.22 ? 31  ARG B C   1 
ATOM   946  O O   . ARG B 1 31 ? -2.917  -7.027  -2.015  1.00 13.57 ? 31  ARG B O   1 
ATOM   947  C CB  . ARG B 1 31 ? -5.362  -5.917  -0.790  1.00 15.27 ? 31  ARG B CB  1 
ATOM   948  C CG  . ARG B 1 31 ? -5.993  -7.286  -1.006  1.00 21.73 ? 31  ARG B CG  1 
ATOM   949  C CD  . ARG B 1 31 ? -7.207  -7.191  -1.869  1.00 18.30 ? 31  ARG B CD  1 
ATOM   950  N NE  . ARG B 1 31 ? -6.875  -7.207  -3.286  1.00 14.79 ? 31  ARG B NE  1 
ATOM   951  C CZ  . ARG B 1 31 ? -6.730  -8.318  -3.994  1.00 14.28 ? 31  ARG B CZ  1 
ATOM   952  N NH1 . ARG B 1 31 ? -6.870  -9.502  -3.401  1.00 14.62 ? 31  ARG B NH1 1 
ATOM   953  N NH2 . ARG B 1 31 ? -6.459  -8.244  -5.291  1.00 18.11 ? 31  ARG B NH2 1 
ATOM   954  N N   . PRO B 1 32 ? -2.740  -8.129  -0.074  1.00 11.57 ? 32  PRO B N   1 
ATOM   955  C CA  . PRO B 1 32 ? -2.159  -9.309  -0.725  1.00 11.02 ? 32  PRO B CA  1 
ATOM   956  C C   . PRO B 1 32 ? -3.244  -10.154 -1.379  1.00 11.67 ? 32  PRO B C   1 
ATOM   957  O O   . PRO B 1 32 ? -4.432  -10.012 -1.103  1.00 11.93 ? 32  PRO B O   1 
ATOM   958  C CB  . PRO B 1 32 ? -1.493  -10.057 0.425   1.00 14.71 ? 32  PRO B CB  1 
ATOM   959  C CG  . PRO B 1 32 ? -2.359  -9.715  1.613   1.00 14.48 ? 32  PRO B CG  1 
ATOM   960  C CD  . PRO B 1 32 ? -2.850  -8.299  1.385   1.00 13.14 ? 32  PRO B CD  1 
ATOM   961  N N   . ARG B 1 33 ? -2.809  -11.060 -2.262  1.00 10.59 ? 33  ARG B N   1 
ATOM   962  C CA  . ARG B 1 33 ? -3.790  -11.755 -3.087  1.00 13.17 ? 33  ARG B CA  1 
ATOM   963  C C   . ARG B 1 33 ? -4.733  -12.616 -2.258  1.00 14.21 ? 33  ARG B C   1 
ATOM   964  O O   . ARG B 1 33 ? -5.891  -12.814 -2.643  1.00 12.91 ? 33  ARG B O   1 
ATOM   965  C CB  . ARG B 1 33 ? -3.092  -12.606 -4.147  1.00 14.06 ? 33  ARG B CB  1 
ATOM   966  C CG  . ARG B 1 33 ? -4.069  -13.092 -5.188  1.00 16.29 ? 33  ARG B CG  1 
ATOM   967  C CD  . ARG B 1 33 ? -3.478  -14.166 -6.066  1.00 16.05 ? 33  ARG B CD  1 
ATOM   968  N NE  . ARG B 1 33 ? -4.485  -14.631 -7.017  1.00 20.03 ? 33  ARG B NE  1 
ATOM   969  C CZ  . ARG B 1 33 ? -4.373  -15.749 -7.725  1.00 22.17 ? 33  ARG B CZ  1 
ATOM   970  N NH1 . ARG B 1 33 ? -3.299  -16.507 -7.578  1.00 18.18 ? 33  ARG B NH1 1 
ATOM   971  N NH2 . ARG B 1 33 ? -5.332  -16.099 -8.577  1.00 21.28 ? 33  ARG B NH2 1 
ATOM   972  N N   . HIS B 1 34 ? -4.270  -13.125 -1.120  1.00 11.12 ? 34  HIS B N   1 
ATOM   973  C CA  . HIS B 1 34 ? -5.105  -13.990 -0.297  1.00 10.77 ? 34  HIS B CA  1 
ATOM   974  C C   . HIS B 1 34 ? -6.075  -13.213 0.592   1.00 12.79 ? 34  HIS B C   1 
ATOM   975  O O   . HIS B 1 34 ? -6.853  -13.828 1.328   1.00 13.36 ? 34  HIS B O   1 
ATOM   976  C CB  . HIS B 1 34 ? -4.215  -14.902 0.549   1.00 11.63 ? 34  HIS B CB  1 
ATOM   977  C CG  . HIS B 1 34 ? -3.265  -14.160 1.435   1.00 11.45 ? 34  HIS B CG  1 
ATOM   978  N ND1 . HIS B 1 34 ? -2.001  -13.787 1.030   1.00 16.88 ? 34  HIS B ND1 1 
ATOM   979  C CD2 . HIS B 1 34 ? -3.397  -13.730 2.712   1.00 18.10 ? 34  HIS B CD2 1 
ATOM   980  C CE1 . HIS B 1 34 ? -1.399  -13.150 2.020   1.00 18.53 ? 34  HIS B CE1 1 
ATOM   981  N NE2 . HIS B 1 34 ? -2.223  -13.102 3.051   1.00 18.76 ? 34  HIS B NE2 1 
ATOM   982  N N   . ALA B 1 35 ? -6.055  -11.893 0.540   1.00 12.40 ? 35  ALA B N   1 
ATOM   983  C CA  . ALA B 1 35 ? -7.052  -11.097 1.243   1.00 12.12 ? 35  ALA B CA  1 
ATOM   984  C C   . ALA B 1 35 ? -8.195  -10.713 0.309   1.00 12.87 ? 35  ALA B C   1 
ATOM   985  O O   . ALA B 1 35 ? -7.982  -10.497 -0.890  1.00 12.95 ? 35  ALA B O   1 
ATOM   986  C CB  . ALA B 1 35 ? -6.412  -9.820  1.794   1.00 10.42 ? 35  ALA B CB  1 
ATOM   987  N N   . PRO B 1 36 ? -9.423  -10.590 0.817   1.00 12.60 ? 36  PRO B N   1 
ATOM   988  C CA  . PRO B 1 36 ? -10.546 -10.231 -0.054  1.00 11.89 ? 36  PRO B CA  1 
ATOM   989  C C   . PRO B 1 36 ? -10.400 -8.837  -0.643  1.00 15.95 ? 36  PRO B C   1 
ATOM   990  O O   . PRO B 1 36 ? -9.857  -7.923  -0.017  1.00 14.48 ? 36  PRO B O   1 
ATOM   991  C CB  . PRO B 1 36 ? -11.760 -10.306 0.880   1.00 15.34 ? 36  PRO B CB  1 
ATOM   992  C CG  . PRO B 1 36 ? -11.182 -10.079 2.245   1.00 13.63 ? 36  PRO B CG  1 
ATOM   993  C CD  . PRO B 1 36 ? -9.840  -10.767 2.219   1.00 13.22 ? 36  PRO B CD  1 
ATOM   994  N N   . ALA B 1 37 ? -10.906 -8.685  -1.866  1.00 17.15 ? 37  ALA B N   1 
ATOM   995  C CA  . ALA B 1 37 ? -10.902 -7.384  -2.517  1.00 19.01 ? 37  ALA B CA  1 
ATOM   996  C C   . ALA B 1 37 ? -11.763 -6.400  -1.733  1.00 12.62 ? 37  ALA B C   1 
ATOM   997  O O   . ALA B 1 37 ? -12.652 -6.781  -0.966  1.00 16.40 ? 37  ALA B O   1 
ATOM   998  C CB  . ALA B 1 37 ? -11.408 -7.496  -3.954  1.00 20.99 ? 37  ALA B CB  1 
ATOM   999  N N   . TRP B 1 38 ? -11.494 -5.110  -1.960  1.00 19.41 ? 38  TRP B N   1 
ATOM   1000 C CA  . TRP B 1 38 ? -12.195 -4.060  -1.226  1.00 18.28 ? 38  TRP B CA  1 
ATOM   1001 C C   . TRP B 1 38 ? -13.712 -4.203  -1.336  1.00 16.92 ? 38  TRP B C   1 
ATOM   1002 O O   . TRP B 1 38 ? -14.419 -4.093  -0.329  1.00 20.75 ? 38  TRP B O   1 
ATOM   1003 C CB  . TRP B 1 38 ? -11.727 -2.691  -1.724  1.00 20.74 ? 38  TRP B CB  1 
ATOM   1004 C CG  . TRP B 1 38 ? -12.458 -1.539  -1.090  1.00 19.22 ? 38  TRP B CG  1 
ATOM   1005 C CD1 . TRP B 1 38 ? -13.340 -0.697  -1.707  1.00 24.87 ? 38  TRP B CD1 1 
ATOM   1006 C CD2 . TRP B 1 38 ? -12.365 -1.099  0.272   1.00 19.29 ? 38  TRP B CD2 1 
ATOM   1007 N NE1 . TRP B 1 38 ? -13.809 0.230   -0.814  1.00 20.76 ? 38  TRP B NE1 1 
ATOM   1008 C CE2 . TRP B 1 38 ? -13.230 0.008   0.408   1.00 20.57 ? 38  TRP B CE2 1 
ATOM   1009 C CE3 . TRP B 1 38 ? -11.644 -1.535  1.393   1.00 16.53 ? 38  TRP B CE3 1 
ATOM   1010 C CZ2 . TRP B 1 38 ? -13.384 0.691   1.614   1.00 18.17 ? 38  TRP B CZ2 1 
ATOM   1011 C CZ3 . TRP B 1 38 ? -11.803 -0.857  2.594   1.00 18.73 ? 38  TRP B CZ3 1 
ATOM   1012 C CH2 . TRP B 1 38 ? -12.669 0.246   2.690   1.00 19.43 ? 38  TRP B CH2 1 
ATOM   1013 N N   . GLU B 1 39 ? -14.227 -4.511  -2.540  1.00 22.77 ? 39  GLU B N   1 
ATOM   1014 C CA  . GLU B 1 39 ? -15.677 -4.632  -2.718  1.00 23.42 ? 39  GLU B CA  1 
ATOM   1015 C C   . GLU B 1 39 ? -16.258 -5.779  -1.905  1.00 22.09 ? 39  GLU B C   1 
ATOM   1016 O O   . GLU B 1 39 ? -17.399 -5.690  -1.435  1.00 24.15 ? 39  GLU B O   1 
ATOM   1017 C CB  . GLU B 1 39 ? -16.027 -4.819  -4.197  1.00 24.39 ? 39  GLU B CB  1 
ATOM   1018 C CG  . GLU B 1 39 ? -15.847 -3.576  -5.028  1.00 29.48 ? 39  GLU B CG  1 
ATOM   1019 C CD  . GLU B 1 39 ? -14.393 -3.332  -5.356  1.00 33.96 ? 39  GLU B CD  1 
ATOM   1020 O OE1 . GLU B 1 39 ? -13.597 -4.290  -5.224  1.00 28.70 ? 39  GLU B OE1 1 
ATOM   1021 O OE2 . GLU B 1 39 ? -14.048 -2.190  -5.727  1.00 40.44 ? 39  GLU B OE2 1 
ATOM   1022 N N   . VAL B 1 40 ? -15.501 -6.867  -1.742  1.00 21.57 ? 40  VAL B N   1 
ATOM   1023 C CA  . VAL B 1 40 ? -15.942 -7.951  -0.873  1.00 21.98 ? 40  VAL B CA  1 
ATOM   1024 C C   . VAL B 1 40 ? -16.054 -7.462  0.563   1.00 20.65 ? 40  VAL B C   1 
ATOM   1025 O O   . VAL B 1 40 ? -17.003 -7.800  1.282   1.00 24.99 ? 40  VAL B O   1 
ATOM   1026 C CB  . VAL B 1 40 ? -14.983 -9.152  -0.987  1.00 19.17 ? 40  VAL B CB  1 
ATOM   1027 C CG1 . VAL B 1 40 ? -15.377 -10.233 0.013   1.00 24.90 ? 40  VAL B CG1 1 
ATOM   1028 C CG2 . VAL B 1 40 ? -14.983 -9.700  -2.404  1.00 21.97 ? 40  VAL B CG2 1 
ATOM   1029 N N   . VAL B 1 41 ? -15.078 -6.667  1.009   1.00 20.29 ? 41  VAL B N   1 
ATOM   1030 C CA  . VAL B 1 41 ? -15.121 -6.128  2.362   1.00 20.65 ? 41  VAL B CA  1 
ATOM   1031 C C   . VAL B 1 41 ? -16.315 -5.190  2.521   1.00 15.93 ? 41  VAL B C   1 
ATOM   1032 O O   . VAL B 1 41 ? -17.039 -5.246  3.525   1.00 23.51 ? 41  VAL B O   1 
ATOM   1033 C CB  . VAL B 1 41 ? -13.790 -5.428  2.693   1.00 18.55 ? 41  VAL B CB  1 
ATOM   1034 C CG1 . VAL B 1 41 ? -13.838 -4.832  4.095   1.00 20.83 ? 41  VAL B CG1 1 
ATOM   1035 C CG2 . VAL B 1 41 ? -12.630 -6.406  2.565   1.00 15.08 ? 41  VAL B CG2 1 
ATOM   1036 N N   . VAL B 1 42 ? -16.526 -4.310  1.539   1.00 21.05 ? 42  VAL B N   1 
ATOM   1037 C CA  . VAL B 1 42 ? -17.658 -3.380  1.573   1.00 24.95 ? 42  VAL B CA  1 
ATOM   1038 C C   . VAL B 1 42 ? -18.975 -4.138  1.677   1.00 27.26 ? 42  VAL B C   1 
ATOM   1039 O O   . VAL B 1 42 ? -19.831 -3.824  2.513   1.00 31.31 ? 42  VAL B O   1 
ATOM   1040 C CB  . VAL B 1 42 ? -17.640 -2.462  0.337   1.00 26.33 ? 42  VAL B CB  1 
ATOM   1041 C CG1 . VAL B 1 42 ? -18.839 -1.521  0.348   1.00 26.56 ? 42  VAL B CG1 1 
ATOM   1042 C CG2 . VAL B 1 42 ? -16.343 -1.662  0.273   1.00 23.67 ? 42  VAL B CG2 1 
ATOM   1043 N N   . ALA B 1 43 ? -19.158 -5.151  0.828   1.00 31.35 ? 43  ALA B N   1 
ATOM   1044 C CA  . ALA B 1 43 ? -20.390 -5.930  0.861   1.00 23.97 ? 43  ALA B CA  1 
ATOM   1045 C C   . ALA B 1 43 ? -20.546 -6.721  2.151   1.00 28.53 ? 43  ALA B C   1 
ATOM   1046 O O   . ALA B 1 43 ? -21.672 -7.066  2.520   1.00 34.84 ? 43  ALA B O   1 
ATOM   1047 C CB  . ALA B 1 43 ? -20.441 -6.876  -0.342  1.00 31.30 ? 43  ALA B CB  1 
ATOM   1048 N N   . SER B 1 44 ? -19.448 -7.011  2.849   1.00 27.57 ? 44  SER B N   1 
ATOM   1049 C CA  . SER B 1 44 ? -19.506 -7.828  4.052   1.00 25.89 ? 44  SER B CA  1 
ATOM   1050 C C   . SER B 1 44 ? -19.708 -7.018  5.326   1.00 31.34 ? 44  SER B C   1 
ATOM   1051 O O   . SER B 1 44 ? -20.129 -7.587  6.338   1.00 33.82 ? 44  SER B O   1 
ATOM   1052 C CB  . SER B 1 44 ? -18.225 -8.662  4.181   1.00 33.12 ? 44  SER B CB  1 
ATOM   1053 O OG  . SER B 1 44 ? -17.206 -7.930  4.840   1.00 39.87 ? 44  SER B OG  1 
ATOM   1054 N N   . ALA B 1 45 ? -19.428 -5.718  5.300   1.00 30.39 ? 45  ALA B N   1 
ATOM   1055 C CA  . ALA B 1 45 ? -19.381 -4.921  6.523   1.00 30.91 ? 45  ALA B CA  1 
ATOM   1056 C C   . ALA B 1 45 ? -20.791 -4.681  7.047   1.00 33.94 ? 45  ALA B C   1 
ATOM   1057 O O   . ALA B 1 45 ? -21.538 -3.863  6.499   1.00 36.48 ? 45  ALA B O   1 
ATOM   1058 C CB  . ALA B 1 45 ? -18.663 -3.600  6.264   1.00 28.40 ? 45  ALA B CB  1 
ATOM   1059 N N   . ALA B 1 46 ? -21.155 -5.387  8.117   1.00 34.97 ? 46  ALA B N   1 
ATOM   1060 C CA  . ALA B 1 46 ? -22.443 -5.142  8.759   1.00 37.15 ? 46  ALA B CA  1 
ATOM   1061 C C   . ALA B 1 46 ? -22.427 -3.830  9.534   1.00 42.84 ? 46  ALA B C   1 
ATOM   1062 O O   . ALA B 1 46 ? -23.411 -3.080  9.517   1.00 45.85 ? 46  ALA B O   1 
ATOM   1063 C CB  . ALA B 1 46 ? -22.805 -6.310  9.678   1.00 38.73 ? 46  ALA B CB  1 
ATOM   1064 N N   . GLY B 1 47 ? -21.320 -3.536  10.217  1.00 34.51 ? 47  GLY B N   1 
ATOM   1065 C CA  . GLY B 1 47 ? -21.172 -2.301  10.964  1.00 32.22 ? 47  GLY B CA  1 
ATOM   1066 C C   . GLY B 1 47 ? -20.150 -1.359  10.362  1.00 28.30 ? 47  GLY B C   1 
ATOM   1067 O O   . GLY B 1 47 ? -20.304 -0.928  9.213   1.00 31.64 ? 47  GLY B O   1 
ATOM   1068 N N   . SER B 1 48 ? -19.099 -1.033  11.117  1.00 23.72 ? 48  SER B N   1 
ATOM   1069 C CA  . SER B 1 48 ? -18.100 -0.079  10.646  1.00 19.57 ? 48  SER B CA  1 
ATOM   1070 C C   . SER B 1 48 ? -17.307 -0.688  9.496   1.00 18.42 ? 48  SER B C   1 
ATOM   1071 O O   . SER B 1 48 ? -16.719 -1.766  9.642   1.00 18.60 ? 48  SER B O   1 
ATOM   1072 C CB  . SER B 1 48 ? -17.159 0.323   11.780  1.00 18.53 ? 48  SER B CB  1 
ATOM   1073 O OG  . SER B 1 48 ? -15.980 0.947   11.265  1.00 16.61 ? 48  SER B OG  1 
ATOM   1074 N N   . LEU B 1 49 ? -17.301 0.008   8.358   1.00 18.37 ? 49  LEU B N   1 
ATOM   1075 C CA  . LEU B 1 49 ? -16.544 -0.447  7.194   1.00 16.39 ? 49  LEU B CA  1 
ATOM   1076 C C   . LEU B 1 49 ? -15.047 -0.452  7.482   1.00 18.14 ? 49  LEU B C   1 
ATOM   1077 O O   . LEU B 1 49 ? -14.353 -1.432  7.187   1.00 15.13 ? 49  LEU B O   1 
ATOM   1078 C CB  . LEU B 1 49 ? -16.858 0.440   5.989   1.00 18.58 ? 49  LEU B CB  1 
ATOM   1079 C CG  . LEU B 1 49 ? -15.993 0.228   4.741   1.00 18.69 ? 49  LEU B CG  1 
ATOM   1080 C CD1 . LEU B 1 49 ? -15.981 -1.254  4.296   1.00 18.94 ? 49  LEU B CD1 1 
ATOM   1081 C CD2 . LEU B 1 49 ? -16.437 1.123   3.610   1.00 20.49 ? 49  LEU B CD2 1 
ATOM   1082 N N   . ARG B 1 50 ? -14.521 0.643   8.045   1.00 14.80 ? 50  ARG B N   1 
ATOM   1083 C CA  . ARG B 1 50 ? -13.087 0.670   8.322   1.00 14.95 ? 50  ARG B CA  1 
ATOM   1084 C C   . ARG B 1 50 ? -12.698 -0.431  9.303   1.00 11.87 ? 50  ARG B C   1 
ATOM   1085 O O   . ARG B 1 50 ? -11.656 -1.080  9.143   1.00 12.59 ? 50  ARG B O   1 
ATOM   1086 C CB  . ARG B 1 50 ? -12.662 2.053   8.838   1.00 13.54 ? 50  ARG B CB  1 
ATOM   1087 C CG  . ARG B 1 50 ? -13.335 2.496   10.130  1.00 15.30 ? 50  ARG B CG  1 
ATOM   1088 C CD  . ARG B 1 50 ? -13.157 3.999   10.332  1.00 14.20 ? 50  ARG B CD  1 
ATOM   1089 N NE  . ARG B 1 50 ? -13.684 4.733   9.187   1.00 13.27 ? 50  ARG B NE  1 
ATOM   1090 C CZ  . ARG B 1 50 ? -13.227 5.908   8.776   1.00 12.87 ? 50  ARG B CZ  1 
ATOM   1091 N NH1 . ARG B 1 50 ? -12.238 6.515   9.445   1.00 14.88 ? 50  ARG B NH1 1 
ATOM   1092 N NH2 . ARG B 1 50 ? -13.742 6.473   7.690   1.00 16.92 ? 50  ARG B NH2 1 
ATOM   1093 N N   . LEU B 1 51 ? -13.533 -0.687  10.317  1.00 14.31 ? 51  LEU B N   1 
ATOM   1094 C CA  . LEU B 1 51 ? -13.230 -1.785  11.223  1.00 13.15 ? 51  LEU B CA  1 
ATOM   1095 C C   . LEU B 1 51 ? -13.211 -3.117  10.485  1.00 13.91 ? 51  LEU B C   1 
ATOM   1096 O O   . LEU B 1 51 ? -12.326 -3.947  10.715  1.00 13.85 ? 51  LEU B O   1 
ATOM   1097 C CB  . LEU B 1 51 ? -14.237 -1.828  12.366  1.00 15.06 ? 51  LEU B CB  1 
ATOM   1098 C CG  . LEU B 1 51 ? -13.910 -2.927  13.370  1.00 15.54 ? 51  LEU B CG  1 
ATOM   1099 C CD1 . LEU B 1 51 ? -12.535 -2.713  13.991  1.00 18.12 ? 51  LEU B CD1 1 
ATOM   1100 C CD2 . LEU B 1 51 ? -14.974 -2.984  14.440  1.00 20.37 ? 51  LEU B CD2 1 
ATOM   1101 N N   . GLU B 1 52 ? -14.187 -3.341  9.602   1.00 13.80 ? 52  GLU B N   1 
ATOM   1102 C CA  . GLU B 1 52 ? -14.213 -4.579  8.824   1.00 15.81 ? 52  GLU B CA  1 
ATOM   1103 C C   . GLU B 1 52 ? -12.921 -4.761  8.035   1.00 14.54 ? 52  GLU B C   1 
ATOM   1104 O O   . GLU B 1 52 ? -12.325 -5.850  8.039   1.00 15.01 ? 52  GLU B O   1 
ATOM   1105 C CB  . GLU B 1 52 ? -15.431 -4.577  7.897   1.00 17.20 ? 52  GLU B CB  1 
ATOM   1106 C CG  . GLU B 1 52 ? -15.751 -5.915  7.250   1.00 23.33 ? 52  GLU B CG  1 
ATOM   1107 C CD  . GLU B 1 52 ? -16.163 -6.984  8.252   1.00 27.36 ? 52  GLU B CD  1 
ATOM   1108 O OE1 . GLU B 1 52 ? -16.173 -8.172  7.865   1.00 39.74 ? 52  GLU B OE1 1 
ATOM   1109 O OE2 . GLU B 1 52 ? -16.479 -6.648  9.415   1.00 31.89 ? 52  GLU B OE2 1 
ATOM   1110 N N   . ALA B 1 53 ? -12.460 -3.693  7.372   1.00 14.09 ? 53  ALA B N   1 
ATOM   1111 C CA  . ALA B 1 53 ? -11.236 -3.762  6.575   1.00 13.38 ? 53  ALA B CA  1 
ATOM   1112 C C   . ALA B 1 53 ? -10.023 -4.057  7.442   1.00 13.64 ? 53  ALA B C   1 
ATOM   1113 O O   . ALA B 1 53 ? -9.133  -4.828  7.052   1.00 13.25 ? 53  ALA B O   1 
ATOM   1114 C CB  . ALA B 1 53 ? -11.024 -2.449  5.822   1.00 12.95 ? 53  ALA B CB  1 
ATOM   1115 N N   . PHE B 1 54 ? -9.960  -3.444  8.627   1.00 11.95 ? 54  PHE B N   1 
ATOM   1116 C CA  . PHE B 1 54 ? -8.805  -3.661  9.480   1.00 11.98 ? 54  PHE B CA  1 
ATOM   1117 C C   . PHE B 1 54 ? -8.829  -5.046  10.101  1.00 11.61 ? 54  PHE B C   1 
ATOM   1118 O O   . PHE B 1 54 ? -7.765  -5.633  10.337  1.00 12.32 ? 54  PHE B O   1 
ATOM   1119 C CB  . PHE B 1 54 ? -8.747  -2.578  10.563  1.00 11.18 ? 54  PHE B CB  1 
ATOM   1120 C CG  . PHE B 1 54 ? -8.664  -1.174  10.004  1.00 11.81 ? 54  PHE B CG  1 
ATOM   1121 C CD1 . PHE B 1 54 ? -8.301  -0.941  8.686   1.00 12.82 ? 54  PHE B CD1 1 
ATOM   1122 C CD2 . PHE B 1 54 ? -8.963  -0.086  10.806  1.00 12.26 ? 54  PHE B CD2 1 
ATOM   1123 C CE1 . PHE B 1 54 ? -8.239  0.350   8.180   1.00 12.21 ? 54  PHE B CE1 1 
ATOM   1124 C CE2 . PHE B 1 54 ? -8.896  1.204   10.304  1.00 12.70 ? 54  PHE B CE2 1 
ATOM   1125 C CZ  . PHE B 1 54 ? -8.535  1.429   9.003   1.00 11.95 ? 54  PHE B CZ  1 
ATOM   1126 N N   . LYS B 1 55 ? -10.024 -5.580  10.375  1.00 13.29 ? 55  LYS B N   1 
ATOM   1127 C CA  . LYS B 1 55 ? -10.109 -6.964  10.816  1.00 13.01 ? 55  LYS B CA  1 
ATOM   1128 C C   . LYS B 1 55 ? -9.607  -7.912  9.735   1.00 12.41 ? 55  LYS B C   1 
ATOM   1129 O O   . LYS B 1 55 ? -8.864  -8.856  10.029  1.00 13.26 ? 55  LYS B O   1 
ATOM   1130 C CB  . LYS B 1 55 ? -11.545 -7.313  11.209  1.00 17.08 ? 55  LYS B CB  1 
ATOM   1131 C CG  . LYS B 1 55 ? -12.012 -6.664  12.495  1.00 17.47 ? 55  LYS B CG  1 
ATOM   1132 C CD  . LYS B 1 55 ? -13.434 -7.126  12.797  1.00 21.84 ? 55  LYS B CD  1 
ATOM   1133 C CE  . LYS B 1 55 ? -14.005 -6.436  14.013  1.00 30.71 ? 55  LYS B CE  1 
ATOM   1134 N NZ  . LYS B 1 55 ? -15.291 -7.056  14.452  1.00 37.68 ? 55  LYS B NZ  1 
ATOM   1135 N N   . ARG B 1 56 ? -9.992  -7.676  8.478   1.00 12.59 ? 56  ARG B N   1 
ATOM   1136 C CA  . ARG B 1 56 ? -9.473  -8.517  7.403   1.00 12.39 ? 56  ARG B CA  1 
ATOM   1137 C C   . ARG B 1 56 ? -7.966  -8.365  7.274   1.00 13.18 ? 56  ARG B C   1 
ATOM   1138 O O   . ARG B 1 56 ? -7.255  -9.350  7.047   1.00 13.26 ? 56  ARG B O   1 
ATOM   1139 C CB  . ARG B 1 56 ? -10.168 -8.195  6.077   1.00 17.61 ? 56  ARG B CB  1 
ATOM   1140 C CG  . ARG B 1 56 ? -11.655 -8.537  6.048   1.00 20.74 ? 56  ARG B CG  1 
ATOM   1141 C CD  . ARG B 1 56 ? -11.916 -10.029 6.277   1.00 23.29 ? 56  ARG B CD  1 
ATOM   1142 N NE  . ARG B 1 56 ? -11.913 -10.396 7.691   1.00 22.90 ? 56  ARG B NE  1 
ATOM   1143 C CZ  . ARG B 1 56 ? -12.902 -10.131 8.542   1.00 22.09 ? 56  ARG B CZ  1 
ATOM   1144 N NH1 . ARG B 1 56 ? -13.985 -9.492  8.122   1.00 31.56 ? 56  ARG B NH1 1 
ATOM   1145 N NH2 . ARG B 1 56 ? -12.801 -10.499 9.812   1.00 23.21 ? 56  ARG B NH2 1 
ATOM   1146 N N   . ALA B 1 57 ? -7.449  -7.142  7.435   1.00 10.30 ? 57  ALA B N   1 
ATOM   1147 C CA  . ALA B 1 57 ? -5.999  -6.969  7.383   1.00 12.01 ? 57  ALA B CA  1 
ATOM   1148 C C   . ALA B 1 57 ? -5.303  -7.729  8.508   1.00 11.50 ? 57  ALA B C   1 
ATOM   1149 O O   . ALA B 1 57 ? -4.213  -8.284  8.316   1.00 13.16 ? 57  ALA B O   1 
ATOM   1150 C CB  . ALA B 1 57 ? -5.640  -5.484  7.427   1.00 10.62 ? 57  ALA B CB  1 
ATOM   1151 N N   . HIS B 1 58 ? -5.908  -7.754  9.699   1.00 11.07 ? 58  HIS B N   1 
ATOM   1152 C CA  . HIS B 1 58 ? -5.367  -8.577  10.769  1.00 14.23 ? 58  HIS B CA  1 
ATOM   1153 C C   . HIS B 1 58 ? -5.406  -10.057 10.400  1.00 14.82 ? 58  HIS B C   1 
ATOM   1154 O O   . HIS B 1 58 ? -4.418  -10.777 10.582  1.00 17.53 ? 58  HIS B O   1 
ATOM   1155 C CB  . HIS B 1 58 ? -6.142  -8.336  12.059  1.00 16.67 ? 58  HIS B CB  1 
ATOM   1156 C CG  . HIS B 1 58 ? -5.754  -9.273  13.153  1.00 19.16 ? 58  HIS B CG  1 
ATOM   1157 N ND1 . HIS B 1 58 ? -4.654  -9.059  13.954  1.00 24.91 ? 58  HIS B ND1 1 
ATOM   1158 C CD2 . HIS B 1 58 ? -6.290  -10.451 13.550  1.00 22.39 ? 58  HIS B CD2 1 
ATOM   1159 C CE1 . HIS B 1 58 ? -4.539  -10.056 14.814  1.00 24.26 ? 58  HIS B CE1 1 
ATOM   1160 N NE2 . HIS B 1 58 ? -5.518  -10.915 14.589  1.00 24.50 ? 58  HIS B NE2 1 
ATOM   1161 N N   . ASP B 1 59 ? -6.549  -10.525 9.890   1.00 14.11 ? 59  ASP B N   1 
ATOM   1162 C CA  . ASP B 1 59 ? -6.699  -11.936 9.537   1.00 14.88 ? 59  ASP B CA  1 
ATOM   1163 C C   . ASP B 1 59 ? -5.626  -12.380 8.556   1.00 18.07 ? 59  ASP B C   1 
ATOM   1164 O O   . ASP B 1 59 ? -5.146  -13.520 8.611   1.00 17.81 ? 59  ASP B O   1 
ATOM   1165 C CB  . ASP B 1 59 ? -8.068  -12.188 8.908   1.00 15.44 ? 59  ASP B CB  1 
ATOM   1166 C CG  . ASP B 1 59 ? -9.205  -12.097 9.891   1.00 16.45 ? 59  ASP B CG  1 
ATOM   1167 O OD1 . ASP B 1 59 ? -8.978  -12.198 11.115  1.00 21.82 ? 59  ASP B OD1 1 
ATOM   1168 O OD2 . ASP B 1 59 ? -10.344 -11.950 9.412   1.00 21.36 ? 59  ASP B OD2 1 
ATOM   1169 N N   . HIS B 1 60 ? -5.246  -11.500 7.635   1.00 13.16 ? 60  HIS B N   1 
ATOM   1170 C CA  . HIS B 1 60 ? -4.365  -11.875 6.539   1.00 14.29 ? 60  HIS B CA  1 
ATOM   1171 C C   . HIS B 1 60 ? -2.976  -11.268 6.680   1.00 14.21 ? 60  HIS B C   1 
ATOM   1172 O O   . HIS B 1 60 ? -2.223  -11.208 5.704   1.00 15.21 ? 60  HIS B O   1 
ATOM   1173 C CB  . HIS B 1 60 ? -5.037  -11.512 5.216   1.00 13.77 ? 60  HIS B CB  1 
ATOM   1174 C CG  . HIS B 1 60 ? -6.334  -12.231 5.027   1.00 13.58 ? 60  HIS B CG  1 
ATOM   1175 N ND1 . HIS B 1 60 ? -6.405  -13.604 4.937   1.00 16.93 ? 60  HIS B ND1 1 
ATOM   1176 C CD2 . HIS B 1 60 ? -7.610  -11.784 4.981   1.00 14.72 ? 60  HIS B CD2 1 
ATOM   1177 C CE1 . HIS B 1 60 ? -7.666  -13.970 4.810   1.00 18.65 ? 60  HIS B CE1 1 
ATOM   1178 N NE2 . HIS B 1 60 ? -8.419  -12.886 4.833   1.00 16.60 ? 60  HIS B NE2 1 
ATOM   1179 N N   . ASP B 1 61 ? -2.630  -10.833 7.897   1.00 15.52 ? 61  ASP B N   1 
ATOM   1180 C CA  . ASP B 1 61 ? -1.270  -10.451 8.270   1.00 17.05 ? 61  ASP B CA  1 
ATOM   1181 C C   . ASP B 1 61 ? -0.744  -9.279  7.447   1.00 17.91 ? 61  ASP B C   1 
ATOM   1182 O O   . ASP B 1 61 ? 0.423   -9.255  7.058   1.00 19.13 ? 61  ASP B O   1 
ATOM   1183 C CB  . ASP B 1 61 ? -0.322  -11.648 8.173   1.00 19.42 ? 61  ASP B CB  1 
ATOM   1184 C CG  . ASP B 1 61 ? -0.772  -12.802 9.036   1.00 28.49 ? 61  ASP B CG  1 
ATOM   1185 O OD1 . ASP B 1 61 ? -0.791  -12.629 10.273  1.00 25.14 ? 61  ASP B OD1 1 
ATOM   1186 O OD2 . ASP B 1 61 ? -1.117  -13.874 8.480   1.00 31.37 ? 61  ASP B OD2 1 
ATOM   1187 N N   . PHE B 1 62 ? -1.599  -8.277  7.197   1.00 13.55 ? 62  PHE B N   1 
ATOM   1188 C CA  . PHE B 1 62 ? -1.092  -7.055  6.580   1.00 11.97 ? 62  PHE B CA  1 
ATOM   1189 C C   . PHE B 1 62 ? -1.622  -5.795  7.256   1.00 12.57 ? 62  PHE B C   1 
ATOM   1190 O O   . PHE B 1 62 ? -1.590  -4.718  6.654   1.00 12.17 ? 62  PHE B O   1 
ATOM   1191 C CB  . PHE B 1 62 ? -1.367  -7.021  5.064   1.00 15.63 ? 62  PHE B CB  1 
ATOM   1192 C CG  . PHE B 1 62 ? -2.823  -6.867  4.666   1.00 11.62 ? 62  PHE B CG  1 
ATOM   1193 C CD1 . PHE B 1 62 ? -3.675  -7.961  4.648   1.00 11.03 ? 62  PHE B CD1 1 
ATOM   1194 C CD2 . PHE B 1 62 ? -3.314  -5.640  4.230   1.00 11.03 ? 62  PHE B CD2 1 
ATOM   1195 C CE1 . PHE B 1 62 ? -4.989  -7.836  4.235   1.00 10.55 ? 62  PHE B CE1 1 
ATOM   1196 C CE2 . PHE B 1 62 ? -4.628  -5.499  3.823   1.00 11.28 ? 62  PHE B CE2 1 
ATOM   1197 C CZ  . PHE B 1 62 ? -5.476  -6.603  3.823   1.00 10.10 ? 62  PHE B CZ  1 
ATOM   1198 N N   . LEU B 1 63 ? -2.072  -5.892  8.509   1.00 12.18 ? 63  LEU B N   1 
ATOM   1199 C CA  . LEU B 1 63 ? -2.524  -4.688  9.193   1.00 11.41 ? 63  LEU B CA  1 
ATOM   1200 C C   . LEU B 1 63 ? -1.370  -3.726  9.441   1.00 11.80 ? 63  LEU B C   1 
ATOM   1201 O O   . LEU B 1 63 ? -1.576  -2.507  9.431   1.00 13.48 ? 63  LEU B O   1 
ATOM   1202 C CB  . LEU B 1 63 ? -3.229  -5.048  10.509  1.00 13.26 ? 63  LEU B CB  1 
ATOM   1203 C CG  . LEU B 1 63 ? -3.824  -3.882  11.304  1.00 14.24 ? 63  LEU B CG  1 
ATOM   1204 C CD1 . LEU B 1 63 ? -4.905  -3.151  10.517  1.00 12.20 ? 63  LEU B CD1 1 
ATOM   1205 C CD2 . LEU B 1 63 ? -4.374  -4.369  12.635  1.00 17.00 ? 63  LEU B CD2 1 
ATOM   1206 N N   . ASP B 1 64 ? -0.153  -4.238  9.634   1.00 13.88 ? 64  ASP B N   1 
ATOM   1207 C CA  . ASP B 1 64 ? 0.991   -3.337  9.774   1.00 16.58 ? 64  ASP B CA  1 
ATOM   1208 C C   . ASP B 1 64 ? 1.201   -2.516  8.505   1.00 15.07 ? 64  ASP B C   1 
ATOM   1209 O O   . ASP B 1 64 ? 1.399   -1.298  8.574   1.00 13.84 ? 64  ASP B O   1 
ATOM   1210 C CB  . ASP B 1 64 ? 2.252   -4.119  10.150  1.00 18.29 ? 64  ASP B CB  1 
ATOM   1211 C CG  . ASP B 1 64 ? 2.615   -5.200  9.143   1.00 27.72 ? 64  ASP B CG  1 
ATOM   1212 O OD1 . ASP B 1 64 ? 1.768   -5.595  8.310   1.00 25.15 ? 64  ASP B OD1 1 
ATOM   1213 O OD2 . ASP B 1 64 ? 3.771   -5.666  9.192   1.00 36.08 ? 64  ASP B OD2 1 
ATOM   1214 N N   A ARG B 1 65 ? 1.137   -3.164  7.336   0.52 14.33 ? 65  ARG B N   1 
ATOM   1215 N N   B ARG B 1 65 ? 1.133   -3.158  7.335   0.48 14.33 ? 65  ARG B N   1 
ATOM   1216 C CA  A ARG B 1 65 ? 1.313   -2.442  6.078   0.52 13.71 ? 65  ARG B CA  1 
ATOM   1217 C CA  B ARG B 1 65 ? 1.330   -2.427  6.086   0.48 13.71 ? 65  ARG B CA  1 
ATOM   1218 C C   A ARG B 1 65 ? 0.178   -1.460  5.839   0.52 11.11 ? 65  ARG B C   1 
ATOM   1219 C C   B ARG B 1 65 ? 0.173   -1.478  5.798   0.48 11.11 ? 65  ARG B C   1 
ATOM   1220 O O   A ARG B 1 65 ? 0.401   -0.350  5.340   0.52 11.89 ? 65  ARG B O   1 
ATOM   1221 O O   B ARG B 1 65 ? 0.384   -0.398  5.233   0.48 11.87 ? 65  ARG B O   1 
ATOM   1222 C CB  A ARG B 1 65 ? 1.403   -3.430  4.915   0.52 14.49 ? 65  ARG B CB  1 
ATOM   1223 C CB  B ARG B 1 65 ? 1.520   -3.408  4.928   0.48 14.50 ? 65  ARG B CB  1 
ATOM   1224 C CG  A ARG B 1 65 ? 2.492   -4.451  5.068   0.52 19.04 ? 65  ARG B CG  1 
ATOM   1225 C CG  B ARG B 1 65 ? 2.547   -4.491  5.208   0.48 19.00 ? 65  ARG B CG  1 
ATOM   1226 C CD  A ARG B 1 65 ? 3.858   -3.803  5.122   0.52 17.80 ? 65  ARG B CD  1 
ATOM   1227 C CD  B ARG B 1 65 ? 3.043   -5.144  3.919   0.48 19.41 ? 65  ARG B CD  1 
ATOM   1228 N NE  A ARG B 1 65 ? 4.913   -4.808  5.012   0.52 20.83 ? 65  ARG B NE  1 
ATOM   1229 N NE  B ARG B 1 65 ? 1.961   -5.360  2.962   0.48 22.07 ? 65  ARG B NE  1 
ATOM   1230 C CZ  A ARG B 1 65 ? 6.209   -4.536  5.085   0.52 21.51 ? 65  ARG B CZ  1 
ATOM   1231 C CZ  B ARG B 1 65 ? 1.360   -6.526  2.747   0.48 21.91 ? 65  ARG B CZ  1 
ATOM   1232 N NH1 A ARG B 1 65 ? 6.616   -3.289  5.265   0.52 24.25 ? 65  ARG B NH1 1 
ATOM   1233 N NH1 B ARG B 1 65 ? 1.728   -7.612  3.417   0.48 20.80 ? 65  ARG B NH1 1 
ATOM   1234 N NH2 A ARG B 1 65 ? 7.097   -5.514  4.975   0.52 22.62 ? 65  ARG B NH2 1 
ATOM   1235 N NH2 B ARG B 1 65 ? 0.384   -6.603  1.859   0.48 19.63 ? 65  ARG B NH2 1 
ATOM   1236 N N   . LEU B 1 66 ? -1.051  -1.855  6.173   1.00 11.23 ? 66  LEU B N   1 
ATOM   1237 C CA  . LEU B 1 66 ? -2.181  -0.951  6.011   1.00 10.49 ? 66  LEU B CA  1 
ATOM   1238 C C   . LEU B 1 66 ? -2.073  0.235   6.972   1.00 11.86 ? 66  LEU B C   1 
ATOM   1239 O O   . LEU B 1 66 ? -2.398  1.374   6.605   1.00 12.45 ? 66  LEU B O   1 
ATOM   1240 C CB  . LEU B 1 66 ? -3.490  -1.722  6.219   1.00 10.70 ? 66  LEU B CB  1 
ATOM   1241 C CG  . LEU B 1 66 ? -4.805  -0.951  6.060   1.00 10.62 ? 66  LEU B CG  1 
ATOM   1242 C CD1 . LEU B 1 66 ? -4.838  -0.113  4.777   1.00 10.63 ? 66  LEU B CD1 1 
ATOM   1243 C CD2 . LEU B 1 66 ? -6.007  -1.895  6.107   1.00 12.08 ? 66  LEU B CD2 1 
ATOM   1244 N N   . ALA B 1 67 ? -1.609  -0.014  8.204   1.00 11.30 ? 67  ALA B N   1 
ATOM   1245 C CA  . ALA B 1 67 ? -1.399  1.083   9.149   1.00 10.87 ? 67  ALA B CA  1 
ATOM   1246 C C   . ALA B 1 67 ? -0.351  2.059   8.638   1.00 11.35 ? 67  ALA B C   1 
ATOM   1247 O O   . ALA B 1 67 ? -0.517  3.278   8.763   1.00 11.63 ? 67  ALA B O   1 
ATOM   1248 C CB  . ALA B 1 67 ? -0.990  0.534   10.519  1.00 12.27 ? 67  ALA B CB  1 
ATOM   1249 N N   . VAL B 1 68 ? 0.736   1.546   8.052   1.00 10.75 ? 68  VAL B N   1 
ATOM   1250 C CA  . VAL B 1 68 ? 1.760   2.430   7.497   1.00 12.83 ? 68  VAL B CA  1 
ATOM   1251 C C   . VAL B 1 68 ? 1.175   3.274   6.374   1.00 10.56 ? 68  VAL B C   1 
ATOM   1252 O O   . VAL B 1 68 ? 1.442   4.478   6.277   1.00 10.41 ? 68  VAL B O   1 
ATOM   1253 C CB  . VAL B 1 68 ? 2.973   1.610   7.013   1.00 9.48  ? 68  VAL B CB  1 
ATOM   1254 C CG1 . VAL B 1 68 ? 3.866   2.433   6.069   1.00 12.82 ? 68  VAL B CG1 1 
ATOM   1255 C CG2 . VAL B 1 68 ? 3.782   1.135   8.198   1.00 13.89 ? 68  VAL B CG2 1 
ATOM   1256 N N   . ALA B 1 69 ? 0.353   2.662   5.515   1.00 10.04 ? 69  ALA B N   1 
ATOM   1257 C CA  . ALA B 1 69 ? -0.275  3.417   4.433   1.00 9.37  ? 69  ALA B CA  1 
ATOM   1258 C C   . ALA B 1 69 ? -1.163  4.523   4.980   1.00 11.83 ? 69  ALA B C   1 
ATOM   1259 O O   . ALA B 1 69 ? -1.097  5.676   4.533   1.00 11.01 ? 69  ALA B O   1 
ATOM   1260 C CB  . ALA B 1 69 ? -1.089  2.473   3.546   1.00 9.82  ? 69  ALA B CB  1 
ATOM   1261 N N   . ILE B 1 70 ? -2.011  4.178   5.948   1.00 9.98  ? 70  ILE B N   1 
ATOM   1262 C CA  . ILE B 1 70 ? -2.878  5.175   6.557   1.00 9.09  ? 70  ILE B CA  1 
ATOM   1263 C C   . ILE B 1 70 ? -2.045  6.289   7.191   1.00 11.15 ? 70  ILE B C   1 
ATOM   1264 O O   . ILE B 1 70 ? -2.329  7.477   7.003   1.00 10.49 ? 70  ILE B O   1 
ATOM   1265 C CB  . ILE B 1 70 ? -3.822  4.489   7.560   1.00 11.84 ? 70  ILE B CB  1 
ATOM   1266 C CG1 . ILE B 1 70 ? -4.912  3.721   6.792   1.00 14.37 ? 70  ILE B CG1 1 
ATOM   1267 C CG2 . ILE B 1 70 ? -4.439  5.518   8.509   1.00 13.51 ? 70  ILE B CG2 1 
ATOM   1268 C CD1 . ILE B 1 70 ? -5.608  2.672   7.596   1.00 19.98 ? 70  ILE B CD1 1 
ATOM   1269 N N   . GLY B 1 71 ? -0.980  5.925   7.906   1.00 10.52 ? 71  GLY B N   1 
ATOM   1270 C CA  . GLY B 1 71 ? -0.122  6.942   8.501   1.00 10.66 ? 71  GLY B CA  1 
ATOM   1271 C C   . GLY B 1 71 ? 0.492   7.860   7.462   1.00 10.24 ? 71  GLY B C   1 
ATOM   1272 O O   . GLY B 1 71 ? 0.603   9.074   7.672   1.00 11.14 ? 71  GLY B O   1 
ATOM   1273 N N   . ASN B 1 72 ? 0.869   7.299   6.309   1.00 9.81  ? 72  ASN B N   1 
ATOM   1274 C CA  . ASN B 1 72 ? 1.480   8.121   5.271   1.00 9.70  ? 72  ASN B CA  1 
ATOM   1275 C C   . ASN B 1 72 ? 0.495   9.146   4.733   1.00 12.31 ? 72  ASN B C   1 
ATOM   1276 O O   . ASN B 1 72 ? 0.867   10.299  4.477   1.00 13.67 ? 72  ASN B O   1 
ATOM   1277 C CB  . ASN B 1 72 ? 2.008   7.245   4.129   1.00 10.83 ? 72  ASN B CB  1 
ATOM   1278 C CG  . ASN B 1 72 ? 3.293   6.517   4.486   1.00 11.25 ? 72  ASN B CG  1 
ATOM   1279 O OD1 . ASN B 1 72 ? 4.013   6.902   5.413   1.00 13.39 ? 72  ASN B OD1 1 
ATOM   1280 N ND2 . ASN B 1 72 ? 3.593   5.453   3.735   1.00 10.36 ? 72  ASN B ND2 1 
ATOM   1281 N N   . TRP B 1 73 ? -0.766  8.753   4.554   1.00 10.96 ? 73  TRP B N   1 
ATOM   1282 C CA  . TRP B 1 73 ? -1.750  9.712   4.073   1.00 10.73 ? 73  TRP B CA  1 
ATOM   1283 C C   . TRP B 1 73 ? -2.101  10.722  5.156   1.00 11.52 ? 73  TRP B C   1 
ATOM   1284 O O   . TRP B 1 73 ? -2.308  11.905  4.862   1.00 15.44 ? 73  TRP B O   1 
ATOM   1285 C CB  . TRP B 1 73 ? -2.988  8.980   3.557   1.00 11.16 ? 73  TRP B CB  1 
ATOM   1286 C CG  . TRP B 1 73 ? -2.716  8.342   2.220   1.00 11.25 ? 73  TRP B CG  1 
ATOM   1287 C CD1 . TRP B 1 73 ? -2.413  7.037   1.985   1.00 11.46 ? 73  TRP B CD1 1 
ATOM   1288 C CD2 . TRP B 1 73 ? -2.659  9.007   0.950   1.00 15.71 ? 73  TRP B CD2 1 
ATOM   1289 N NE1 . TRP B 1 73 ? -2.201  6.833   0.635   1.00 12.73 ? 73  TRP B NE1 1 
ATOM   1290 C CE2 . TRP B 1 73 ? -2.351  8.030   -0.019  1.00 13.00 ? 73  TRP B CE2 1 
ATOM   1291 C CE3 . TRP B 1 73 ? -2.843  10.333  0.539   1.00 16.79 ? 73  TRP B CE3 1 
ATOM   1292 C CZ2 . TRP B 1 73 ? -2.227  8.334   -1.369  1.00 16.25 ? 73  TRP B CZ2 1 
ATOM   1293 C CZ3 . TRP B 1 73 ? -2.719  10.636  -0.806  1.00 20.92 ? 73  TRP B CZ3 1 
ATOM   1294 C CH2 . TRP B 1 73 ? -2.414  9.641   -1.744  1.00 17.62 ? 73  TRP B CH2 1 
ATOM   1295 N N   . GLU B 1 74 ? -2.150  10.287  6.417   1.00 11.39 ? 74  GLU B N   1 
ATOM   1296 C CA  . GLU B 1 74 ? -2.412  11.238  7.491   1.00 12.60 ? 74  GLU B CA  1 
ATOM   1297 C C   . GLU B 1 74 ? -1.275  12.243  7.619   1.00 13.67 ? 74  GLU B C   1 
ATOM   1298 O O   . GLU B 1 74 ? -1.512  13.428  7.896   1.00 14.85 ? 74  GLU B O   1 
ATOM   1299 C CB  . GLU B 1 74 ? -2.627  10.492  8.805   1.00 13.01 ? 74  GLU B CB  1 
ATOM   1300 C CG  . GLU B 1 74 ? -3.818  9.547   8.767   1.00 13.38 ? 74  GLU B CG  1 
ATOM   1301 C CD  . GLU B 1 74 ? -4.964  9.948   9.698   1.00 14.04 ? 74  GLU B CD  1 
ATOM   1302 O OE1 . GLU B 1 74 ? -5.893  9.130   9.846   1.00 11.58 ? 74  GLU B OE1 1 
ATOM   1303 O OE2 . GLU B 1 74 ? -4.940  11.060  10.270  1.00 13.74 ? 74  GLU B OE2 1 
ATOM   1304 N N   . GLN B 1 75 ? -0.036  11.785  7.423   1.00 11.78 ? 75  GLN B N   1 
ATOM   1305 C CA  . GLN B 1 75 ? 1.112   12.688  7.437   1.00 14.40 ? 75  GLN B CA  1 
ATOM   1306 C C   . GLN B 1 75 ? 0.990   13.740  6.342   1.00 17.56 ? 75  GLN B C   1 
ATOM   1307 O O   . GLN B 1 75 ? 1.320   14.915  6.552   1.00 20.20 ? 75  GLN B O   1 
ATOM   1308 C CB  . GLN B 1 75 ? 2.403   11.881  7.274   1.00 16.16 ? 75  GLN B CB  1 
ATOM   1309 C CG  . GLN B 1 75 ? 3.690   12.692  7.424   1.00 24.24 ? 75  GLN B CG  1 
ATOM   1310 C CD  . GLN B 1 75 ? 4.662   12.068  8.417   1.00 37.67 ? 75  GLN B CD  1 
ATOM   1311 O OE1 . GLN B 1 75 ? 5.211   10.990  8.172   1.00 35.53 ? 75  GLN B OE1 1 
ATOM   1312 N NE2 . GLN B 1 75 ? 4.869   12.739  9.553   1.00 31.47 ? 75  GLN B NE2 1 
ATOM   1313 N N   . LYS B 1 76 ? 0.476   13.346  5.177   1.00 15.61 ? 76  LYS B N   1 
ATOM   1314 C CA  . LYS B 1 76 ? 0.272   14.323  4.112   1.00 20.38 ? 76  LYS B CA  1 
ATOM   1315 C C   . LYS B 1 76 ? -0.836  15.302  4.461   1.00 19.16 ? 76  LYS B C   1 
ATOM   1316 O O   . LYS B 1 76 ? -0.824  16.445  3.987   1.00 24.48 ? 76  LYS B O   1 
ATOM   1317 C CB  . LYS B 1 76 ? -0.036  13.615  2.794   1.00 19.23 ? 76  LYS B CB  1 
ATOM   1318 C CG  . LYS B 1 76 ? 1.208   13.025  2.153   1.00 25.14 ? 76  LYS B CG  1 
ATOM   1319 C CD  . LYS B 1 76 ? 0.844   11.979  1.108   1.00 24.52 ? 76  LYS B CD  1 
ATOM   1320 C CE  . LYS B 1 76 ? 0.472   12.618  -0.220  1.00 31.50 ? 76  LYS B CE  1 
ATOM   1321 N NZ  . LYS B 1 76 ? 1.422   13.711  -0.599  1.00 34.24 ? 76  LYS B NZ  1 
ATOM   1322 N N   . ALA B 1 77 ? -1.793  14.884  5.290   1.00 17.41 ? 77  ALA B N   1 
ATOM   1323 C CA  . ALA B 1 77 ? -2.834  15.764  5.799   1.00 18.57 ? 77  ALA B CA  1 
ATOM   1324 C C   . ALA B 1 77 ? -2.405  16.489  7.070   1.00 20.84 ? 77  ALA B C   1 
ATOM   1325 O O   . ALA B 1 77 ? -3.257  17.039  7.777   1.00 24.55 ? 77  ALA B O   1 
ATOM   1326 C CB  . ALA B 1 77 ? -4.120  14.973  6.052   1.00 22.20 ? 77  ALA B CB  1 
ATOM   1327 N N   . GLN B 1 78 ? -1.104  16.483  7.370   1.00 18.18 ? 78  GLN B N   1 
ATOM   1328 C CA  . GLN B 1 78 ? -0.507  17.210  8.493   1.00 23.88 ? 78  GLN B CA  1 
ATOM   1329 C C   . GLN B 1 78 ? -1.020  16.726  9.848   1.00 19.62 ? 78  GLN B C   1 
ATOM   1330 O O   . GLN B 1 78 ? -1.074  17.494  10.816  1.00 21.94 ? 78  GLN B O   1 
ATOM   1331 C CB  . GLN B 1 78 ? -0.697  18.727  8.347   1.00 24.23 ? 78  GLN B CB  1 
ATOM   1332 C CG  . GLN B 1 78 ? -0.560  19.229  6.910   1.00 27.54 ? 78  GLN B CG  1 
ATOM   1333 C CD  . GLN B 1 78 ? 0.880   19.245  6.433   1.00 34.43 ? 78  GLN B CD  1 
ATOM   1334 O OE1 . GLN B 1 78 ? 1.232   18.581  5.454   1.00 42.93 ? 78  GLN B OE1 1 
ATOM   1335 N NE2 . GLN B 1 78 ? 1.723   20.002  7.128   1.00 38.07 ? 78  GLN B NE2 1 
ATOM   1336 N N   . ARG B 1 79 ? -1.381  15.450  9.942   1.00 16.80 ? 79  ARG B N   1 
ATOM   1337 C CA  . ARG B 1 79 ? -1.599  14.852  11.253  1.00 15.76 ? 79  ARG B CA  1 
ATOM   1338 C C   . ARG B 1 79 ? -0.289  14.925  12.033  1.00 14.10 ? 79  ARG B C   1 
ATOM   1339 O O   . ARG B 1 79 ? 0.774   14.654  11.460  1.00 15.36 ? 79  ARG B O   1 
ATOM   1340 C CB  . ARG B 1 79 ? -2.058  13.401  11.113  1.00 16.18 ? 79  ARG B CB  1 
ATOM   1341 C CG  . ARG B 1 79 ? -2.348  12.675  12.433  1.00 18.63 ? 79  ARG B CG  1 
ATOM   1342 C CD  . ARG B 1 79 ? -3.820  12.784  12.772  1.00 18.14 ? 79  ARG B CD  1 
ATOM   1343 N NE  . ARG B 1 79 ? -4.188  12.196  14.055  1.00 13.24 ? 79  ARG B NE  1 
ATOM   1344 C CZ  . ARG B 1 79 ? -5.059  11.205  14.193  1.00 12.73 ? 79  ARG B CZ  1 
ATOM   1345 N NH1 . ARG B 1 79 ? -5.628  10.673  13.120  1.00 12.78 ? 79  ARG B NH1 1 
ATOM   1346 N NH2 . ARG B 1 79 ? -5.370  10.742  15.396  1.00 17.49 ? 79  ARG B NH2 1 
ATOM   1347 N N   . PRO B 1 80 ? -0.313  15.323  13.310  1.00 17.24 ? 80  PRO B N   1 
ATOM   1348 C CA  . PRO B 1 80 ? 0.944   15.499  14.048  1.00 16.90 ? 80  PRO B CA  1 
ATOM   1349 C C   . PRO B 1 80 ? 1.753   14.213  14.092  1.00 15.80 ? 80  PRO B C   1 
ATOM   1350 O O   . PRO B 1 80 ? 1.209   13.119  14.252  1.00 14.79 ? 80  PRO B O   1 
ATOM   1351 C CB  . PRO B 1 80 ? 0.476   15.921  15.443  1.00 17.55 ? 80  PRO B CB  1 
ATOM   1352 C CG  . PRO B 1 80 ? -0.830  16.600  15.200  1.00 22.31 ? 80  PRO B CG  1 
ATOM   1353 C CD  . PRO B 1 80 ? -1.472  15.797  14.083  1.00 16.21 ? 80  PRO B CD  1 
ATOM   1354 N N   . ASP B 1 81 ? 3.076   14.366  13.951  1.00 16.65 ? 81  ASP B N   1 
ATOM   1355 C CA  . ASP B 1 81 ? 3.957   13.207  13.830  1.00 14.64 ? 81  ASP B CA  1 
ATOM   1356 C C   . ASP B 1 81 ? 3.824   12.264  15.021  1.00 12.60 ? 81  ASP B C   1 
ATOM   1357 O O   . ASP B 1 81 ? 3.853   11.039  14.855  1.00 13.55 ? 81  ASP B O   1 
ATOM   1358 C CB  . ASP B 1 81 ? 5.410   13.663  13.692  1.00 16.99 ? 81  ASP B CB  1 
ATOM   1359 C CG  . ASP B 1 81 ? 6.337   12.530  13.320  1.00 23.08 ? 81  ASP B CG  1 
ATOM   1360 O OD1 . ASP B 1 81 ? 6.285   12.097  12.151  1.00 22.81 ? 81  ASP B OD1 1 
ATOM   1361 O OD2 . ASP B 1 81 ? 7.112   12.060  14.187  1.00 23.29 ? 81  ASP B OD2 1 
ATOM   1362 N N   . HIS B 1 82 ? 3.714   12.805  16.235  1.00 13.28 ? 82  HIS B N   1 
ATOM   1363 C CA  . HIS B 1 82 ? 3.659   11.917  17.386  1.00 10.87 ? 82  HIS B CA  1 
ATOM   1364 C C   . HIS B 1 82 ? 2.363   11.115  17.418  1.00 11.79 ? 82  HIS B C   1 
ATOM   1365 O O   . HIS B 1 82 ? 2.348   9.999   17.948  1.00 12.52 ? 82  HIS B O   1 
ATOM   1366 C CB  . HIS B 1 82 ? 3.840   12.708  18.691  1.00 14.19 ? 82  HIS B CB  1 
ATOM   1367 C CG  . HIS B 1 82 ? 2.824   13.788  18.893  1.00 12.58 ? 82  HIS B CG  1 
ATOM   1368 N ND1 . HIS B 1 82 ? 2.904   15.015  18.267  1.00 18.45 ? 82  HIS B ND1 1 
ATOM   1369 C CD2 . HIS B 1 82 ? 1.705   13.829  19.658  1.00 17.42 ? 82  HIS B CD2 1 
ATOM   1370 C CE1 . HIS B 1 82 ? 1.875   15.759  18.629  1.00 16.68 ? 82  HIS B CE1 1 
ATOM   1371 N NE2 . HIS B 1 82 ? 1.131   15.061  19.469  1.00 17.81 ? 82  HIS B NE2 1 
ATOM   1372 N N   . GLU B 1 83 ? 1.279   11.645  16.838  1.00 13.22 ? 83  GLU B N   1 
ATOM   1373 C CA  . GLU B 1 83 ? 0.040   10.872  16.784  1.00 13.90 ? 83  GLU B CA  1 
ATOM   1374 C C   . GLU B 1 83 ? 0.163   9.721   15.792  1.00 11.61 ? 83  GLU B C   1 
ATOM   1375 O O   . GLU B 1 83 ? -0.285  8.602   16.069  1.00 10.68 ? 83  GLU B O   1 
ATOM   1376 C CB  . GLU B 1 83 ? -1.136  11.792  16.441  1.00 14.20 ? 83  GLU B CB  1 
ATOM   1377 C CG  . GLU B 1 83 ? -1.356  12.842  17.521  1.00 13.98 ? 83  GLU B CG  1 
ATOM   1378 C CD  . GLU B 1 83 ? -2.574  13.723  17.306  1.00 19.62 ? 83  GLU B CD  1 
ATOM   1379 O OE1 . GLU B 1 83 ? -2.913  14.472  18.253  1.00 17.87 ? 83  GLU B OE1 1 
ATOM   1380 O OE2 . GLU B 1 83 ? -3.187  13.692  16.217  1.00 19.06 ? 83  GLU B OE2 1 
ATOM   1381 N N   . ILE B 1 84 ? 0.789   9.969   14.639  1.00 10.44 ? 84  ILE B N   1 
ATOM   1382 C CA  . ILE B 1 84 ? 1.079   8.872   13.722  1.00 10.85 ? 84  ILE B CA  1 
ATOM   1383 C C   . ILE B 1 84 ? 1.943   7.822   14.410  1.00 11.44 ? 84  ILE B C   1 
ATOM   1384 O O   . ILE B 1 84 ? 1.662   6.623   14.339  1.00 11.22 ? 84  ILE B O   1 
ATOM   1385 C CB  . ILE B 1 84 ? 1.744   9.412   12.446  1.00 10.44 ? 84  ILE B CB  1 
ATOM   1386 C CG1 . ILE B 1 84 ? 0.781   10.348  11.715  1.00 13.30 ? 84  ILE B CG1 1 
ATOM   1387 C CG2 . ILE B 1 84 ? 2.189   8.260   11.526  1.00 14.27 ? 84  ILE B CG2 1 
ATOM   1388 C CD1 . ILE B 1 84 ? 1.480   11.206  10.685  1.00 17.22 ? 84  ILE B CD1 1 
ATOM   1389 N N   . ALA B 1 85 ? 2.976   8.262   15.135  1.00 11.06 ? 85  ALA B N   1 
ATOM   1390 C CA  . ALA B 1 85 ? 3.861   7.317   15.806  1.00 11.66 ? 85  ALA B CA  1 
ATOM   1391 C C   . ALA B 1 85 ? 3.152   6.568   16.927  1.00 10.39 ? 85  ALA B C   1 
ATOM   1392 O O   . ALA B 1 85 ? 3.438   5.389   17.150  1.00 13.58 ? 85  ALA B O   1 
ATOM   1393 C CB  . ALA B 1 85 ? 5.095   8.040   16.349  1.00 13.23 ? 85  ALA B CB  1 
ATOM   1394 N N   . GLN B 1 86 ? 2.223   7.225   17.624  1.00 11.54 ? 86  GLN B N   1 
ATOM   1395 C CA  . GLN B 1 86 ? 1.408   6.530   18.617  1.00 12.11 ? 86  GLN B CA  1 
ATOM   1396 C C   . GLN B 1 86 ? 0.606   5.417   17.962  1.00 12.43 ? 86  GLN B C   1 
ATOM   1397 O O   . GLN B 1 86 ? 0.569   4.281   18.451  1.00 15.40 ? 86  GLN B O   1 
ATOM   1398 C CB  . GLN B 1 86 ? 0.476   7.524   19.321  1.00 12.38 ? 86  GLN B CB  1 
ATOM   1399 C CG  . GLN B 1 86 ? 1.162   8.373   20.387  1.00 15.50 ? 86  GLN B CG  1 
ATOM   1400 C CD  . GLN B 1 86 ? 0.394   9.634   20.737  1.00 17.77 ? 86  GLN B CD  1 
ATOM   1401 O OE1 . GLN B 1 86 ? -0.807  9.752   20.460  1.00 17.93 ? 86  GLN B OE1 1 
ATOM   1402 N NE2 . GLN B 1 86 ? 1.086   10.594  21.348  1.00 15.96 ? 86  GLN B NE2 1 
ATOM   1403 N N   . MET B 1 87 ? -0.035  5.726   16.833  1.00 10.84 ? 87  MET B N   1 
ATOM   1404 C CA  . MET B 1 87 ? -0.797  4.705   16.125  1.00 12.21 ? 87  MET B CA  1 
ATOM   1405 C C   . MET B 1 87 ? 0.107   3.551   15.704  1.00 13.33 ? 87  MET B C   1 
ATOM   1406 O O   . MET B 1 87 ? -0.248  2.379   15.861  1.00 14.85 ? 87  MET B O   1 
ATOM   1407 C CB  . MET B 1 87 ? -1.499  5.338   14.919  1.00 11.21 ? 87  MET B CB  1 
ATOM   1408 C CG  . MET B 1 87 ? -2.242  4.332   14.030  1.00 12.56 ? 87  MET B CG  1 
ATOM   1409 S SD  . MET B 1 87 ? -1.165  3.577   12.786  1.00 12.45 ? 87  MET B SD  1 
ATOM   1410 C CE  . MET B 1 87 ? -0.856  4.993   11.736  1.00 12.18 ? 87  MET B CE  1 
ATOM   1411 N N   . LEU B 1 88 ? 1.285   3.868   15.158  1.00 11.27 ? 88  LEU B N   1 
ATOM   1412 C CA  . LEU B 1 88 ? 2.171   2.810   14.683  1.00 13.29 ? 88  LEU B CA  1 
ATOM   1413 C C   . LEU B 1 88 ? 2.665   1.959   15.842  1.00 16.43 ? 88  LEU B C   1 
ATOM   1414 O O   . LEU B 1 88 ? 2.821   0.740   15.705  1.00 19.41 ? 88  LEU B O   1 
ATOM   1415 C CB  . LEU B 1 88 ? 3.351   3.412   13.922  1.00 15.19 ? 88  LEU B CB  1 
ATOM   1416 C CG  . LEU B 1 88 ? 3.026   4.080   12.589  1.00 13.95 ? 88  LEU B CG  1 
ATOM   1417 C CD1 . LEU B 1 88 ? 4.247   4.813   12.069  1.00 15.08 ? 88  LEU B CD1 1 
ATOM   1418 C CD2 . LEU B 1 88 ? 2.551   3.039   11.584  1.00 16.20 ? 88  LEU B CD2 1 
ATOM   1419 N N   . ASP B 1 89 ? 2.936   2.603   16.978  1.00 16.73 ? 89  ASP B N   1 
ATOM   1420 C CA  . ASP B 1 89 ? 3.316   1.898   18.197  1.00 20.43 ? 89  ASP B CA  1 
ATOM   1421 C C   . ASP B 1 89 ? 2.218   0.938   18.640  1.00 23.35 ? 89  ASP B C   1 
ATOM   1422 O O   . ASP B 1 89 ? 2.494   -0.214  18.998  1.00 28.44 ? 89  ASP B O   1 
ATOM   1423 C CB  . ASP B 1 89 ? 3.624   2.934   19.281  1.00 21.09 ? 89  ASP B CB  1 
ATOM   1424 C CG  . ASP B 1 89 ? 4.104   2.321   20.580  1.00 25.20 ? 89  ASP B CG  1 
ATOM   1425 O OD1 . ASP B 1 89 ? 5.046   1.503   20.559  1.00 27.86 ? 89  ASP B OD1 1 
ATOM   1426 O OD2 . ASP B 1 89 ? 3.540   2.689   21.631  1.00 24.35 ? 89  ASP B OD2 1 
ATOM   1427 N N   . GLN B 1 90 ? 0.959   1.385   18.591  1.00 18.65 ? 90  GLN B N   1 
ATOM   1428 C CA  . GLN B 1 90 ? -0.151  0.556   19.048  1.00 21.85 ? 90  GLN B CA  1 
ATOM   1429 C C   . GLN B 1 90 ? -0.447  -0.601  18.100  1.00 24.73 ? 90  GLN B C   1 
ATOM   1430 O O   . GLN B 1 90 ? -0.829  -1.682  18.557  1.00 24.31 ? 90  GLN B O   1 
ATOM   1431 C CB  . GLN B 1 90 ? -1.401  1.411   19.229  1.00 22.99 ? 90  GLN B CB  1 
ATOM   1432 C CG  . GLN B 1 90 ? -1.347  2.331   20.430  1.00 29.57 ? 90  GLN B CG  1 
ATOM   1433 N N   . VAL B 1 91 ? -0.287  -0.405  16.788  1.00 22.77 ? 91  VAL B N   1 
ATOM   1434 C CA  . VAL B 1 91 ? -0.674  -1.442  15.831  1.00 22.65 ? 91  VAL B CA  1 
ATOM   1435 C C   . VAL B 1 91 ? 0.374   -2.555  15.723  1.00 26.62 ? 91  VAL B C   1 
ATOM   1436 O O   . VAL B 1 91 ? 0.019   -3.723  15.539  1.00 31.98 ? 91  VAL B O   1 
ATOM   1437 C CB  . VAL B 1 91 ? -0.978  -0.808  14.459  1.00 25.26 ? 91  VAL B CB  1 
ATOM   1438 C CG1 . VAL B 1 91 ? -1.035  -1.867  13.362  1.00 32.96 ? 91  VAL B CG1 1 
ATOM   1439 C CG2 . VAL B 1 91 ? -2.296  -0.070  14.531  1.00 22.09 ? 91  VAL B CG2 1 
ATOM   1440 N N   . GLY B 1 92 ? 1.664   -2.239  15.826  1.00 33.57 ? 92  GLY B N   1 
ATOM   1441 C CA  . GLY B 1 92 ? 2.665   -3.295  15.911  1.00 30.03 ? 92  GLY B CA  1 
ATOM   1442 C C   . GLY B 1 92 ? 3.037   -3.921  14.574  1.00 38.16 ? 92  GLY B C   1 
ATOM   1443 O O   . GLY B 1 92 ? 2.881   -3.327  13.500  1.00 35.95 ? 92  GLY B O   1 
ATOM   1444 N N   . ASP B 1 93 ? 3.534   -5.160  14.654  1.00 43.24 ? 93  ASP B N   1 
ATOM   1445 C CA  . ASP B 1 93 ? 4.175   -5.846  13.535  1.00 42.46 ? 93  ASP B CA  1 
ATOM   1446 C C   . ASP B 1 93 ? 3.410   -7.109  13.146  1.00 49.62 ? 93  ASP B C   1 
ATOM   1447 O O   . ASP B 1 93 ? 2.863   -7.807  14.008  1.00 53.31 ? 93  ASP B O   1 
ATOM   1448 C CB  . ASP B 1 93 ? 5.625   -6.208  13.886  1.00 42.53 ? 93  ASP B CB  1 
ATOM   1449 N N   . TYR B 1 94 ? 3.391   -7.408  11.846  1.00 43.02 ? 94  TYR B N   1 
ATOM   1450 C CA  . TYR B 1 94 ? 2.683   -8.580  11.316  1.00 45.06 ? 94  TYR B CA  1 
ATOM   1451 C C   . TYR B 1 94 ? 3.568   -9.424  10.397  1.00 46.11 ? 94  TYR B C   1 
ATOM   1452 O O   . TYR B 1 94 ? 4.645   -8.995  9.984   1.00 49.82 ? 94  TYR B O   1 
ATOM   1453 C CB  . TYR B 1 94 ? 1.414   -8.144  10.568  1.00 36.08 ? 94  TYR B CB  1 
ATOM   1454 C CG  . TYR B 1 94 ? 0.260   -7.831  11.495  1.00 36.06 ? 94  TYR B CG  1 
ATOM   1455 C CD1 . TYR B 1 94 ? 0.224   -6.641  12.216  1.00 33.80 ? 94  TYR B CD1 1 
ATOM   1456 C CD2 . TYR B 1 94 ? -0.788  -8.728  11.661  1.00 35.18 ? 94  TYR B CD2 1 
ATOM   1457 C CE1 . TYR B 1 94 ? -0.829  -6.354  13.081  1.00 29.77 ? 94  TYR B CE1 1 
ATOM   1458 C CE2 . TYR B 1 94 ? -1.845  -8.451  12.521  1.00 30.04 ? 94  TYR B CE2 1 
ATOM   1459 C CZ  . TYR B 1 94 ? -1.861  -7.265  13.226  1.00 26.10 ? 94  TYR B CZ  1 
ATOM   1460 O OH  . TYR B 1 94 ? -2.913  -7.004  14.079  1.00 29.14 ? 94  TYR B OH  1 
HETATM 1461 O O   . HOH C 2 .  ? 9.404   -2.028  3.318   1.00 27.96 ? 101 HOH A O   1 
HETATM 1462 O O   . HOH C 2 .  ? 3.537   -1.844  1.970   1.00 19.97 ? 102 HOH A O   1 
HETATM 1463 O O   . HOH C 2 .  ? -6.485  -10.116 -11.772 1.00 27.58 ? 103 HOH A O   1 
HETATM 1464 O O   . HOH C 2 .  ? -6.357  -10.543 -7.204  1.00 28.40 ? 104 HOH A O   1 
HETATM 1465 O O   . HOH C 2 .  ? -5.072  9.264   -13.056 1.00 33.78 ? 105 HOH A O   1 
HETATM 1466 O O   . HOH C 2 .  ? 4.490   2.754   -18.353 1.00 19.87 ? 106 HOH A O   1 
HETATM 1467 O O   . HOH C 2 .  ? 17.149  -4.975  -10.949 1.00 24.21 ? 107 HOH A O   1 
HETATM 1468 O O   . HOH C 2 .  ? 0.548   -3.625  -22.278 1.00 32.71 ? 108 HOH A O   1 
HETATM 1469 O O   . HOH C 2 .  ? 7.199   -9.249  -7.206  1.00 28.72 ? 109 HOH A O   1 
HETATM 1470 O O   . HOH C 2 .  ? 14.324  -4.223  -17.963 1.00 17.48 ? 110 HOH A O   1 
HETATM 1471 O O   . HOH C 2 .  ? 6.091   8.561   -15.215 1.00 16.39 ? 111 HOH A O   1 
HETATM 1472 O O   . HOH C 2 .  ? -3.008  3.813   -2.382  1.00 19.38 ? 112 HOH A O   1 
HETATM 1473 O O   . HOH C 2 .  ? 17.597  -3.302  -2.817  1.00 31.49 ? 113 HOH A O   1 
HETATM 1474 O O   . HOH C 2 .  ? -5.427  10.919  -6.495  1.00 36.17 ? 114 HOH A O   1 
HETATM 1475 O O   . HOH C 2 .  ? -9.490  -8.408  -18.206 1.00 34.75 ? 115 HOH A O   1 
HETATM 1476 O O   . HOH C 2 .  ? -3.712  -5.792  -21.919 1.00 34.76 ? 116 HOH A O   1 
HETATM 1477 O O   . HOH C 2 .  ? -5.668  -4.028  -20.494 1.00 31.90 ? 117 HOH A O   1 
HETATM 1478 O O   . HOH C 2 .  ? 16.125  -1.012  2.844   1.00 28.22 ? 118 HOH A O   1 
HETATM 1479 O O   . HOH C 2 .  ? 14.608  9.925   -5.798  1.00 32.01 ? 119 HOH A O   1 
HETATM 1480 O O   . HOH C 2 .  ? -7.743  -9.170  -14.268 1.00 25.79 ? 120 HOH A O   1 
HETATM 1481 O O   . HOH C 2 .  ? 18.843  -7.557  -16.877 1.00 29.40 ? 121 HOH A O   1 
HETATM 1482 O O   . HOH C 2 .  ? 7.613   17.621  -4.931  1.00 31.59 ? 122 HOH A O   1 
HETATM 1483 O O   . HOH C 2 .  ? -3.680  -15.874 -15.161 1.00 17.49 ? 123 HOH A O   1 
HETATM 1484 O O   . HOH C 2 .  ? -12.030 1.051   -5.400  1.00 31.34 ? 124 HOH A O   1 
HETATM 1485 O O   . HOH C 2 .  ? 3.093   -8.817  -19.120 1.00 16.14 ? 125 HOH A O   1 
HETATM 1486 O O   . HOH C 2 .  ? -3.698  -8.996  -23.604 1.00 29.65 ? 126 HOH A O   1 
HETATM 1487 O O   . HOH C 2 .  ? -13.001 -1.845  -9.159  1.00 36.00 ? 127 HOH A O   1 
HETATM 1488 O O   . HOH C 2 .  ? 3.123   -14.482 -10.861 1.00 27.24 ? 128 HOH A O   1 
HETATM 1489 O O   . HOH C 2 .  ? 20.403  0.136   -4.810  1.00 32.77 ? 129 HOH A O   1 
HETATM 1490 O O   . HOH C 2 .  ? -4.573  -1.207  -16.546 1.00 24.72 ? 130 HOH A O   1 
HETATM 1491 O O   . HOH C 2 .  ? -0.848  -11.115 -23.123 1.00 27.44 ? 131 HOH A O   1 
HETATM 1492 O O   . HOH C 2 .  ? -7.328  -5.253  -7.001  1.00 14.58 ? 132 HOH A O   1 
HETATM 1493 O O   . HOH C 2 .  ? -9.990  -7.743  -13.175 1.00 27.51 ? 133 HOH A O   1 
HETATM 1494 O O   . HOH C 2 .  ? -2.998  -8.605  -4.378  1.00 13.82 ? 134 HOH A O   1 
HETATM 1495 O O   . HOH C 2 .  ? 1.350   -3.914  -1.755  1.00 14.09 ? 135 HOH A O   1 
HETATM 1496 O O   . HOH C 2 .  ? 15.937  2.520   -17.698 1.00 18.63 ? 136 HOH A O   1 
HETATM 1497 O O   . HOH C 2 .  ? 8.184   -4.821  -18.822 1.00 15.46 ? 137 HOH A O   1 
HETATM 1498 O O   . HOH C 2 .  ? 11.856  -1.895  3.008   1.00 27.47 ? 138 HOH A O   1 
HETATM 1499 O O   . HOH C 2 .  ? 17.861  -0.535  -15.979 1.00 22.38 ? 139 HOH A O   1 
HETATM 1500 O O   . HOH C 2 .  ? -6.966  1.435   -11.808 1.00 19.72 ? 140 HOH A O   1 
HETATM 1501 O O   . HOH C 2 .  ? -7.750  -12.150 -17.051 1.00 21.31 ? 141 HOH A O   1 
HETATM 1502 O O   . HOH C 2 .  ? -3.442  -7.863  -8.304  1.00 16.38 ? 142 HOH A O   1 
HETATM 1503 O O   . HOH C 2 .  ? 17.272  1.471   2.693   1.00 20.83 ? 143 HOH A O   1 
HETATM 1504 O O   . HOH C 2 .  ? 7.514   -12.730 -16.384 1.00 31.92 ? 144 HOH A O   1 
HETATM 1505 O O   . HOH C 2 .  ? -6.228  -2.420  -18.317 1.00 30.04 ? 145 HOH A O   1 
HETATM 1506 O O   . HOH C 2 .  ? -0.841  -7.332  -7.644  1.00 13.91 ? 146 HOH A O   1 
HETATM 1507 O O   . HOH C 2 .  ? 15.498  -2.845  -10.281 1.00 18.44 ? 147 HOH A O   1 
HETATM 1508 O O   . HOH C 2 .  ? 0.637   9.938   -16.353 1.00 26.67 ? 148 HOH A O   1 
HETATM 1509 O O   . HOH C 2 .  ? 11.569  4.986   12.251  1.00 20.85 ? 149 HOH A O   1 
HETATM 1510 O O   . HOH C 2 .  ? 12.177  2.318   8.315   1.00 29.21 ? 150 HOH A O   1 
HETATM 1511 O O   . HOH C 2 .  ? -3.472  3.972   -7.597  1.00 24.26 ? 151 HOH A O   1 
HETATM 1512 O O   . HOH C 2 .  ? -5.143  5.703   -6.705  1.00 28.18 ? 152 HOH A O   1 
HETATM 1513 O O   . HOH C 2 .  ? -5.203  -15.615 -17.874 1.00 22.97 ? 153 HOH A O   1 
HETATM 1514 O O   . HOH C 2 .  ? 10.367  -6.276  -13.255 1.00 27.66 ? 154 HOH A O   1 
HETATM 1515 O O   . HOH C 2 .  ? 16.989  7.496   -1.646  1.00 22.99 ? 155 HOH A O   1 
HETATM 1516 O O   . HOH C 2 .  ? 8.104   2.110   7.813   1.00 18.99 ? 156 HOH A O   1 
HETATM 1517 O O   . HOH C 2 .  ? -1.399  11.520  -13.765 1.00 20.47 ? 157 HOH A O   1 
HETATM 1518 O O   . HOH C 2 .  ? 11.903  9.978   14.825  1.00 22.37 ? 158 HOH A O   1 
HETATM 1519 O O   . HOH C 2 .  ? 1.796   -7.052  -20.847 1.00 17.74 ? 159 HOH A O   1 
HETATM 1520 O O   . HOH C 2 .  ? 20.240  -1.260  -15.164 1.00 29.89 ? 160 HOH A O   1 
HETATM 1521 O O   . HOH C 2 .  ? 4.995   -0.658  4.792   1.00 24.04 ? 161 HOH A O   1 
HETATM 1522 O O   . HOH C 2 .  ? 15.766  7.634   -13.627 1.00 36.93 ? 162 HOH A O   1 
HETATM 1523 O O   . HOH C 2 .  ? -4.504  -11.435 -23.250 1.00 30.32 ? 163 HOH A O   1 
HETATM 1524 O O   . HOH C 2 .  ? -4.490  5.048   -14.216 1.00 21.87 ? 164 HOH A O   1 
HETATM 1525 O O   . HOH C 2 .  ? 18.038  -7.069  -9.086  1.00 36.42 ? 165 HOH A O   1 
HETATM 1526 O O   . HOH C 2 .  ? 0.437   10.859  -4.555  1.00 27.62 ? 166 HOH A O   1 
HETATM 1527 O O   . HOH C 2 .  ? 2.568   6.849   -19.172 1.00 30.28 ? 167 HOH A O   1 
HETATM 1528 O O   . HOH C 2 .  ? 5.573   -9.195  -5.002  1.00 30.72 ? 168 HOH A O   1 
HETATM 1529 O O   . HOH C 2 .  ? -9.546  -10.019 -7.825  1.00 33.56 ? 169 HOH A O   1 
HETATM 1530 O O   . HOH C 2 .  ? -1.238  -1.156  -25.915 1.00 36.91 ? 170 HOH A O   1 
HETATM 1531 O O   . HOH C 2 .  ? 3.599   -4.963  -21.323 1.00 23.22 ? 171 HOH A O   1 
HETATM 1532 O O   . HOH C 2 .  ? 1.611   -9.144  -1.266  1.00 24.98 ? 172 HOH A O   1 
HETATM 1533 O O   . HOH C 2 .  ? 12.927  -7.640  -14.942 1.00 34.34 ? 173 HOH A O   1 
HETATM 1534 O O   . HOH C 2 .  ? 10.320  17.671  -1.228  1.00 31.04 ? 174 HOH A O   1 
HETATM 1535 O O   . HOH C 2 .  ? -9.694  -11.423 -10.205 1.00 30.00 ? 175 HOH A O   1 
HETATM 1536 O O   . HOH C 2 .  ? -4.834  1.454   -16.344 1.00 25.51 ? 176 HOH A O   1 
HETATM 1537 O O   . HOH C 2 .  ? 10.313  5.564   15.540  1.00 33.89 ? 177 HOH A O   1 
HETATM 1538 O O   . HOH C 2 .  ? 17.234  2.419   -15.308 1.00 26.90 ? 178 HOH A O   1 
HETATM 1539 O O   . HOH C 2 .  ? 5.992   -5.069  -20.650 1.00 29.90 ? 179 HOH A O   1 
HETATM 1540 O O   . HOH C 2 .  ? 5.831   -8.514  -19.302 1.00 26.34 ? 180 HOH A O   1 
HETATM 1541 O O   . HOH C 2 .  ? -0.849  -9.518  -5.919  1.00 16.55 ? 181 HOH A O   1 
HETATM 1542 O O   . HOH C 2 .  ? 6.249   -14.709 -16.804 1.00 21.92 ? 182 HOH A O   1 
HETATM 1543 O O   . HOH C 2 .  ? 5.078   13.066  4.362   1.00 26.99 ? 183 HOH A O   1 
HETATM 1544 O O   . HOH C 2 .  ? -7.544  -15.032 -16.969 1.00 24.11 ? 184 HOH A O   1 
HETATM 1545 O O   . HOH C 2 .  ? -7.146  -11.393 -22.134 1.00 29.17 ? 185 HOH A O   1 
HETATM 1546 O O   . HOH C 2 .  ? -9.475  2.100   -10.900 1.00 30.39 ? 186 HOH A O   1 
HETATM 1547 O O   . HOH C 2 .  ? -6.168  2.811   -14.134 1.00 20.07 ? 187 HOH A O   1 
HETATM 1548 O O   . HOH C 2 .  ? 6.881   2.843   10.026  1.00 25.13 ? 188 HOH A O   1 
HETATM 1549 O O   . HOH C 2 .  ? 7.915   15.132  2.246   1.00 33.42 ? 189 HOH A O   1 
HETATM 1550 O O   . HOH C 2 .  ? 3.488   -11.147 -5.198  1.00 30.36 ? 190 HOH A O   1 
HETATM 1551 O O   . HOH D 2 .  ? 1.916   -3.753  1.050   1.00 21.03 ? 101 HOH B O   1 
HETATM 1552 O O   . HOH D 2 .  ? 3.069   15.268  10.682  1.00 27.15 ? 102 HOH B O   1 
HETATM 1553 O O   . HOH D 2 .  ? -19.299 -4.410  -2.436  1.00 32.66 ? 103 HOH B O   1 
HETATM 1554 O O   . HOH D 2 .  ? -14.128 -6.541  17.142  1.00 42.55 ? 104 HOH B O   1 
HETATM 1555 O O   . HOH D 2 .  ? -2.386  -11.365 11.955  1.00 34.75 ? 105 HOH B O   1 
HETATM 1556 O O   . HOH D 2 .  ? -5.638  13.290  9.304   1.00 23.28 ? 106 HOH B O   1 
HETATM 1557 O O   . HOH D 2 .  ? -12.170 11.394  0.693   1.00 28.79 ? 107 HOH B O   1 
HETATM 1558 O O   . HOH D 2 .  ? -1.823  -14.552 6.120   1.00 25.74 ? 108 HOH B O   1 
HETATM 1559 O O   . HOH D 2 .  ? -14.909 -9.048  4.714   1.00 34.88 ? 109 HOH B O   1 
HETATM 1560 O O   . HOH D 2 .  ? 6.961   12.555  16.702  1.00 19.58 ? 110 HOH B O   1 
HETATM 1561 O O   . HOH D 2 .  ? -21.185 -0.516  6.815   1.00 39.14 ? 111 HOH B O   1 
HETATM 1562 O O   . HOH D 2 .  ? -7.790  10.001  16.246  1.00 21.73 ? 112 HOH B O   1 
HETATM 1563 O O   . HOH D 2 .  ? 7.470   10.298  7.091   1.00 21.53 ? 113 HOH B O   1 
HETATM 1564 O O   . HOH D 2 .  ? -12.046 6.469   12.280  1.00 14.71 ? 114 HOH B O   1 
HETATM 1565 O O   . HOH D 2 .  ? -1.825  14.611  20.652  1.00 28.29 ? 115 HOH B O   1 
HETATM 1566 O O   . HOH D 2 .  ? -17.994 -3.763  10.803  1.00 33.32 ? 116 HOH B O   1 
HETATM 1567 O O   . HOH D 2 .  ? -4.636  15.995  15.742  1.00 30.90 ? 117 HOH B O   1 
HETATM 1568 O O   . HOH D 2 .  ? 3.401   16.125  7.687   1.00 25.85 ? 118 HOH B O   1 
HETATM 1569 O O   . HOH D 2 .  ? -18.805 4.786   7.096   1.00 34.26 ? 119 HOH B O   1 
HETATM 1570 O O   . HOH D 2 .  ? 5.189   16.335  17.817  1.00 23.66 ? 120 HOH B O   1 
HETATM 1571 O O   . HOH D 2 .  ? -10.533 -2.394  21.562  1.00 30.51 ? 121 HOH B O   1 
HETATM 1572 O O   . HOH D 2 .  ? -6.759  4.179   18.875  1.00 17.80 ? 122 HOH B O   1 
HETATM 1573 O O   . HOH D 2 .  ? -2.727  9.148   18.679  1.00 15.79 ? 123 HOH B O   1 
HETATM 1574 O O   . HOH D 2 .  ? -2.491  11.213  21.970  1.00 31.50 ? 124 HOH B O   1 
HETATM 1575 O O   . HOH D 2 .  ? -10.978 -3.708  -5.480  1.00 20.89 ? 125 HOH B O   1 
HETATM 1576 O O   . HOH D 2 .  ? 2.497   0.256   3.623   1.00 14.15 ? 126 HOH B O   1 
HETATM 1577 O O   . HOH D 2 .  ? 3.951   8.061   7.897   1.00 17.07 ? 127 HOH B O   1 
HETATM 1578 O O   . HOH D 2 .  ? 6.016   4.579   16.667  1.00 22.63 ? 128 HOH B O   1 
HETATM 1579 O O   . HOH D 2 .  ? -0.969  -14.585 -1.412  1.00 26.50 ? 129 HOH B O   1 
HETATM 1580 O O   . HOH D 2 .  ? 6.355   5.500   5.892   1.00 13.91 ? 130 HOH B O   1 
HETATM 1581 O O   . HOH D 2 .  ? -15.992 3.220   8.212   1.00 17.99 ? 131 HOH B O   1 
HETATM 1582 O O   . HOH D 2 .  ? -0.013  -10.717 4.058   1.00 26.84 ? 132 HOH B O   1 
HETATM 1583 O O   . HOH D 2 .  ? -19.152 2.072   7.954   1.00 31.32 ? 133 HOH B O   1 
HETATM 1584 O O   . HOH D 2 .  ? -8.014  7.164   19.175  1.00 24.78 ? 134 HOH B O   1 
HETATM 1585 O O   . HOH D 2 .  ? -6.029  -6.691  15.487  1.00 19.67 ? 135 HOH B O   1 
HETATM 1586 O O   . HOH D 2 .  ? -5.703  14.136  18.638  1.00 22.41 ? 136 HOH B O   1 
HETATM 1587 O O   . HOH D 2 .  ? -15.954 8.379   5.336   1.00 24.74 ? 137 HOH B O   1 
HETATM 1588 O O   . HOH D 2 .  ? 3.616   10.454  3.746   1.00 16.92 ? 138 HOH B O   1 
HETATM 1589 O O   . HOH D 2 .  ? -1.196  -16.464 -5.653  1.00 21.19 ? 139 HOH B O   1 
HETATM 1590 O O   . HOH D 2 .  ? -4.460  -15.631 5.467   1.00 20.84 ? 140 HOH B O   1 
HETATM 1591 O O   . HOH D 2 .  ? -4.417  12.549  3.037   1.00 24.78 ? 141 HOH B O   1 
HETATM 1592 O O   . HOH D 2 .  ? -4.693  11.164  18.149  1.00 20.94 ? 142 HOH B O   1 
HETATM 1593 O O   . HOH D 2 .  ? -11.767 -14.499 13.609  1.00 29.13 ? 143 HOH B O   1 
HETATM 1594 O O   . HOH D 2 .  ? -18.786 -10.089 1.047   1.00 31.10 ? 144 HOH B O   1 
HETATM 1595 O O   . HOH D 2 .  ? 9.086   -1.917  5.968   1.00 29.86 ? 145 HOH B O   1 
HETATM 1596 O O   . HOH D 2 .  ? 2.151   5.236   21.897  1.00 22.44 ? 146 HOH B O   1 
HETATM 1597 O O   . HOH D 2 .  ? -9.724  11.664  4.087   1.00 19.84 ? 147 HOH B O   1 
HETATM 1598 O O   . HOH D 2 .  ? -0.441  12.889  22.347  1.00 29.70 ? 148 HOH B O   1 
HETATM 1599 O O   . HOH D 2 .  ? 3.053   5.613   8.448   1.00 12.64 ? 149 HOH B O   1 
HETATM 1600 O O   . HOH D 2 .  ? 1.728   -6.534  -0.747  1.00 30.95 ? 150 HOH B O   1 
HETATM 1601 O O   . HOH D 2 .  ? -6.047  15.476  12.132  1.00 30.34 ? 151 HOH B O   1 
HETATM 1602 O O   . HOH D 2 .  ? 0.116   -11.057 -2.750  1.00 18.86 ? 152 HOH B O   1 
HETATM 1603 O O   . HOH D 2 .  ? -11.349 -13.329 4.651   1.00 28.61 ? 153 HOH B O   1 
HETATM 1604 O O   . HOH D 2 .  ? 4.338   17.074  13.939  1.00 24.21 ? 154 HOH B O   1 
HETATM 1605 O O   . HOH D 2 .  ? -4.013  -18.454 -9.929  1.00 21.18 ? 155 HOH B O   1 
HETATM 1606 O O   . HOH D 2 .  ? -15.992 2.322   -1.417  1.00 38.16 ? 156 HOH B O   1 
HETATM 1607 O O   . HOH D 2 .  ? 1.310   18.815  12.379  1.00 36.87 ? 157 HOH B O   1 
HETATM 1608 O O   . HOH D 2 .  ? 0.409   12.948  -3.501  1.00 34.31 ? 158 HOH B O   1 
HETATM 1609 O O   . HOH D 2 .  ? -10.869 1.774   -3.279  1.00 30.51 ? 159 HOH B O   1 
HETATM 1610 O O   . HOH D 2 .  ? 4.337   12.570  0.075   1.00 22.10 ? 160 HOH B O   1 
HETATM 1611 O O   . HOH D 2 .  ? 6.992   -0.199  6.735   1.00 22.91 ? 161 HOH B O   1 
HETATM 1612 O O   . HOH D 2 .  ? -17.220 6.686   8.148   1.00 31.80 ? 162 HOH B O   1 
HETATM 1613 O O   . HOH D 2 .  ? -14.451 7.708   11.842  1.00 23.32 ? 163 HOH B O   1 
HETATM 1614 O O   . HOH D 2 .  ? -0.434  5.017   21.721  1.00 30.59 ? 164 HOH B O   1 
HETATM 1615 O O   . HOH D 2 .  ? -12.199 -8.077  19.293  1.00 35.44 ? 165 HOH B O   1 
HETATM 1616 O O   . HOH D 2 .  ? -7.561  13.627  7.160   1.00 27.01 ? 166 HOH B O   1 
HETATM 1617 O O   . HOH D 2 .  ? 7.682   14.498  8.133   1.00 29.94 ? 167 HOH B O   1 
HETATM 1618 O O   . HOH D 2 .  ? -18.010 3.974   10.236  1.00 25.43 ? 168 HOH B O   1 
HETATM 1619 O O   . HOH D 2 .  ? 7.418   12.933  5.750   1.00 29.02 ? 169 HOH B O   1 
HETATM 1620 O O   . HOH D 2 .  ? -4.559  5.459   -3.430  1.00 26.87 ? 170 HOH B O   1 
HETATM 1621 O O   . HOH D 2 .  ? -6.915  9.768   18.850  1.00 23.30 ? 171 HOH B O   1 
HETATM 1622 O O   . HOH D 2 .  ? 3.984   17.513  11.644  1.00 35.83 ? 172 HOH B O   1 
HETATM 1623 O O   . HOH D 2 .  ? -4.304  7.593   20.129  1.00 27.21 ? 173 HOH B O   1 
HETATM 1624 O O   . HOH D 2 .  ? 5.748   4.648   8.511   1.00 16.35 ? 174 HOH B O   1 
HETATM 1625 O O   . HOH D 2 .  ? 0.967   -11.277 -5.107  1.00 24.04 ? 175 HOH B O   1 
HETATM 1626 O O   . HOH D 2 .  ? 5.396   14.314  1.966   1.00 28.15 ? 176 HOH B O   1 
HETATM 1627 O O   . HOH D 2 .  ? -6.994  13.119  4.357   1.00 25.22 ? 177 HOH B O   1 
HETATM 1628 O O   . HOH D 2 .  ? 5.795   0.601   11.013  1.00 30.76 ? 178 HOH B O   1 
# 
